data_5JD3
#
_entry.id   5JD3
#
_cell.length_a   66.591
_cell.length_b   129.452
_cell.length_c   129.848
_cell.angle_alpha   90.00
_cell.angle_beta   97.49
_cell.angle_gamma   90.00
#
_symmetry.space_group_name_H-M   'P 1 21 1'
#
loop_
_entity.id
_entity.type
_entity.pdbx_description
1 polymer LAE5
2 non-polymer 'CHLORIDE ION'
3 non-polymer DI(HYDROXYETHYL)ETHER
4 non-polymer 'SULFATE ION'
5 water water
#
_entity_poly.entity_id   1
_entity_poly.type   'polypeptide(L)'
_entity_poly.pdbx_seq_one_letter_code
;MGSSHHHHHHSSGRENLYFQGMYFAAGSKLVIIGDSITDAGRDKGIGGEGLFNAHGSGYVALLNAHLFARFPERRLRLVN
QGNSGNTVRDLAARWQNDVFGLKPDYVAMMIGINDVWRQFDLPLMTDRHVCPEEYEKTLDELVARTAPTVKGMILLTPYF
IEPNREDAMRARMDVYGDLMRRVAERHGCLLVDVQGAFDRYLQHYHPAQLAWDRIHPNLAGHQVIANAFLAATGCLNS
;
_entity_poly.pdbx_strand_id   A,B,C,D,E,F,G,H
#
loop_
_chem_comp.id
_chem_comp.type
_chem_comp.name
_chem_comp.formula
CL non-polymer 'CHLORIDE ION' 'Cl -1'
PEG non-polymer DI(HYDROXYETHYL)ETHER 'C4 H10 O3'
SO4 non-polymer 'SULFATE ION' 'O4 S -2'
#
# COMPACT_ATOMS: atom_id res chain seq x y z
N GLY A 21 6.89 29.62 23.49
CA GLY A 21 7.09 28.18 23.62
C GLY A 21 5.82 27.45 23.98
N MET A 22 5.25 26.76 23.01
CA MET A 22 4.03 26.03 23.22
C MET A 22 4.19 24.91 24.21
N TYR A 23 5.31 24.25 24.18
CA TYR A 23 5.60 23.12 25.05
C TYR A 23 5.73 23.58 26.49
N PHE A 24 6.25 24.80 26.66
CA PHE A 24 6.50 25.37 27.98
C PHE A 24 5.32 26.20 28.47
N ALA A 25 4.93 25.99 29.72
CA ALA A 25 3.93 26.84 30.35
C ALA A 25 4.55 28.21 30.60
N ALA A 26 3.71 29.24 30.61
CA ALA A 26 4.18 30.60 30.81
C ALA A 26 4.76 30.80 32.21
N GLY A 27 5.84 31.56 32.30
CA GLY A 27 6.46 31.86 33.57
C GLY A 27 7.23 30.70 34.17
N SER A 28 7.53 29.70 33.35
CA SER A 28 8.24 28.51 33.81
C SER A 28 9.75 28.73 33.82
N LYS A 29 10.45 27.97 34.66
CA LYS A 29 11.90 28.01 34.69
C LYS A 29 12.50 26.75 34.10
N LEU A 30 13.31 26.93 33.05
CA LEU A 30 13.97 25.82 32.39
C LEU A 30 15.46 25.77 32.74
N VAL A 31 15.89 24.64 33.29
CA VAL A 31 17.30 24.43 33.61
C VAL A 31 17.95 23.52 32.59
N ILE A 32 18.97 24.03 31.90
CA ILE A 32 19.68 23.26 30.89
C ILE A 32 21.08 22.90 31.38
N ILE A 33 21.35 21.60 31.47
CA ILE A 33 22.59 21.12 32.05
C ILE A 33 23.33 20.19 31.07
N GLY A 34 24.66 20.28 31.06
CA GLY A 34 25.47 19.46 30.18
C GLY A 34 26.94 19.81 30.21
N ASP A 35 27.63 19.54 29.10
CA ASP A 35 29.06 19.80 29.00
C ASP A 35 29.38 21.19 28.47
N SER A 36 30.51 21.32 27.78
CA SER A 36 30.97 22.62 27.28
C SER A 36 30.06 23.19 26.21
N ILE A 37 29.36 22.31 25.50
CA ILE A 37 28.42 22.74 24.47
C ILE A 37 27.27 23.50 25.13
N THR A 38 26.93 23.12 26.35
CA THR A 38 25.95 23.85 27.14
C THR A 38 26.61 25.03 27.84
N ASP A 39 27.78 24.77 28.43
CA ASP A 39 28.56 25.79 29.13
C ASP A 39 28.79 27.01 28.25
N ALA A 40 29.49 26.81 27.13
CA ALA A 40 29.74 27.85 26.15
C ALA A 40 30.45 29.07 26.73
N GLY A 41 31.25 28.86 27.77
CA GLY A 41 32.07 29.91 28.34
C GLY A 41 31.34 30.88 29.24
N ARG A 42 30.26 30.42 29.87
CA ARG A 42 29.51 31.26 30.80
C ARG A 42 30.34 31.57 32.04
N ASP A 43 29.98 32.64 32.74
CA ASP A 43 30.60 32.94 34.03
C ASP A 43 29.90 32.12 35.11
N LYS A 44 30.60 31.08 35.59
CA LYS A 44 30.01 30.15 36.54
C LYS A 44 29.77 30.77 37.91
N GLY A 45 30.38 31.93 38.15
CA GLY A 45 30.23 32.63 39.41
C GLY A 45 28.84 33.20 39.61
N ILE A 46 28.06 33.24 38.54
CA ILE A 46 26.72 33.80 38.60
C ILE A 46 25.67 32.73 38.89
N GLY A 47 25.91 31.52 38.40
CA GLY A 47 25.06 30.39 38.72
C GLY A 47 23.98 30.06 37.70
N GLY A 48 24.17 30.50 36.47
CA GLY A 48 23.23 30.18 35.40
C GLY A 48 22.26 31.29 35.08
N GLU A 49 21.85 32.04 36.09
CA GLU A 49 20.98 33.20 35.88
C GLU A 49 21.70 34.47 36.30
N GLY A 50 21.63 35.51 35.47
CA GLY A 50 22.29 36.76 35.80
C GLY A 50 22.26 37.83 34.72
N LEU A 51 23.07 38.86 34.91
CA LEU A 51 23.04 40.03 34.06
C LEU A 51 24.00 39.96 32.87
N PHE A 52 25.24 39.55 33.12
CA PHE A 52 26.25 39.55 32.06
C PHE A 52 26.98 38.21 31.92
N ASN A 53 26.87 37.62 30.73
CA ASN A 53 27.47 36.32 30.42
C ASN A 53 27.08 35.23 31.42
N ALA A 54 25.77 35.08 31.62
CA ALA A 54 25.26 34.03 32.50
C ALA A 54 24.92 32.79 31.70
N HIS A 55 24.77 32.95 30.39
CA HIS A 55 24.37 31.85 29.51
C HIS A 55 25.45 31.49 28.50
N GLY A 56 26.53 32.27 28.46
CA GLY A 56 27.60 32.02 27.51
C GLY A 56 27.29 32.55 26.13
N SER A 57 27.92 31.97 25.12
CA SER A 57 27.73 32.40 23.74
C SER A 57 27.38 31.23 22.83
N GLY A 58 26.68 30.25 23.39
CA GLY A 58 26.31 29.06 22.65
C GLY A 58 24.81 28.97 22.41
N TYR A 59 24.31 27.74 22.26
CA TYR A 59 22.91 27.53 21.89
C TYR A 59 21.96 27.91 23.02
N VAL A 60 22.42 27.77 24.27
CA VAL A 60 21.61 28.15 25.42
C VAL A 60 21.33 29.65 25.38
N ALA A 61 22.36 30.44 25.08
CA ALA A 61 22.20 31.88 24.93
C ALA A 61 21.33 32.21 23.73
N LEU A 62 21.42 31.37 22.70
CA LEU A 62 20.61 31.53 21.50
C LEU A 62 19.14 31.26 21.80
N LEU A 63 18.88 30.22 22.58
CA LEU A 63 17.53 29.88 23.01
C LEU A 63 16.93 31.02 23.82
N ASN A 64 17.71 31.54 24.75
CA ASN A 64 17.27 32.62 25.61
C ASN A 64 16.91 33.88 24.83
N ALA A 65 17.75 34.21 23.85
CA ALA A 65 17.52 35.38 23.00
C ALA A 65 16.29 35.17 22.12
N HIS A 66 16.19 33.98 21.52
CA HIS A 66 15.09 33.63 20.64
C HIS A 66 13.74 33.71 21.35
N LEU A 67 13.67 33.11 22.55
CA LEU A 67 12.44 33.04 23.30
C LEU A 67 11.99 34.42 23.80
N PHE A 68 12.96 35.26 24.17
CA PHE A 68 12.65 36.61 24.61
C PHE A 68 12.17 37.49 23.46
N ALA A 69 12.85 37.41 22.32
CA ALA A 69 12.56 38.27 21.19
C ALA A 69 11.23 37.91 20.50
N ARG A 70 10.95 36.63 20.39
CA ARG A 70 9.75 36.17 19.67
C ARG A 70 8.58 35.91 20.61
N PHE A 71 8.87 35.57 21.86
CA PHE A 71 7.80 35.34 22.83
C PHE A 71 8.04 36.09 24.14
N PRO A 72 8.04 37.44 24.09
CA PRO A 72 8.22 38.21 25.33
C PRO A 72 7.14 37.92 26.36
N GLU A 73 5.93 37.65 25.89
CA GLU A 73 4.80 37.40 26.78
C GLU A 73 4.95 36.12 27.58
N ARG A 74 5.66 35.16 27.00
CA ARG A 74 5.75 33.82 27.59
C ARG A 74 6.57 33.82 28.89
N ARG A 75 7.47 34.80 29.01
CA ARG A 75 8.25 35.02 30.24
C ARG A 75 8.96 33.77 30.74
N LEU A 76 9.80 33.19 29.88
CA LEU A 76 10.51 31.97 30.25
C LEU A 76 11.86 32.27 30.89
N ARG A 77 12.13 31.57 31.99
CA ARG A 77 13.33 31.80 32.78
C ARG A 77 14.34 30.67 32.57
N LEU A 78 15.37 30.94 31.77
CA LEU A 78 16.34 29.91 31.41
C LEU A 78 17.59 29.95 32.28
N VAL A 79 18.07 28.76 32.65
CA VAL A 79 19.26 28.63 33.48
C VAL A 79 20.30 27.74 32.82
N ASN A 80 21.53 28.24 32.72
CA ASN A 80 22.61 27.45 32.14
C ASN A 80 23.44 26.77 33.23
N GLN A 81 23.41 25.45 33.25
CA GLN A 81 24.19 24.68 34.21
C GLN A 81 25.18 23.75 33.52
N GLY A 82 25.72 24.21 32.40
CA GLY A 82 26.69 23.42 31.64
C GLY A 82 28.10 23.55 32.20
N ASN A 83 28.76 22.40 32.38
CA ASN A 83 30.14 22.36 32.84
C ASN A 83 31.04 21.63 31.85
N SER A 84 32.09 22.31 31.38
CA SER A 84 32.99 21.74 30.38
C SER A 84 33.66 20.45 30.84
N GLY A 85 33.84 19.52 29.91
CA GLY A 85 34.53 18.27 30.17
C GLY A 85 33.67 17.21 30.86
N ASN A 86 32.45 17.59 31.20
CA ASN A 86 31.57 16.71 31.98
C ASN A 86 31.08 15.48 31.22
N THR A 87 31.06 14.36 31.94
CA THR A 87 30.39 13.15 31.48
C THR A 87 29.10 13.01 32.27
N VAL A 88 28.34 11.95 32.01
CA VAL A 88 27.11 11.72 32.78
C VAL A 88 27.48 11.35 34.21
N ARG A 89 28.70 10.90 34.41
CA ARG A 89 29.24 10.59 35.73
C ARG A 89 29.38 11.87 36.55
N ASP A 90 29.86 12.92 35.90
CA ASP A 90 30.04 14.22 36.56
C ASP A 90 28.70 14.88 36.87
N LEU A 91 27.73 14.67 35.97
CA LEU A 91 26.40 15.24 36.13
C LEU A 91 25.70 14.71 37.38
N ALA A 92 25.80 13.41 37.58
CA ALA A 92 25.15 12.75 38.71
C ALA A 92 25.70 13.23 40.05
N ALA A 93 26.97 13.60 40.06
CA ALA A 93 27.64 14.01 41.29
C ALA A 93 27.16 15.39 41.76
N ARG A 94 26.70 16.22 40.84
CA ARG A 94 26.29 17.58 41.18
C ARG A 94 24.81 17.82 40.90
N TRP A 95 24.08 16.75 40.62
CA TRP A 95 22.67 16.85 40.24
C TRP A 95 21.83 17.48 41.36
N GLN A 96 22.13 17.12 42.60
CA GLN A 96 21.37 17.62 43.75
C GLN A 96 21.43 19.14 43.87
N ASN A 97 22.63 19.70 43.74
CA ASN A 97 22.82 21.15 43.90
C ASN A 97 22.53 21.94 42.64
N ASP A 98 22.78 21.35 41.48
CA ASP A 98 22.68 22.09 40.22
C ASP A 98 21.36 21.89 39.47
N VAL A 99 20.57 20.90 39.91
CA VAL A 99 19.27 20.68 39.27
C VAL A 99 18.12 20.78 40.29
N PHE A 100 18.07 19.83 41.22
CA PHE A 100 17.01 19.80 42.22
C PHE A 100 17.02 21.04 43.11
N GLY A 101 18.21 21.53 43.43
CA GLY A 101 18.37 22.67 44.31
C GLY A 101 17.92 23.99 43.71
N LEU A 102 17.49 23.95 42.45
CA LEU A 102 17.03 25.16 41.77
C LEU A 102 15.52 25.14 41.56
N LYS A 103 14.86 24.04 41.89
CA LYS A 103 13.42 23.91 41.72
C LYS A 103 12.88 24.23 40.35
N PRO A 104 13.34 23.53 39.35
CA PRO A 104 12.95 23.90 37.98
C PRO A 104 11.59 23.35 37.59
N ASP A 105 10.94 23.98 36.61
CA ASP A 105 9.70 23.48 36.06
C ASP A 105 10.00 22.52 34.92
N TYR A 106 11.09 22.80 34.22
CA TYR A 106 11.55 21.94 33.13
C TYR A 106 13.06 21.71 33.24
N VAL A 107 13.52 20.54 32.80
CA VAL A 107 14.93 20.24 32.75
C VAL A 107 15.33 19.73 31.38
N ALA A 108 16.29 20.42 30.75
CA ALA A 108 16.86 19.96 29.49
C ALA A 108 18.27 19.44 29.74
N MET A 109 18.54 18.23 29.26
CA MET A 109 19.85 17.63 29.47
C MET A 109 20.49 17.19 28.17
N MET A 110 21.76 17.57 28.00
CA MET A 110 22.54 17.14 26.85
C MET A 110 23.89 16.64 27.31
N ILE A 111 24.08 15.32 27.26
CA ILE A 111 25.30 14.70 27.75
C ILE A 111 25.62 13.44 26.96
N GLY A 112 26.91 13.12 26.85
CA GLY A 112 27.33 11.94 26.12
C GLY A 112 28.54 12.14 25.23
N ILE A 113 28.75 13.37 24.79
CA ILE A 113 29.86 13.69 23.90
C ILE A 113 31.20 13.33 24.52
N ASN A 114 31.47 13.86 25.71
CA ASN A 114 32.71 13.56 26.42
C ASN A 114 32.78 12.11 26.86
N ASP A 115 31.62 11.52 27.14
CA ASP A 115 31.53 10.11 27.48
C ASP A 115 32.07 9.25 26.35
N VAL A 116 31.78 9.68 25.12
CA VAL A 116 32.24 8.97 23.92
C VAL A 116 33.64 9.41 23.52
N TRP A 117 33.88 10.72 23.60
CA TRP A 117 35.11 11.32 23.09
C TRP A 117 36.38 10.78 23.76
N ARG A 118 36.32 10.56 25.06
CA ARG A 118 37.49 10.13 25.82
C ARG A 118 37.96 8.74 25.41
N GLN A 119 37.06 7.94 24.86
CA GLN A 119 37.40 6.59 24.41
C GLN A 119 38.24 6.63 23.15
N PHE A 120 38.38 7.81 22.56
CA PHE A 120 39.10 7.94 21.29
C PHE A 120 40.33 8.85 21.35
N ASP A 121 40.28 9.92 22.15
CA ASP A 121 41.45 10.79 22.28
C ASP A 121 42.31 10.37 23.48
N LEU A 122 41.73 9.56 24.36
CA LEU A 122 42.47 8.97 25.47
C LEU A 122 42.16 7.47 25.57
N PRO A 123 42.54 6.70 24.55
CA PRO A 123 42.14 5.29 24.44
C PRO A 123 42.76 4.38 25.49
N LEU A 124 43.88 4.81 26.07
CA LEU A 124 44.63 3.96 26.99
C LEU A 124 44.15 4.10 28.43
N MET A 125 43.53 5.23 28.74
CA MET A 125 43.02 5.46 30.09
C MET A 125 41.64 4.82 30.26
N THR A 126 41.62 3.50 30.36
CA THR A 126 40.39 2.72 30.49
C THR A 126 39.53 3.17 31.66
N ASP A 127 40.19 3.41 32.80
CA ASP A 127 39.53 3.83 34.03
C ASP A 127 38.63 5.05 33.85
N ARG A 128 38.98 5.91 32.90
CA ARG A 128 38.28 7.16 32.67
C ARG A 128 37.00 6.97 31.85
N HIS A 129 36.98 5.94 31.02
CA HIS A 129 35.91 5.75 30.05
C HIS A 129 34.55 5.40 30.67
N VAL A 130 33.49 5.99 30.11
CA VAL A 130 32.13 5.67 30.51
C VAL A 130 31.51 4.70 29.51
N CYS A 131 31.45 3.43 29.89
CA CYS A 131 30.91 2.37 29.04
C CYS A 131 29.43 2.60 28.75
N PRO A 132 28.93 2.03 27.63
CA PRO A 132 27.51 2.14 27.27
C PRO A 132 26.57 1.75 28.40
N GLU A 133 26.95 0.73 29.17
CA GLU A 133 26.13 0.26 30.28
C GLU A 133 26.01 1.30 31.39
N GLU A 134 27.14 1.89 31.78
CA GLU A 134 27.15 2.92 32.82
C GLU A 134 26.40 4.16 32.34
N TYR A 135 26.59 4.51 31.08
CA TYR A 135 25.93 5.67 30.49
C TYR A 135 24.41 5.53 30.57
N GLU A 136 23.89 4.38 30.15
CA GLU A 136 22.46 4.12 30.19
C GLU A 136 21.93 4.14 31.62
N LYS A 137 22.56 3.34 32.48
CA LYS A 137 22.13 3.20 33.87
C LYS A 137 22.09 4.54 34.59
N THR A 138 23.13 5.35 34.41
CA THR A 138 23.23 6.64 35.07
C THR A 138 22.21 7.64 34.49
N LEU A 139 22.12 7.68 33.17
CA LEU A 139 21.20 8.58 32.48
C LEU A 139 19.75 8.27 32.83
N ASP A 140 19.42 6.99 32.83
CA ASP A 140 18.08 6.53 33.18
C ASP A 140 17.75 6.86 34.63
N GLU A 141 18.71 6.74 35.52
CA GLU A 141 18.53 7.05 36.93
C GLU A 141 18.33 8.53 37.21
N LEU A 142 19.08 9.37 36.53
CA LEU A 142 18.89 10.81 36.68
C LEU A 142 17.49 11.22 36.23
N VAL A 143 17.06 10.67 35.10
CA VAL A 143 15.74 10.96 34.56
C VAL A 143 14.63 10.43 35.47
N ALA A 144 14.82 9.21 35.97
CA ALA A 144 13.84 8.58 36.84
C ALA A 144 13.58 9.39 38.11
N ARG A 145 14.62 10.06 38.61
CA ARG A 145 14.50 10.88 39.81
C ARG A 145 13.96 12.28 39.51
N THR A 146 14.10 12.71 38.26
CA THR A 146 13.77 14.08 37.89
C THR A 146 12.41 14.20 37.20
N ALA A 147 12.02 13.16 36.47
CA ALA A 147 10.76 13.16 35.72
C ALA A 147 9.51 13.49 36.56
N PRO A 148 9.37 12.92 37.77
CA PRO A 148 8.15 13.25 38.50
C PRO A 148 8.13 14.66 39.10
N THR A 149 9.30 15.23 39.34
CA THR A 149 9.37 16.52 40.04
C THR A 149 9.29 17.71 39.09
N VAL A 150 9.16 17.45 37.79
CA VAL A 150 9.08 18.53 36.81
C VAL A 150 7.86 18.40 35.90
N LYS A 151 7.49 19.50 35.25
CA LYS A 151 6.39 19.51 34.31
C LYS A 151 6.78 18.82 33.00
N GLY A 152 8.08 18.79 32.72
CA GLY A 152 8.58 18.17 31.51
C GLY A 152 10.10 18.06 31.52
N MET A 153 10.61 17.01 30.85
CA MET A 153 12.05 16.80 30.78
C MET A 153 12.48 16.57 29.33
N ILE A 154 13.47 17.33 28.89
CA ILE A 154 13.94 17.27 27.51
C ILE A 154 15.34 16.65 27.43
N LEU A 155 15.47 15.63 26.59
CA LEU A 155 16.78 14.99 26.37
C LEU A 155 17.32 15.33 25.00
N LEU A 156 18.46 16.00 24.96
CA LEU A 156 19.11 16.35 23.71
C LEU A 156 20.24 15.37 23.42
N THR A 157 20.17 14.69 22.28
CA THR A 157 21.14 13.66 21.93
C THR A 157 22.55 14.23 21.79
N PRO A 158 23.56 13.45 22.21
CA PRO A 158 24.94 13.84 21.91
C PRO A 158 25.17 13.75 20.41
N TYR A 159 26.15 14.49 19.90
CA TYR A 159 26.38 14.50 18.47
C TYR A 159 27.86 14.43 18.12
N PHE A 160 28.12 14.11 16.86
CA PHE A 160 29.45 14.20 16.28
C PHE A 160 29.29 14.79 14.88
N ILE A 161 29.90 15.95 14.65
CA ILE A 161 29.75 16.61 13.36
C ILE A 161 30.58 15.87 12.31
N GLU A 162 30.11 14.69 11.94
CA GLU A 162 30.80 13.84 10.98
C GLU A 162 29.79 12.99 10.21
N PRO A 163 29.65 13.25 8.91
CA PRO A 163 28.68 12.54 8.07
C PRO A 163 29.02 11.07 7.84
N ASN A 164 30.29 10.72 7.94
CA ASN A 164 30.70 9.33 7.76
C ASN A 164 30.14 8.44 8.87
N ARG A 165 29.14 7.63 8.52
CA ARG A 165 28.42 6.83 9.51
C ARG A 165 29.21 5.61 9.98
N GLU A 166 30.27 5.26 9.26
CA GLU A 166 31.11 4.14 9.66
C GLU A 166 32.43 4.61 10.27
N ASP A 167 32.49 5.89 10.61
CA ASP A 167 33.60 6.40 11.41
C ASP A 167 33.44 5.89 12.83
N ALA A 168 34.53 5.39 13.39
CA ALA A 168 34.51 4.72 14.70
C ALA A 168 33.85 5.55 15.79
N MET A 169 34.12 6.86 15.79
CA MET A 169 33.55 7.73 16.82
C MET A 169 32.11 8.14 16.50
N ARG A 170 31.81 8.36 15.22
CA ARG A 170 30.45 8.69 14.82
C ARG A 170 29.51 7.52 15.09
N ALA A 171 29.96 6.32 14.75
CA ALA A 171 29.17 5.11 14.99
C ALA A 171 29.00 4.86 16.48
N ARG A 172 30.04 5.18 17.24
CA ARG A 172 30.00 5.06 18.70
C ARG A 172 29.06 6.11 19.29
N MET A 173 29.10 7.31 18.73
CA MET A 173 28.24 8.39 19.17
C MET A 173 26.78 8.05 18.87
N ASP A 174 26.57 7.31 17.79
CA ASP A 174 25.23 6.84 17.43
C ASP A 174 24.71 5.83 18.44
N VAL A 175 25.63 5.05 19.02
CA VAL A 175 25.27 4.08 20.05
C VAL A 175 24.68 4.77 21.27
N TYR A 176 25.36 5.82 21.72
CA TYR A 176 24.96 6.55 22.92
C TYR A 176 23.71 7.38 22.68
N GLY A 177 23.53 7.84 21.45
CA GLY A 177 22.34 8.58 21.07
C GLY A 177 21.10 7.71 21.13
N ASP A 178 21.21 6.51 20.57
CA ASP A 178 20.12 5.55 20.57
C ASP A 178 19.75 5.14 21.99
N LEU A 179 20.75 5.12 22.85
CA LEU A 179 20.61 4.78 24.25
C LEU A 179 19.86 5.84 25.00
N MET A 180 20.09 7.06 24.62
CA MET A 180 19.36 8.19 25.21
C MET A 180 17.93 8.19 24.72
N ARG A 181 17.72 7.65 23.52
CA ARG A 181 16.38 7.57 22.94
C ARG A 181 15.49 6.61 23.72
N ARG A 182 16.03 5.45 24.07
CA ARG A 182 15.24 4.43 24.76
C ARG A 182 15.01 4.80 26.22
N VAL A 183 15.78 5.77 26.72
CA VAL A 183 15.55 6.31 28.06
C VAL A 183 14.43 7.33 28.02
N ALA A 184 14.44 8.16 26.99
CA ALA A 184 13.40 9.17 26.79
C ALA A 184 12.04 8.52 26.59
N GLU A 185 12.00 7.49 25.76
CA GLU A 185 10.77 6.76 25.48
C GLU A 185 10.24 6.09 26.75
N ARG A 186 11.16 5.60 27.57
CA ARG A 186 10.81 4.83 28.76
C ARG A 186 10.17 5.70 29.84
N HIS A 187 10.52 6.99 29.86
CA HIS A 187 10.01 7.89 30.88
C HIS A 187 9.16 9.01 30.29
N GLY A 188 8.89 8.92 28.99
CA GLY A 188 8.05 9.89 28.32
C GLY A 188 8.70 11.25 28.15
N CYS A 189 10.03 11.27 28.09
CA CYS A 189 10.77 12.50 27.90
C CYS A 189 10.70 12.96 26.45
N LEU A 190 10.83 14.27 26.25
CA LEU A 190 10.93 14.83 24.91
C LEU A 190 12.36 14.66 24.42
N LEU A 191 12.53 14.11 23.23
CA LEU A 191 13.87 13.93 22.68
C LEU A 191 14.14 14.87 21.51
N VAL A 192 15.20 15.65 21.65
CA VAL A 192 15.65 16.52 20.56
C VAL A 192 16.76 15.84 19.78
N ASP A 193 16.50 15.60 18.48
CA ASP A 193 17.47 14.95 17.62
C ASP A 193 18.45 15.98 17.06
N VAL A 194 19.44 16.34 17.88
CA VAL A 194 20.46 17.30 17.48
C VAL A 194 21.37 16.73 16.38
N GLN A 195 21.70 15.44 16.52
CA GLN A 195 22.54 14.76 15.53
C GLN A 195 21.90 14.80 14.15
N GLY A 196 20.60 14.52 14.10
CA GLY A 196 19.86 14.57 12.85
C GLY A 196 19.85 15.97 12.26
N ALA A 197 19.76 16.97 13.14
CA ALA A 197 19.78 18.36 12.71
C ALA A 197 21.10 18.70 12.03
N PHE A 198 22.19 18.22 12.60
CA PHE A 198 23.51 18.41 12.00
C PHE A 198 23.62 17.65 10.69
N ASP A 199 23.04 16.45 10.65
CA ASP A 199 23.06 15.62 9.45
C ASP A 199 22.38 16.31 8.27
N ARG A 200 21.34 17.08 8.56
CA ARG A 200 20.64 17.84 7.53
C ARG A 200 21.50 19.01 7.05
N TYR A 201 22.15 19.67 7.99
CA TYR A 201 23.04 20.79 7.67
C TYR A 201 24.22 20.31 6.81
N LEU A 202 24.76 19.15 7.16
CA LEU A 202 25.95 18.62 6.49
C LEU A 202 25.70 18.17 5.05
N GLN A 203 24.46 18.28 4.60
CA GLN A 203 24.13 18.01 3.21
C GLN A 203 24.58 19.17 2.32
N HIS A 204 24.96 20.27 2.95
CA HIS A 204 25.28 21.50 2.21
C HIS A 204 26.71 21.99 2.47
N TYR A 205 27.31 21.55 3.58
CA TYR A 205 28.66 21.97 3.91
C TYR A 205 29.49 20.87 4.56
N HIS A 206 30.81 21.00 4.46
CA HIS A 206 31.74 20.11 5.14
C HIS A 206 31.82 20.53 6.61
N PRO A 207 31.99 19.55 7.51
CA PRO A 207 32.12 19.80 8.96
C PRO A 207 33.06 20.95 9.33
N ALA A 208 34.10 21.16 8.53
CA ALA A 208 35.07 22.22 8.78
C ALA A 208 34.40 23.60 8.77
N GLN A 209 33.31 23.72 8.02
CA GLN A 209 32.58 24.98 7.94
C GLN A 209 31.90 25.30 9.27
N LEU A 210 31.66 24.27 10.08
CA LEU A 210 31.04 24.44 11.39
C LEU A 210 32.04 24.33 12.54
N ALA A 211 32.83 23.25 12.53
CA ALA A 211 33.73 22.98 13.64
C ALA A 211 34.98 22.23 13.20
N TRP A 212 36.14 22.80 13.48
CA TRP A 212 37.42 22.16 13.18
C TRP A 212 37.54 20.80 13.88
N ASP A 213 37.08 20.73 15.12
CA ASP A 213 37.17 19.49 15.89
C ASP A 213 35.88 18.68 15.84
N ARG A 214 34.95 19.11 14.99
CA ARG A 214 33.67 18.43 14.78
C ARG A 214 32.85 18.29 16.06
N ILE A 215 33.13 19.13 17.05
CA ILE A 215 32.39 19.11 18.30
C ILE A 215 31.99 20.50 18.75
N HIS A 216 32.98 21.41 18.87
CA HIS A 216 32.72 22.78 19.25
C HIS A 216 32.54 23.66 18.01
N PRO A 217 31.28 24.00 17.69
CA PRO A 217 30.98 24.70 16.44
C PRO A 217 31.02 26.21 16.58
N ASN A 218 30.94 26.92 15.46
CA ASN A 218 30.76 28.36 15.50
C ASN A 218 29.31 28.69 15.87
N LEU A 219 28.94 29.95 15.81
CA LEU A 219 27.59 30.36 16.20
C LEU A 219 26.53 29.68 15.35
N ALA A 220 26.85 29.47 14.07
CA ALA A 220 25.94 28.81 13.15
C ALA A 220 25.62 27.39 13.61
N GLY A 221 26.63 26.70 14.10
CA GLY A 221 26.46 25.34 14.60
C GLY A 221 25.59 25.31 15.84
N HIS A 222 25.77 26.29 16.72
CA HIS A 222 24.95 26.40 17.92
C HIS A 222 23.51 26.74 17.56
N GLN A 223 23.33 27.47 16.46
CA GLN A 223 22.00 27.81 15.99
C GLN A 223 21.29 26.56 15.48
N VAL A 224 22.06 25.64 14.91
CA VAL A 224 21.52 24.34 14.49
C VAL A 224 21.00 23.58 15.70
N ILE A 225 21.78 23.58 16.77
CA ILE A 225 21.38 22.93 18.01
C ILE A 225 20.15 23.61 18.60
N ALA A 226 20.16 24.93 18.63
CA ALA A 226 19.06 25.70 19.21
C ALA A 226 17.76 25.49 18.43
N ASN A 227 17.86 25.47 17.10
CA ASN A 227 16.68 25.33 16.26
C ASN A 227 16.06 23.93 16.34
N ALA A 228 16.88 22.93 16.61
CA ALA A 228 16.39 21.58 16.82
C ALA A 228 15.56 21.53 18.09
N PHE A 229 16.05 22.21 19.12
CA PHE A 229 15.37 22.31 20.40
C PHE A 229 14.03 23.03 20.26
N LEU A 230 14.07 24.18 19.60
CA LEU A 230 12.87 25.00 19.41
C LEU A 230 11.80 24.29 18.61
N ALA A 231 12.22 23.59 17.55
CA ALA A 231 11.29 22.86 16.69
C ALA A 231 10.63 21.73 17.47
N ALA A 232 11.40 21.03 18.28
CA ALA A 232 10.90 19.92 19.09
C ALA A 232 9.92 20.41 20.16
N THR A 233 10.11 21.65 20.60
CA THR A 233 9.24 22.24 21.61
C THR A 233 8.22 23.16 20.96
N GLY A 234 8.16 23.14 19.64
CA GLY A 234 7.14 23.85 18.89
C GLY A 234 7.13 25.37 19.00
N CYS A 235 8.32 25.97 19.06
CA CYS A 235 8.43 27.42 19.06
C CYS A 235 9.58 27.89 18.16
N LEU A 236 9.82 27.16 17.08
CA LEU A 236 10.84 27.54 16.12
C LEU A 236 10.45 28.81 15.36
N ASN A 237 9.21 28.83 14.87
CA ASN A 237 8.71 29.99 14.14
C ASN A 237 7.73 30.81 14.96
N SER A 238 7.45 32.03 14.50
CA SER A 238 6.53 32.93 15.20
C SER A 238 5.89 33.91 14.22
N GLY B 21 -3.15 15.05 7.21
CA GLY B 21 -3.64 15.33 5.87
C GLY B 21 -3.13 14.33 4.85
N MET B 22 -4.01 13.84 3.99
CA MET B 22 -3.64 12.79 3.05
C MET B 22 -2.75 13.29 1.93
N TYR B 23 -1.66 12.56 1.71
CA TYR B 23 -0.64 12.89 0.73
C TYR B 23 -1.11 12.60 -0.70
N PHE B 24 -1.86 11.53 -0.85
CA PHE B 24 -2.28 11.06 -2.17
C PHE B 24 -3.60 11.67 -2.62
N ALA B 25 -3.62 12.25 -3.82
CA ALA B 25 -4.84 12.73 -4.42
C ALA B 25 -5.76 11.54 -4.72
N ALA B 26 -7.05 11.74 -4.59
CA ALA B 26 -8.02 10.65 -4.78
C ALA B 26 -7.98 10.12 -6.22
N GLY B 27 -8.16 8.81 -6.34
CA GLY B 27 -8.20 8.17 -7.65
C GLY B 27 -6.87 8.08 -8.36
N SER B 28 -5.78 8.22 -7.60
CA SER B 28 -4.45 8.24 -8.18
C SER B 28 -3.80 6.86 -8.23
N LYS B 29 -2.77 6.72 -9.06
CA LYS B 29 -2.02 5.48 -9.17
C LYS B 29 -0.64 5.60 -8.51
N LEU B 30 -0.36 4.67 -7.60
CA LEU B 30 0.92 4.65 -6.91
C LEU B 30 1.72 3.41 -7.30
N VAL B 31 2.91 3.62 -7.87
CA VAL B 31 3.79 2.52 -8.22
C VAL B 31 4.93 2.39 -7.21
N ILE B 32 4.97 1.25 -6.52
CA ILE B 32 6.03 0.98 -5.56
C ILE B 32 7.04 0.02 -6.18
N ILE B 33 8.30 0.44 -6.22
CA ILE B 33 9.35 -0.37 -6.82
C ILE B 33 10.51 -0.57 -5.84
N GLY B 34 11.05 -1.79 -5.82
CA GLY B 34 12.14 -2.12 -4.93
C GLY B 34 12.64 -3.54 -5.06
N ASP B 35 13.04 -4.12 -3.93
CA ASP B 35 13.58 -5.47 -3.92
C ASP B 35 12.59 -6.49 -3.37
N SER B 36 13.10 -7.52 -2.70
CA SER B 36 12.26 -8.61 -2.20
C SER B 36 11.28 -8.16 -1.12
N ILE B 37 11.68 -7.13 -0.36
CA ILE B 37 10.81 -6.58 0.68
C ILE B 37 9.59 -5.94 0.02
N THR B 38 9.81 -5.36 -1.16
CA THR B 38 8.73 -4.81 -1.97
C THR B 38 8.04 -5.93 -2.74
N ASP B 39 8.83 -6.86 -3.25
CA ASP B 39 8.33 -8.02 -3.99
C ASP B 39 7.36 -8.83 -3.14
N ALA B 40 7.86 -9.34 -2.02
CA ALA B 40 7.07 -10.10 -1.06
C ALA B 40 6.35 -11.29 -1.69
N GLY B 41 6.98 -11.90 -2.69
CA GLY B 41 6.46 -13.10 -3.30
C GLY B 41 5.21 -12.91 -4.16
N ARG B 42 5.15 -11.79 -4.87
CA ARG B 42 4.02 -11.51 -5.75
C ARG B 42 4.08 -12.37 -7.01
N ASP B 43 2.95 -12.47 -7.71
CA ASP B 43 2.91 -13.12 -9.01
C ASP B 43 3.30 -12.12 -10.09
N LYS B 44 4.55 -12.21 -10.55
CA LYS B 44 5.11 -11.23 -11.47
C LYS B 44 4.45 -11.23 -12.85
N GLY B 45 3.83 -12.35 -13.21
CA GLY B 45 3.19 -12.47 -14.50
C GLY B 45 1.92 -11.62 -14.62
N ILE B 46 1.54 -10.99 -13.52
CA ILE B 46 0.35 -10.16 -13.49
C ILE B 46 0.71 -8.69 -13.72
N GLY B 47 1.86 -8.27 -13.19
CA GLY B 47 2.37 -6.95 -13.47
C GLY B 47 2.15 -5.92 -12.38
N GLY B 48 1.94 -6.38 -11.15
CA GLY B 48 1.82 -5.49 -10.02
C GLY B 48 0.40 -5.20 -9.58
N GLU B 49 -0.55 -5.38 -10.47
CA GLU B 49 -1.96 -5.16 -10.15
C GLU B 49 -2.84 -6.18 -10.85
N GLY B 50 -3.75 -6.79 -10.11
CA GLY B 50 -4.60 -7.84 -10.64
C GLY B 50 -5.50 -8.47 -9.59
N LEU B 51 -5.79 -9.75 -9.79
CA LEU B 51 -6.79 -10.43 -8.96
C LEU B 51 -6.18 -11.38 -7.93
N PHE B 52 -5.28 -12.26 -8.36
CA PHE B 52 -4.63 -13.19 -7.45
C PHE B 52 -3.22 -12.74 -7.09
N ASN B 53 -2.96 -12.55 -5.80
CA ASN B 53 -1.61 -12.28 -5.29
C ASN B 53 -0.85 -11.27 -6.14
N ALA B 54 -1.47 -10.13 -6.40
CA ALA B 54 -0.84 -9.11 -7.24
C ALA B 54 0.21 -8.33 -6.49
N HIS B 55 0.04 -8.25 -5.16
CA HIS B 55 0.88 -7.39 -4.34
C HIS B 55 1.81 -8.18 -3.41
N GLY B 56 1.67 -9.49 -3.39
CA GLY B 56 2.46 -10.32 -2.50
C GLY B 56 1.87 -10.32 -1.10
N SER B 57 2.72 -10.59 -0.10
CA SER B 57 2.26 -10.67 1.28
C SER B 57 3.15 -9.85 2.21
N GLY B 58 3.56 -8.67 1.76
CA GLY B 58 4.40 -7.79 2.55
C GLY B 58 3.77 -6.44 2.77
N TYR B 59 4.61 -5.42 2.96
CA TYR B 59 4.12 -4.09 3.33
C TYR B 59 3.31 -3.45 2.20
N VAL B 60 3.63 -3.80 0.96
CA VAL B 60 2.87 -3.28 -0.18
C VAL B 60 1.43 -3.78 -0.11
N ALA B 61 1.28 -5.06 0.20
CA ALA B 61 -0.05 -5.64 0.38
C ALA B 61 -0.75 -5.04 1.60
N LEU B 62 0.04 -4.73 2.62
CA LEU B 62 -0.50 -4.14 3.84
C LEU B 62 -0.99 -2.71 3.59
N LEU B 63 -0.24 -1.96 2.79
CA LEU B 63 -0.65 -0.61 2.41
C LEU B 63 -1.96 -0.65 1.63
N ASN B 64 -2.01 -1.52 0.63
CA ASN B 64 -3.19 -1.68 -0.22
C ASN B 64 -4.43 -2.01 0.60
N ALA B 65 -4.28 -2.96 1.52
CA ALA B 65 -5.37 -3.37 2.40
C ALA B 65 -5.78 -2.23 3.33
N HIS B 66 -4.77 -1.57 3.89
CA HIS B 66 -4.99 -0.46 4.83
C HIS B 66 -5.76 0.68 4.18
N LEU B 67 -5.32 1.08 2.98
CA LEU B 67 -5.93 2.20 2.28
C LEU B 67 -7.35 1.90 1.81
N PHE B 68 -7.60 0.66 1.40
CA PHE B 68 -8.94 0.27 0.96
C PHE B 68 -9.92 0.21 2.12
N ALA B 69 -9.51 -0.45 3.20
CA ALA B 69 -10.40 -0.66 4.35
C ALA B 69 -10.70 0.64 5.09
N ARG B 70 -9.70 1.51 5.19
CA ARG B 70 -9.86 2.76 5.94
C ARG B 70 -10.29 3.93 5.06
N PHE B 71 -9.86 3.92 3.79
CA PHE B 71 -10.20 5.00 2.87
C PHE B 71 -10.73 4.49 1.54
N PRO B 72 -11.86 3.78 1.55
CA PRO B 72 -12.40 3.21 0.31
C PRO B 72 -12.83 4.28 -0.70
N GLU B 73 -13.17 5.47 -0.20
CA GLU B 73 -13.62 6.55 -1.06
C GLU B 73 -12.47 7.23 -1.79
N ARG B 74 -11.25 6.92 -1.38
CA ARG B 74 -10.07 7.57 -1.97
C ARG B 74 -9.69 6.92 -3.29
N ARG B 75 -10.07 5.65 -3.46
CA ARG B 75 -9.91 4.92 -4.72
C ARG B 75 -8.48 4.93 -5.25
N LEU B 76 -7.53 4.57 -4.39
CA LEU B 76 -6.12 4.53 -4.77
C LEU B 76 -5.72 3.16 -5.30
N ARG B 77 -5.11 3.13 -6.47
CA ARG B 77 -4.62 1.87 -7.04
C ARG B 77 -3.11 1.76 -6.86
N LEU B 78 -2.69 0.69 -6.19
CA LEU B 78 -1.28 0.46 -5.94
C LEU B 78 -0.74 -0.60 -6.88
N VAL B 79 0.47 -0.38 -7.38
CA VAL B 79 1.12 -1.34 -8.28
C VAL B 79 2.44 -1.79 -7.68
N ASN B 80 2.59 -3.10 -7.50
CA ASN B 80 3.80 -3.66 -6.91
C ASN B 80 4.81 -4.03 -7.99
N GLN B 81 5.93 -3.32 -8.01
CA GLN B 81 6.98 -3.58 -9.00
C GLN B 81 8.29 -4.01 -8.34
N GLY B 82 8.17 -4.76 -7.24
CA GLY B 82 9.34 -5.24 -6.54
C GLY B 82 9.90 -6.51 -7.14
N ASN B 83 11.20 -6.51 -7.41
CA ASN B 83 11.90 -7.69 -7.89
C ASN B 83 13.00 -8.10 -6.92
N SER B 84 12.96 -9.34 -6.47
CA SER B 84 13.89 -9.84 -5.46
C SER B 84 15.35 -9.78 -5.91
N GLY B 85 16.24 -9.38 -5.00
CA GLY B 85 17.67 -9.36 -5.26
C GLY B 85 18.15 -8.11 -5.97
N ASN B 86 17.23 -7.23 -6.32
CA ASN B 86 17.57 -6.03 -7.08
C ASN B 86 18.41 -5.01 -6.30
N THR B 87 19.39 -4.45 -6.99
CA THR B 87 20.10 -3.28 -6.49
C THR B 87 19.59 -2.07 -7.27
N VAL B 88 20.11 -0.88 -6.95
CA VAL B 88 19.68 0.32 -7.65
C VAL B 88 20.10 0.25 -9.12
N ARG B 89 21.09 -0.59 -9.40
CA ARG B 89 21.56 -0.83 -10.76
C ARG B 89 20.52 -1.57 -11.59
N ASP B 90 19.85 -2.54 -10.96
CA ASP B 90 18.80 -3.30 -11.63
C ASP B 90 17.56 -2.46 -11.89
N LEU B 91 17.29 -1.54 -10.97
CA LEU B 91 16.13 -0.66 -11.08
C LEU B 91 16.25 0.30 -12.27
N ALA B 92 17.48 0.74 -12.53
CA ALA B 92 17.73 1.67 -13.62
C ALA B 92 17.62 0.96 -14.98
N ALA B 93 17.72 -0.36 -14.96
CA ALA B 93 17.65 -1.16 -16.18
C ALA B 93 16.22 -1.47 -16.58
N ARG B 94 15.29 -1.34 -15.64
CA ARG B 94 13.89 -1.65 -15.90
C ARG B 94 12.97 -0.49 -15.56
N TRP B 95 13.57 0.67 -15.27
CA TRP B 95 12.81 1.84 -14.84
C TRP B 95 11.83 2.32 -15.91
N GLN B 96 12.25 2.25 -17.16
CA GLN B 96 11.44 2.73 -18.28
C GLN B 96 10.13 1.95 -18.42
N ASN B 97 10.21 0.63 -18.32
CA ASN B 97 9.05 -0.23 -18.51
C ASN B 97 8.22 -0.42 -17.24
N ASP B 98 8.91 -0.46 -16.09
CA ASP B 98 8.26 -0.82 -14.83
C ASP B 98 7.77 0.39 -14.04
N VAL B 99 8.17 1.59 -14.45
CA VAL B 99 7.72 2.81 -13.77
C VAL B 99 7.01 3.76 -14.72
N PHE B 100 7.74 4.25 -15.72
CA PHE B 100 7.20 5.24 -16.64
C PHE B 100 6.10 4.70 -17.53
N GLY B 101 6.23 3.43 -17.93
CA GLY B 101 5.27 2.81 -18.82
C GLY B 101 3.91 2.55 -18.19
N LEU B 102 3.80 2.87 -16.90
CA LEU B 102 2.56 2.61 -16.18
C LEU B 102 1.81 3.91 -15.85
N LYS B 103 2.34 5.03 -16.33
CA LYS B 103 1.76 6.35 -16.10
C LYS B 103 1.40 6.60 -14.63
N PRO B 104 2.40 6.52 -13.73
CA PRO B 104 2.10 6.65 -12.30
C PRO B 104 1.83 8.09 -11.88
N ASP B 105 0.97 8.27 -10.88
CA ASP B 105 0.74 9.58 -10.30
C ASP B 105 1.68 9.77 -9.12
N TYR B 106 2.05 8.65 -8.49
CA TYR B 106 3.00 8.65 -7.39
C TYR B 106 3.96 7.47 -7.52
N VAL B 107 5.21 7.68 -7.11
CA VAL B 107 6.20 6.61 -7.14
C VAL B 107 6.87 6.46 -5.78
N ALA B 108 6.84 5.23 -5.25
CA ALA B 108 7.52 4.92 -4.00
C ALA B 108 8.69 3.99 -4.29
N MET B 109 9.79 4.20 -3.59
CA MET B 109 11.03 3.48 -3.88
C MET B 109 11.81 3.09 -2.63
N MET B 110 11.99 1.79 -2.44
CA MET B 110 12.88 1.29 -1.40
C MET B 110 13.97 0.43 -2.02
N ILE B 111 15.20 0.89 -1.93
CA ILE B 111 16.33 0.19 -2.54
C ILE B 111 17.61 0.52 -1.78
N GLY B 112 18.54 -0.42 -1.76
CA GLY B 112 19.81 -0.20 -1.08
C GLY B 112 20.24 -1.34 -0.17
N ILE B 113 19.28 -2.15 0.25
CA ILE B 113 19.56 -3.28 1.13
C ILE B 113 20.54 -4.25 0.48
N ASN B 114 20.19 -4.72 -0.72
CA ASN B 114 21.07 -5.62 -1.46
C ASN B 114 22.38 -4.96 -1.87
N ASP B 115 22.31 -3.66 -2.16
CA ASP B 115 23.48 -2.87 -2.51
C ASP B 115 24.52 -2.95 -1.40
N VAL B 116 24.04 -2.91 -0.16
CA VAL B 116 24.91 -3.00 1.01
C VAL B 116 25.21 -4.45 1.37
N TRP B 117 24.17 -5.29 1.32
CA TRP B 117 24.28 -6.68 1.79
C TRP B 117 25.33 -7.49 1.03
N ARG B 118 25.39 -7.31 -0.29
CA ARG B 118 26.32 -8.07 -1.12
C ARG B 118 27.78 -7.82 -0.74
N GLN B 119 28.04 -6.63 -0.20
CA GLN B 119 29.40 -6.28 0.23
C GLN B 119 29.80 -7.09 1.46
N PHE B 120 28.83 -7.72 2.10
CA PHE B 120 29.10 -8.45 3.33
C PHE B 120 28.91 -9.97 3.23
N ASP B 121 27.95 -10.42 2.43
CA ASP B 121 27.79 -11.87 2.26
C ASP B 121 28.55 -12.37 1.03
N LEU B 122 28.95 -11.44 0.18
CA LEU B 122 29.84 -11.75 -0.96
C LEU B 122 30.97 -10.73 -1.06
N PRO B 123 31.85 -10.69 -0.05
CA PRO B 123 32.88 -9.65 0.03
C PRO B 123 33.93 -9.71 -1.09
N LEU B 124 34.27 -10.91 -1.52
CA LEU B 124 35.36 -11.10 -2.48
C LEU B 124 34.94 -10.74 -3.90
N MET B 125 33.63 -10.73 -4.15
CA MET B 125 33.12 -10.45 -5.48
C MET B 125 32.86 -8.96 -5.66
N THR B 126 33.96 -8.21 -5.77
CA THR B 126 33.92 -6.74 -5.86
C THR B 126 33.12 -6.24 -7.06
N ASP B 127 33.21 -6.96 -8.17
CA ASP B 127 32.54 -6.58 -9.42
C ASP B 127 31.04 -6.33 -9.25
N ARG B 128 30.41 -7.11 -8.39
CA ARG B 128 28.95 -7.03 -8.22
C ARG B 128 28.54 -6.01 -7.15
N HIS B 129 29.51 -5.32 -6.57
CA HIS B 129 29.22 -4.38 -5.50
C HIS B 129 28.76 -3.01 -6.03
N VAL B 130 27.78 -2.44 -5.36
CA VAL B 130 27.34 -1.08 -5.64
C VAL B 130 27.81 -0.15 -4.55
N CYS B 131 28.98 0.46 -4.75
CA CYS B 131 29.59 1.35 -3.78
C CYS B 131 28.81 2.66 -3.66
N PRO B 132 29.02 3.41 -2.55
CA PRO B 132 28.27 4.65 -2.29
C PRO B 132 28.17 5.63 -3.46
N GLU B 133 29.26 5.86 -4.18
CA GLU B 133 29.26 6.81 -5.29
C GLU B 133 28.26 6.41 -6.37
N GLU B 134 28.28 5.13 -6.73
CA GLU B 134 27.38 4.62 -7.77
C GLU B 134 25.93 4.62 -7.30
N TYR B 135 25.72 4.17 -6.06
CA TYR B 135 24.39 4.17 -5.46
C TYR B 135 23.82 5.58 -5.44
N GLU B 136 24.64 6.53 -5.03
CA GLU B 136 24.30 7.94 -4.95
C GLU B 136 23.89 8.51 -6.32
N LYS B 137 24.72 8.27 -7.31
CA LYS B 137 24.51 8.79 -8.66
C LYS B 137 23.28 8.19 -9.32
N THR B 138 23.17 6.86 -9.27
CA THR B 138 22.06 6.16 -9.92
C THR B 138 20.73 6.54 -9.28
N LEU B 139 20.71 6.64 -7.95
CA LEU B 139 19.51 7.00 -7.22
C LEU B 139 19.07 8.42 -7.57
N ASP B 140 20.03 9.35 -7.55
CA ASP B 140 19.75 10.75 -7.85
C ASP B 140 19.25 10.93 -9.27
N GLU B 141 19.81 10.16 -10.20
CA GLU B 141 19.46 10.27 -11.61
C GLU B 141 18.05 9.72 -11.89
N LEU B 142 17.68 8.66 -11.18
CA LEU B 142 16.33 8.11 -11.31
C LEU B 142 15.29 9.03 -10.69
N VAL B 143 15.68 9.69 -9.60
CA VAL B 143 14.78 10.62 -8.90
C VAL B 143 14.66 11.94 -9.65
N ALA B 144 15.76 12.41 -10.22
CA ALA B 144 15.76 13.66 -10.98
C ALA B 144 14.89 13.55 -12.23
N ARG B 145 14.72 12.33 -12.73
CA ARG B 145 13.94 12.09 -13.94
C ARG B 145 12.47 11.86 -13.62
N THR B 146 12.19 11.44 -12.40
CA THR B 146 10.84 11.01 -12.03
C THR B 146 10.07 12.03 -11.20
N ALA B 147 10.73 12.63 -10.22
CA ALA B 147 10.08 13.51 -9.26
C ALA B 147 9.28 14.67 -9.87
N PRO B 148 9.84 15.36 -10.89
CA PRO B 148 9.03 16.45 -11.44
C PRO B 148 7.88 15.98 -12.32
N THR B 149 7.89 14.70 -12.69
CA THR B 149 6.88 14.15 -13.60
C THR B 149 5.61 13.75 -12.85
N VAL B 150 5.77 13.27 -11.63
CA VAL B 150 4.64 12.78 -10.83
C VAL B 150 4.16 13.81 -9.82
N LYS B 151 3.00 13.53 -9.21
CA LYS B 151 2.45 14.40 -8.18
C LYS B 151 3.33 14.39 -6.94
N GLY B 152 3.90 13.23 -6.64
CA GLY B 152 4.77 13.08 -5.49
C GLY B 152 5.64 11.84 -5.59
N MET B 153 6.83 11.90 -5.01
CA MET B 153 7.74 10.77 -5.02
C MET B 153 8.23 10.46 -3.61
N ILE B 154 8.13 9.18 -3.24
CA ILE B 154 8.43 8.77 -1.87
C ILE B 154 9.64 7.84 -1.81
N LEU B 155 10.67 8.27 -1.08
CA LEU B 155 11.85 7.44 -0.90
C LEU B 155 11.84 6.76 0.46
N LEU B 156 11.81 5.43 0.45
CA LEU B 156 11.84 4.66 1.69
C LEU B 156 13.26 4.18 1.97
N THR B 157 13.78 4.54 3.13
CA THR B 157 15.15 4.20 3.50
C THR B 157 15.37 2.69 3.55
N PRO B 158 16.51 2.23 3.02
CA PRO B 158 16.91 0.84 3.24
C PRO B 158 17.16 0.62 4.72
N TYR B 159 17.06 -0.61 5.19
CA TYR B 159 17.18 -0.85 6.62
C TYR B 159 17.98 -2.10 6.94
N PHE B 160 18.36 -2.20 8.21
CA PHE B 160 19.01 -3.38 8.75
C PHE B 160 18.52 -3.56 10.18
N ILE B 161 17.68 -4.57 10.39
CA ILE B 161 17.09 -4.80 11.71
C ILE B 161 18.17 -5.22 12.70
N GLU B 162 18.91 -4.23 13.19
CA GLU B 162 20.03 -4.46 14.08
C GLU B 162 20.33 -3.19 14.88
N PRO B 163 20.20 -3.27 16.21
CA PRO B 163 20.40 -2.12 17.10
C PRO B 163 21.86 -1.70 17.25
N ASN B 164 22.81 -2.61 17.02
CA ASN B 164 24.22 -2.27 17.16
C ASN B 164 24.67 -1.30 16.07
N ARG B 165 24.86 -0.04 16.46
CA ARG B 165 25.23 1.01 15.52
C ARG B 165 26.71 0.91 15.11
N GLU B 166 27.44 0.00 15.75
CA GLU B 166 28.85 -0.20 15.44
C GLU B 166 29.06 -1.47 14.63
N ASP B 167 27.99 -2.22 14.38
CA ASP B 167 28.06 -3.35 13.48
C ASP B 167 28.40 -2.85 12.08
N ALA B 168 29.34 -3.52 11.42
CA ALA B 168 29.86 -3.08 10.14
C ALA B 168 28.78 -2.89 9.08
N MET B 169 27.81 -3.80 9.06
CA MET B 169 26.74 -3.74 8.07
C MET B 169 25.73 -2.63 8.41
N ARG B 170 25.37 -2.52 9.68
CA ARG B 170 24.44 -1.49 10.12
C ARG B 170 24.99 -0.09 9.84
N ALA B 171 26.28 0.10 10.11
CA ALA B 171 26.94 1.37 9.87
C ALA B 171 26.95 1.69 8.38
N ARG B 172 27.24 0.69 7.56
CA ARG B 172 27.25 0.85 6.11
C ARG B 172 25.84 1.13 5.60
N MET B 173 24.85 0.49 6.21
CA MET B 173 23.46 0.71 5.83
C MET B 173 23.03 2.13 6.16
N ASP B 174 23.60 2.67 7.23
CA ASP B 174 23.33 4.06 7.63
C ASP B 174 23.90 5.02 6.58
N VAL B 175 25.08 4.68 6.05
CA VAL B 175 25.71 5.49 5.01
C VAL B 175 24.80 5.62 3.80
N TYR B 176 24.25 4.49 3.36
CA TYR B 176 23.38 4.47 2.18
C TYR B 176 22.03 5.13 2.49
N GLY B 177 21.52 4.91 3.69
CA GLY B 177 20.29 5.53 4.13
C GLY B 177 20.41 7.03 4.10
N ASP B 178 21.55 7.55 4.56
CA ASP B 178 21.82 8.98 4.53
C ASP B 178 21.97 9.47 3.10
N LEU B 179 22.57 8.64 2.26
CA LEU B 179 22.72 8.98 0.84
C LEU B 179 21.36 9.18 0.18
N MET B 180 20.39 8.36 0.57
CA MET B 180 19.04 8.50 0.05
C MET B 180 18.39 9.77 0.57
N ARG B 181 18.68 10.10 1.84
CA ARG B 181 18.13 11.31 2.45
C ARG B 181 18.55 12.57 1.72
N ARG B 182 19.77 12.55 1.25
CA ARG B 182 20.31 13.65 0.50
C ARG B 182 19.59 13.86 -0.79
N VAL B 183 19.39 12.76 -1.50
CA VAL B 183 18.67 12.77 -2.77
C VAL B 183 17.22 13.24 -2.57
N ALA B 184 16.64 12.83 -1.45
CA ALA B 184 15.25 13.18 -1.14
C ALA B 184 15.07 14.68 -0.88
N GLU B 185 15.86 15.21 0.04
CA GLU B 185 15.79 16.63 0.41
C GLU B 185 16.10 17.54 -0.78
N ARG B 186 16.91 17.04 -1.69
CA ARG B 186 17.44 17.85 -2.79
C ARG B 186 16.51 17.88 -4.01
N HIS B 187 15.64 16.87 -4.13
CA HIS B 187 14.66 16.85 -5.21
C HIS B 187 13.24 17.01 -4.68
N GLY B 188 13.12 17.28 -3.39
CA GLY B 188 11.82 17.51 -2.78
C GLY B 188 10.96 16.28 -2.65
N CYS B 189 11.59 15.15 -2.36
CA CYS B 189 10.86 13.90 -2.16
C CYS B 189 10.45 13.72 -0.71
N LEU B 190 9.37 13.00 -0.49
CA LEU B 190 8.97 12.64 0.86
C LEU B 190 9.82 11.47 1.33
N LEU B 191 10.38 11.57 2.53
CA LEU B 191 11.26 10.53 3.04
C LEU B 191 10.63 9.72 4.16
N VAL B 192 10.58 8.41 3.96
CA VAL B 192 10.07 7.50 4.99
C VAL B 192 11.24 6.83 5.71
N ASP B 193 11.46 7.23 6.95
CA ASP B 193 12.53 6.66 7.77
C ASP B 193 12.13 5.29 8.29
N VAL B 194 12.27 4.28 7.45
CA VAL B 194 11.92 2.91 7.82
C VAL B 194 12.87 2.39 8.88
N GLN B 195 14.14 2.74 8.76
CA GLN B 195 15.16 2.33 9.71
C GLN B 195 14.84 2.82 11.13
N GLY B 196 14.33 4.04 11.22
CA GLY B 196 13.94 4.61 12.49
C GLY B 196 12.73 3.92 13.09
N ALA B 197 11.82 3.50 12.23
CA ALA B 197 10.63 2.78 12.66
C ALA B 197 11.01 1.45 13.30
N PHE B 198 11.98 0.78 12.69
CA PHE B 198 12.49 -0.48 13.24
C PHE B 198 13.25 -0.24 14.54
N ASP B 199 14.00 0.86 14.60
CA ASP B 199 14.77 1.19 15.80
C ASP B 199 13.87 1.41 17.02
N ARG B 200 12.71 2.04 16.80
CA ARG B 200 11.76 2.25 17.88
C ARG B 200 11.17 0.92 18.32
N TYR B 201 11.02 0.00 17.38
CA TYR B 201 10.50 -1.33 17.67
C TYR B 201 11.51 -2.15 18.46
N LEU B 202 12.78 -2.00 18.12
CA LEU B 202 13.85 -2.80 18.73
C LEU B 202 14.10 -2.41 20.18
N GLN B 203 13.41 -1.38 20.66
CA GLN B 203 13.49 -0.99 22.06
C GLN B 203 12.75 -1.99 22.93
N HIS B 204 11.89 -2.79 22.31
CA HIS B 204 11.04 -3.71 23.05
C HIS B 204 11.32 -5.18 22.73
N TYR B 205 11.95 -5.44 21.59
CA TYR B 205 12.26 -6.82 21.20
C TYR B 205 13.62 -6.95 20.53
N HIS B 206 14.11 -8.18 20.50
CA HIS B 206 15.33 -8.53 19.77
C HIS B 206 14.96 -8.79 18.31
N PRO B 207 15.88 -8.47 17.37
CA PRO B 207 15.69 -8.70 15.94
C PRO B 207 15.11 -10.08 15.59
N ALA B 208 15.45 -11.10 16.39
CA ALA B 208 14.97 -12.45 16.16
C ALA B 208 13.45 -12.54 16.21
N GLN B 209 12.83 -11.63 16.97
CA GLN B 209 11.38 -11.55 17.04
C GLN B 209 10.79 -11.15 15.68
N LEU B 210 11.52 -10.31 14.94
CA LEU B 210 11.07 -9.85 13.64
C LEU B 210 11.65 -10.67 12.49
N ALA B 211 12.98 -10.75 12.43
CA ALA B 211 13.66 -11.35 11.29
C ALA B 211 14.92 -12.10 11.69
N TRP B 212 14.99 -13.37 11.32
CA TRP B 212 16.16 -14.18 11.59
C TRP B 212 17.39 -13.65 10.84
N ASP B 213 17.21 -13.22 9.60
CA ASP B 213 18.32 -12.70 8.81
C ASP B 213 18.45 -11.19 8.91
N ARG B 214 17.67 -10.60 9.82
CA ARG B 214 17.69 -9.16 10.09
C ARG B 214 17.34 -8.30 8.87
N ILE B 215 16.72 -8.90 7.87
CA ILE B 215 16.29 -8.17 6.68
C ILE B 215 14.86 -8.53 6.29
N HIS B 216 14.60 -9.83 6.08
CA HIS B 216 13.27 -10.29 5.70
C HIS B 216 12.44 -10.61 6.93
N PRO B 217 11.48 -9.72 7.25
CA PRO B 217 10.70 -9.82 8.48
C PRO B 217 9.44 -10.66 8.32
N ASN B 218 8.74 -10.89 9.43
CA ASN B 218 7.41 -11.49 9.38
C ASN B 218 6.40 -10.40 9.01
N LEU B 219 5.11 -10.72 9.15
CA LEU B 219 4.07 -9.75 8.81
C LEU B 219 4.15 -8.52 9.71
N ALA B 220 4.50 -8.76 10.98
CA ALA B 220 4.66 -7.68 11.95
C ALA B 220 5.72 -6.69 11.51
N GLY B 221 6.84 -7.20 11.01
CA GLY B 221 7.92 -6.36 10.52
C GLY B 221 7.50 -5.55 9.31
N HIS B 222 6.71 -6.17 8.44
CA HIS B 222 6.17 -5.48 7.27
C HIS B 222 5.17 -4.41 7.70
N GLN B 223 4.49 -4.66 8.82
CA GLN B 223 3.53 -3.70 9.35
C GLN B 223 4.25 -2.48 9.89
N VAL B 224 5.44 -2.69 10.44
CA VAL B 224 6.28 -1.59 10.90
C VAL B 224 6.67 -0.71 9.71
N ILE B 225 6.97 -1.37 8.59
CA ILE B 225 7.32 -0.67 7.37
C ILE B 225 6.12 0.10 6.80
N ALA B 226 5.00 -0.60 6.67
CA ALA B 226 3.78 -0.01 6.12
C ALA B 226 3.31 1.18 6.94
N ASN B 227 3.30 1.02 8.26
CA ASN B 227 2.85 2.09 9.15
C ASN B 227 3.77 3.31 9.11
N ALA B 228 5.06 3.07 8.88
CA ALA B 228 6.02 4.15 8.71
C ALA B 228 5.67 4.97 7.46
N PHE B 229 5.29 4.25 6.40
CA PHE B 229 4.88 4.86 5.15
C PHE B 229 3.61 5.67 5.32
N LEU B 230 2.64 5.09 6.02
CA LEU B 230 1.34 5.72 6.24
C LEU B 230 1.46 6.94 7.14
N ALA B 231 2.33 6.86 8.15
CA ALA B 231 2.56 7.97 9.05
C ALA B 231 3.19 9.14 8.31
N ALA B 232 4.10 8.84 7.38
CA ALA B 232 4.78 9.86 6.61
C ALA B 232 3.85 10.53 5.61
N THR B 233 2.87 9.77 5.11
CA THR B 233 1.90 10.30 4.18
C THR B 233 0.65 10.79 4.91
N GLY B 234 0.67 10.68 6.23
CA GLY B 234 -0.44 11.11 7.06
C GLY B 234 -1.68 10.25 6.87
N CYS B 235 -1.46 8.95 6.70
CA CYS B 235 -2.56 8.02 6.47
C CYS B 235 -2.69 6.99 7.58
N LEU B 236 -1.81 7.08 8.58
CA LEU B 236 -1.70 6.05 9.61
C LEU B 236 -3.00 5.79 10.37
N ASN B 237 -3.68 6.85 10.79
CA ASN B 237 -4.91 6.71 11.55
C ASN B 237 -6.14 7.18 10.78
N SER B 238 -7.32 6.73 11.23
CA SER B 238 -8.57 7.11 10.60
C SER B 238 -9.70 7.17 11.62
N GLY C 21 -6.72 3.09 27.96
CA GLY C 21 -7.97 2.59 27.41
C GLY C 21 -7.78 1.50 26.38
N MET C 22 -7.24 0.36 26.82
CA MET C 22 -7.14 -0.81 25.98
C MET C 22 -7.88 -1.98 26.62
N TYR C 23 -8.62 -2.72 25.79
CA TYR C 23 -9.43 -3.85 26.25
C TYR C 23 -8.57 -4.97 26.84
N PHE C 24 -7.41 -5.20 26.25
CA PHE C 24 -6.54 -6.30 26.66
C PHE C 24 -5.48 -5.89 27.66
N ALA C 25 -5.43 -6.59 28.79
CA ALA C 25 -4.40 -6.37 29.78
C ALA C 25 -3.03 -6.76 29.20
N ALA C 26 -1.98 -6.08 29.64
CA ALA C 26 -0.64 -6.30 29.11
C ALA C 26 -0.17 -7.74 29.34
N GLY C 27 0.40 -8.33 28.29
CA GLY C 27 0.95 -9.67 28.39
C GLY C 27 -0.07 -10.78 28.44
N SER C 28 -1.27 -10.51 27.93
CA SER C 28 -2.34 -11.50 27.96
C SER C 28 -2.30 -12.43 26.75
N LYS C 29 -2.94 -13.58 26.88
CA LYS C 29 -3.07 -14.52 25.77
C LYS C 29 -4.48 -14.49 25.19
N LEU C 30 -4.57 -14.24 23.89
CA LEU C 30 -5.85 -14.20 23.21
C LEU C 30 -5.98 -15.33 22.19
N VAL C 31 -6.96 -16.20 22.39
CA VAL C 31 -7.22 -17.29 21.46
C VAL C 31 -8.37 -16.96 20.53
N ILE C 32 -8.10 -17.00 19.22
CA ILE C 32 -9.14 -16.78 18.22
C ILE C 32 -9.55 -18.11 17.60
N ILE C 33 -10.82 -18.45 17.72
CA ILE C 33 -11.32 -19.71 17.17
C ILE C 33 -12.50 -19.44 16.23
N GLY C 34 -12.55 -20.19 15.13
CA GLY C 34 -13.59 -20.01 14.14
C GLY C 34 -13.45 -20.92 12.94
N ASP C 35 -13.83 -20.42 11.77
CA ASP C 35 -13.81 -21.20 10.54
C ASP C 35 -12.62 -20.85 9.65
N SER C 36 -12.82 -20.93 8.33
CA SER C 36 -11.74 -20.70 7.38
C SER C 36 -11.31 -19.23 7.35
N ILE C 37 -12.25 -18.34 7.64
CA ILE C 37 -11.93 -16.91 7.73
C ILE C 37 -10.93 -16.67 8.84
N THR C 38 -11.05 -17.44 9.91
CA THR C 38 -10.11 -17.39 11.02
C THR C 38 -8.86 -18.21 10.71
N ASP C 39 -9.08 -19.39 10.10
CA ASP C 39 -8.00 -20.28 9.68
C ASP C 39 -7.01 -19.54 8.80
N ALA C 40 -7.48 -19.11 7.63
CA ALA C 40 -6.69 -18.33 6.68
C ALA C 40 -5.41 -19.07 6.23
N GLY C 41 -5.49 -20.39 6.17
CA GLY C 41 -4.40 -21.19 5.62
C GLY C 41 -3.18 -21.33 6.53
N ARG C 42 -3.38 -21.19 7.82
CA ARG C 42 -2.30 -21.35 8.79
C ARG C 42 -1.74 -22.76 8.79
N ASP C 43 -0.57 -22.94 9.40
CA ASP C 43 -0.02 -24.27 9.60
C ASP C 43 -0.58 -24.87 10.88
N LYS C 44 -1.51 -25.81 10.72
CA LYS C 44 -2.17 -26.44 11.86
C LYS C 44 -1.22 -27.30 12.67
N GLY C 45 -0.05 -27.59 12.11
CA GLY C 45 0.96 -28.38 12.78
C GLY C 45 1.41 -27.77 14.10
N ILE C 46 1.20 -26.46 14.22
CA ILE C 46 1.47 -25.76 15.47
C ILE C 46 0.15 -25.47 16.16
N GLY C 47 0.20 -25.14 17.46
CA GLY C 47 -1.00 -24.84 18.21
C GLY C 47 -1.58 -23.46 17.89
N GLY C 48 -1.39 -23.01 16.65
CA GLY C 48 -1.89 -21.72 16.22
C GLY C 48 -1.00 -20.58 16.66
N GLU C 49 0.24 -20.91 17.01
CA GLU C 49 1.15 -19.94 17.60
C GLU C 49 2.58 -20.45 17.59
N GLY C 50 3.44 -19.76 16.85
CA GLY C 50 4.82 -20.19 16.69
C GLY C 50 5.62 -19.34 15.73
N LEU C 51 6.66 -19.93 15.15
CA LEU C 51 7.63 -19.20 14.36
C LEU C 51 7.16 -18.86 12.93
N PHE C 52 6.85 -19.89 12.15
CA PHE C 52 6.55 -19.66 10.73
C PHE C 52 5.12 -20.05 10.34
N ASN C 53 4.37 -19.05 9.89
CA ASN C 53 3.00 -19.22 9.42
C ASN C 53 2.10 -19.91 10.44
N ALA C 54 1.99 -19.31 11.61
CA ALA C 54 1.17 -19.87 12.68
C ALA C 54 -0.22 -19.24 12.70
N HIS C 55 -0.35 -18.07 12.07
CA HIS C 55 -1.58 -17.32 12.11
C HIS C 55 -2.26 -17.23 10.74
N GLY C 56 -1.61 -17.78 9.72
CA GLY C 56 -2.15 -17.75 8.38
C GLY C 56 -1.95 -16.39 7.73
N SER C 57 -2.81 -16.07 6.77
CA SER C 57 -2.69 -14.83 6.01
C SER C 57 -3.99 -14.03 6.01
N GLY C 58 -4.73 -14.10 7.11
CA GLY C 58 -6.01 -13.43 7.22
C GLY C 58 -6.05 -12.36 8.29
N TYR C 59 -7.25 -12.07 8.78
CA TYR C 59 -7.43 -10.98 9.74
C TYR C 59 -6.74 -11.26 11.07
N VAL C 60 -6.59 -12.55 11.40
CA VAL C 60 -5.88 -12.93 12.62
C VAL C 60 -4.41 -12.57 12.49
N ALA C 61 -3.83 -12.85 11.32
CA ALA C 61 -2.46 -12.44 11.03
C ALA C 61 -2.34 -10.92 11.06
N LEU C 62 -3.35 -10.26 10.50
CA LEU C 62 -3.40 -8.80 10.47
C LEU C 62 -3.50 -8.21 11.87
N LEU C 63 -4.36 -8.79 12.70
CA LEU C 63 -4.50 -8.36 14.08
C LEU C 63 -3.18 -8.49 14.83
N ASN C 64 -2.49 -9.59 14.61
CA ASN C 64 -1.22 -9.86 15.28
C ASN C 64 -0.13 -8.87 14.89
N ALA C 65 -0.05 -8.56 13.59
CA ALA C 65 0.94 -7.61 13.09
C ALA C 65 0.63 -6.20 13.58
N HIS C 66 -0.65 -5.87 13.64
CA HIS C 66 -1.10 -4.55 14.10
C HIS C 66 -0.70 -4.32 15.55
N LEU C 67 -1.01 -5.30 16.40
CA LEU C 67 -0.75 -5.17 17.84
C LEU C 67 0.74 -5.16 18.16
N PHE C 68 1.54 -5.83 17.34
CA PHE C 68 2.98 -5.84 17.53
C PHE C 68 3.61 -4.54 17.04
N ALA C 69 3.19 -4.10 15.86
CA ALA C 69 3.78 -2.91 15.24
C ALA C 69 3.37 -1.62 15.96
N ARG C 70 2.13 -1.58 16.45
CA ARG C 70 1.61 -0.36 17.06
C ARG C 70 1.70 -0.40 18.59
N PHE C 71 1.64 -1.58 19.17
CA PHE C 71 1.74 -1.72 20.62
C PHE C 71 2.70 -2.82 21.06
N PRO C 72 4.01 -2.67 20.76
CA PRO C 72 4.95 -3.69 21.22
C PRO C 72 5.05 -3.73 22.75
N GLU C 73 4.64 -2.66 23.41
CA GLU C 73 4.70 -2.57 24.86
C GLU C 73 3.73 -3.55 25.52
N ARG C 74 2.57 -3.73 24.89
CA ARG C 74 1.51 -4.57 25.45
C ARG C 74 1.90 -6.03 25.54
N ARG C 75 2.76 -6.47 24.63
CA ARG C 75 3.25 -7.86 24.59
C ARG C 75 2.09 -8.84 24.56
N LEU C 76 1.15 -8.61 23.64
CA LEU C 76 -0.04 -9.45 23.54
C LEU C 76 0.23 -10.75 22.81
N ARG C 77 -0.32 -11.83 23.33
CA ARG C 77 -0.07 -13.17 22.80
C ARG C 77 -1.31 -13.72 22.09
N LEU C 78 -1.24 -13.81 20.76
CA LEU C 78 -2.38 -14.25 19.98
C LEU C 78 -2.26 -15.69 19.48
N VAL C 79 -3.37 -16.40 19.47
CA VAL C 79 -3.42 -17.78 19.00
C VAL C 79 -4.53 -17.97 17.97
N ASN C 80 -4.20 -18.58 16.84
CA ASN C 80 -5.18 -18.87 15.81
C ASN C 80 -5.68 -20.31 15.88
N GLN C 81 -6.97 -20.46 16.18
CA GLN C 81 -7.56 -21.79 16.28
C GLN C 81 -8.67 -21.97 15.24
N GLY C 82 -8.54 -21.27 14.11
CA GLY C 82 -9.51 -21.38 13.04
C GLY C 82 -9.36 -22.66 12.25
N ASN C 83 -10.47 -23.36 12.06
CA ASN C 83 -10.50 -24.57 11.24
C ASN C 83 -11.50 -24.44 10.10
N SER C 84 -11.03 -24.60 8.87
CA SER C 84 -11.86 -24.41 7.69
C SER C 84 -13.08 -25.34 7.65
N GLY C 85 -14.23 -24.78 7.31
CA GLY C 85 -15.46 -25.54 7.15
C GLY C 85 -16.22 -25.77 8.44
N ASN C 86 -15.72 -25.22 9.54
CA ASN C 86 -16.28 -25.50 10.85
C ASN C 86 -17.65 -24.89 11.12
N THR C 87 -18.49 -25.58 11.85
CA THR C 87 -19.76 -25.03 12.28
C THR C 87 -19.66 -24.86 13.77
N VAL C 88 -20.69 -24.35 14.38
CA VAL C 88 -20.68 -24.13 15.83
C VAL C 88 -20.74 -25.49 16.52
N ARG C 89 -21.23 -26.48 15.78
CA ARG C 89 -21.28 -27.86 16.25
C ARG C 89 -19.89 -28.46 16.23
N ASP C 90 -19.08 -28.04 15.27
CA ASP C 90 -17.69 -28.47 15.18
C ASP C 90 -16.85 -27.84 16.28
N LEU C 91 -17.12 -26.58 16.59
CA LEU C 91 -16.35 -25.87 17.60
C LEU C 91 -16.57 -26.44 18.99
N ALA C 92 -17.79 -26.89 19.25
CA ALA C 92 -18.12 -27.48 20.54
C ALA C 92 -17.35 -28.77 20.76
N ALA C 93 -17.11 -29.49 19.67
CA ALA C 93 -16.47 -30.80 19.74
C ALA C 93 -14.99 -30.71 20.13
N ARG C 94 -14.35 -29.59 19.82
CA ARG C 94 -12.92 -29.43 20.07
C ARG C 94 -12.63 -28.30 21.05
N TRP C 95 -13.67 -27.82 21.73
CA TRP C 95 -13.56 -26.64 22.59
C TRP C 95 -12.62 -26.85 23.78
N GLN C 96 -12.62 -28.05 24.33
CA GLN C 96 -11.82 -28.33 25.52
C GLN C 96 -10.32 -28.23 25.26
N ASN C 97 -9.87 -28.83 24.16
CA ASN C 97 -8.45 -28.88 23.84
C ASN C 97 -7.93 -27.64 23.11
N ASP C 98 -8.81 -26.94 22.40
CA ASP C 98 -8.39 -25.82 21.57
C ASP C 98 -8.69 -24.46 22.19
N VAL C 99 -9.46 -24.45 23.27
CA VAL C 99 -9.73 -23.21 24.00
C VAL C 99 -9.23 -23.29 25.44
N PHE C 100 -9.89 -24.13 26.24
CA PHE C 100 -9.54 -24.27 27.66
C PHE C 100 -8.11 -24.78 27.86
N GLY C 101 -7.70 -25.70 27.00
CA GLY C 101 -6.40 -26.33 27.10
C GLY C 101 -5.25 -25.36 26.90
N LEU C 102 -5.51 -24.26 26.19
CA LEU C 102 -4.48 -23.26 25.91
C LEU C 102 -4.39 -22.24 27.03
N LYS C 103 -5.32 -22.32 27.98
CA LYS C 103 -5.37 -21.42 29.13
C LYS C 103 -5.33 -19.94 28.74
N PRO C 104 -6.39 -19.47 28.08
CA PRO C 104 -6.43 -18.10 27.57
C PRO C 104 -6.92 -17.08 28.61
N ASP C 105 -6.52 -15.82 28.42
CA ASP C 105 -7.06 -14.73 29.22
C ASP C 105 -8.25 -14.12 28.49
N TYR C 106 -8.18 -14.17 27.16
CA TYR C 106 -9.25 -13.67 26.32
C TYR C 106 -9.59 -14.69 25.23
N VAL C 107 -10.87 -14.76 24.87
CA VAL C 107 -11.32 -15.67 23.82
C VAL C 107 -12.20 -14.95 22.80
N ALA C 108 -11.80 -14.99 21.54
CA ALA C 108 -12.60 -14.42 20.47
C ALA C 108 -13.17 -15.54 19.60
N MET C 109 -14.36 -15.32 19.05
CA MET C 109 -15.07 -16.37 18.35
C MET C 109 -15.93 -15.83 17.20
N MET C 110 -15.60 -16.27 15.98
CA MET C 110 -16.43 -15.98 14.83
C MET C 110 -16.93 -17.28 14.20
N ILE C 111 -18.24 -17.50 14.26
CA ILE C 111 -18.82 -18.71 13.68
C ILE C 111 -20.28 -18.48 13.26
N GLY C 112 -20.71 -19.24 12.27
CA GLY C 112 -22.09 -19.18 11.81
C GLY C 112 -22.19 -19.03 10.31
N ILE C 113 -21.07 -18.67 9.67
CA ILE C 113 -21.04 -18.51 8.23
C ILE C 113 -21.35 -19.83 7.54
N ASN C 114 -20.70 -20.89 7.98
CA ASN C 114 -20.89 -22.21 7.38
C ASN C 114 -22.27 -22.81 7.66
N ASP C 115 -22.74 -22.58 8.86
CA ASP C 115 -24.01 -23.04 9.30
C ASP C 115 -25.14 -22.46 8.42
N VAL C 116 -25.01 -21.23 7.98
CA VAL C 116 -25.95 -20.57 7.09
C VAL C 116 -25.70 -21.02 5.66
N TRP C 117 -24.43 -21.02 5.26
CA TRP C 117 -24.04 -21.29 3.88
C TRP C 117 -24.48 -22.69 3.40
N ARG C 118 -24.39 -23.68 4.29
CA ARG C 118 -24.71 -25.06 3.92
C ARG C 118 -26.19 -25.24 3.61
N GLN C 119 -27.02 -24.30 4.07
CA GLN C 119 -28.45 -24.37 3.83
C GLN C 119 -28.78 -23.91 2.41
N PHE C 120 -27.81 -23.28 1.75
CA PHE C 120 -28.06 -22.69 0.44
C PHE C 120 -27.22 -23.34 -0.67
N ASP C 121 -26.04 -23.83 -0.35
CA ASP C 121 -25.23 -24.52 -1.34
C ASP C 121 -25.45 -26.03 -1.28
N LEU C 122 -25.89 -26.50 -0.12
CA LEU C 122 -26.29 -27.90 0.05
C LEU C 122 -27.69 -28.01 0.64
N PRO C 123 -28.70 -27.49 -0.07
CA PRO C 123 -30.05 -27.34 0.49
C PRO C 123 -30.76 -28.65 0.76
N LEU C 124 -30.40 -29.71 0.02
CA LEU C 124 -31.10 -30.98 0.12
C LEU C 124 -30.56 -31.85 1.26
N MET C 125 -29.28 -31.67 1.58
CA MET C 125 -28.64 -32.44 2.63
C MET C 125 -28.92 -31.81 4.00
N THR C 126 -30.13 -32.02 4.49
CA THR C 126 -30.68 -31.30 5.63
C THR C 126 -30.03 -31.66 6.97
N ASP C 127 -29.81 -32.95 7.20
CA ASP C 127 -29.33 -33.42 8.50
C ASP C 127 -28.01 -32.76 8.93
N ARG C 128 -27.24 -32.26 7.98
CA ARG C 128 -26.02 -31.54 8.28
C ARG C 128 -26.29 -30.14 8.81
N HIS C 129 -27.38 -29.53 8.33
CA HIS C 129 -27.69 -28.14 8.62
C HIS C 129 -27.79 -27.84 10.11
N VAL C 130 -27.15 -26.75 10.52
CA VAL C 130 -27.30 -26.24 11.87
C VAL C 130 -28.39 -25.18 11.91
N CYS C 131 -29.60 -25.61 12.25
CA CYS C 131 -30.76 -24.72 12.28
C CYS C 131 -30.66 -23.71 13.44
N PRO C 132 -31.33 -22.54 13.30
CA PRO C 132 -31.17 -21.37 14.17
C PRO C 132 -30.99 -21.62 15.66
N GLU C 133 -31.94 -22.30 16.31
CA GLU C 133 -31.88 -22.42 17.76
C GLU C 133 -30.97 -23.55 18.23
N GLU C 134 -30.45 -24.36 17.29
CA GLU C 134 -29.33 -25.22 17.63
C GLU C 134 -28.08 -24.37 17.68
N TYR C 135 -27.97 -23.46 16.72
CA TYR C 135 -26.87 -22.51 16.66
C TYR C 135 -26.86 -21.63 17.90
N GLU C 136 -28.02 -21.09 18.26
CA GLU C 136 -28.14 -20.21 19.41
C GLU C 136 -27.79 -20.92 20.72
N LYS C 137 -28.38 -22.10 20.90
CA LYS C 137 -28.17 -22.89 22.12
C LYS C 137 -26.71 -23.31 22.28
N THR C 138 -26.13 -23.83 21.20
CA THR C 138 -24.74 -24.27 21.21
C THR C 138 -23.80 -23.09 21.47
N LEU C 139 -24.09 -21.98 20.81
CA LEU C 139 -23.32 -20.75 21.01
C LEU C 139 -23.43 -20.28 22.45
N ASP C 140 -24.66 -20.34 22.97
CA ASP C 140 -24.93 -19.90 24.34
C ASP C 140 -24.16 -20.75 25.36
N GLU C 141 -24.18 -22.07 25.16
CA GLU C 141 -23.50 -22.99 26.06
C GLU C 141 -21.99 -22.79 26.09
N LEU C 142 -21.41 -22.55 24.92
CA LEU C 142 -19.98 -22.34 24.81
C LEU C 142 -19.56 -21.04 25.50
N VAL C 143 -20.37 -20.00 25.31
CA VAL C 143 -20.09 -18.70 25.92
C VAL C 143 -20.31 -18.76 27.43
N ALA C 144 -21.40 -19.39 27.85
CA ALA C 144 -21.74 -19.49 29.27
C ALA C 144 -20.69 -20.26 30.06
N ARG C 145 -20.01 -21.19 29.41
CA ARG C 145 -19.01 -22.01 30.08
C ARG C 145 -17.63 -21.37 30.04
N THR C 146 -17.49 -20.32 29.23
CA THR C 146 -16.19 -19.69 29.01
C THR C 146 -16.13 -18.25 29.55
N ALA C 147 -17.24 -17.53 29.44
CA ALA C 147 -17.26 -16.10 29.74
C ALA C 147 -16.70 -15.71 31.11
N PRO C 148 -17.20 -16.31 32.21
CA PRO C 148 -16.68 -15.80 33.48
C PRO C 148 -15.40 -16.51 33.93
N THR C 149 -14.81 -17.33 33.06
CA THR C 149 -13.57 -18.03 33.40
C THR C 149 -12.36 -17.31 32.85
N VAL C 150 -12.60 -16.31 32.00
CA VAL C 150 -11.52 -15.54 31.39
C VAL C 150 -11.74 -14.04 31.62
N LYS C 151 -10.71 -13.24 31.33
CA LYS C 151 -10.78 -11.80 31.54
C LYS C 151 -11.81 -11.14 30.63
N GLY C 152 -11.99 -11.70 29.44
CA GLY C 152 -12.94 -11.16 28.49
C GLY C 152 -13.20 -12.09 27.32
N MET C 153 -14.44 -12.08 26.83
CA MET C 153 -14.79 -12.89 25.66
C MET C 153 -15.39 -12.02 24.56
N ILE C 154 -14.96 -12.27 23.33
CA ILE C 154 -15.39 -11.45 22.20
C ILE C 154 -16.12 -12.30 21.16
N LEU C 155 -17.24 -11.79 20.67
CA LEU C 155 -18.00 -12.48 19.64
C LEU C 155 -18.06 -11.65 18.36
N LEU C 156 -17.49 -12.20 17.29
CA LEU C 156 -17.51 -11.52 16.00
C LEU C 156 -18.64 -12.10 15.15
N THR C 157 -19.59 -11.24 14.77
CA THR C 157 -20.75 -11.67 14.02
C THR C 157 -20.38 -12.32 12.70
N PRO C 158 -21.13 -13.36 12.31
CA PRO C 158 -20.98 -13.90 10.96
C PRO C 158 -21.38 -12.83 9.94
N TYR C 159 -20.88 -12.94 8.72
CA TYR C 159 -21.17 -11.93 7.72
C TYR C 159 -21.47 -12.54 6.36
N PHE C 160 -21.92 -11.69 5.45
CA PHE C 160 -22.12 -12.07 4.06
C PHE C 160 -21.93 -10.78 3.28
N ILE C 161 -20.93 -10.76 2.41
CA ILE C 161 -20.58 -9.56 1.67
C ILE C 161 -21.61 -9.40 0.56
N GLU C 162 -22.77 -8.85 0.93
CA GLU C 162 -23.88 -8.67 0.00
C GLU C 162 -24.84 -7.60 0.51
N PRO C 163 -24.94 -6.47 -0.21
CA PRO C 163 -25.76 -5.34 0.20
C PRO C 163 -27.26 -5.62 0.19
N ASN C 164 -27.71 -6.54 -0.66
CA ASN C 164 -29.12 -6.88 -0.73
C ASN C 164 -29.59 -7.58 0.55
N ARG C 165 -30.29 -6.83 1.40
CA ARG C 165 -30.78 -7.37 2.67
C ARG C 165 -31.90 -8.38 2.46
N GLU C 166 -32.52 -8.33 1.29
CA GLU C 166 -33.65 -9.20 0.97
C GLU C 166 -33.18 -10.54 0.41
N ASP C 167 -31.90 -10.61 0.04
CA ASP C 167 -31.30 -11.85 -0.45
C ASP C 167 -31.45 -12.95 0.59
N ALA C 168 -31.92 -14.12 0.15
CA ALA C 168 -32.25 -15.23 1.05
C ALA C 168 -31.12 -15.58 2.00
N MET C 169 -29.89 -15.55 1.52
CA MET C 169 -28.74 -15.92 2.34
C MET C 169 -28.29 -14.76 3.24
N ARG C 170 -28.35 -13.53 2.73
CA ARG C 170 -28.02 -12.36 3.52
C ARG C 170 -29.00 -12.21 4.67
N ALA C 171 -30.28 -12.41 4.38
CA ALA C 171 -31.33 -12.33 5.39
C ALA C 171 -31.14 -13.42 6.43
N ARG C 172 -30.78 -14.62 5.98
CA ARG C 172 -30.56 -15.76 6.86
C ARG C 172 -29.34 -15.52 7.75
N MET C 173 -28.31 -14.91 7.17
CA MET C 173 -27.10 -14.61 7.92
C MET C 173 -27.37 -13.55 8.98
N ASP C 174 -28.31 -12.65 8.68
CA ASP C 174 -28.69 -11.60 9.61
C ASP C 174 -29.39 -12.15 10.85
N VAL C 175 -30.16 -13.23 10.65
CA VAL C 175 -30.87 -13.87 11.74
C VAL C 175 -29.88 -14.49 12.72
N TYR C 176 -28.89 -15.21 12.18
CA TYR C 176 -27.86 -15.84 12.99
C TYR C 176 -26.99 -14.79 13.68
N GLY C 177 -26.71 -13.71 12.97
CA GLY C 177 -25.93 -12.61 13.51
C GLY C 177 -26.67 -11.94 14.66
N ASP C 178 -28.00 -11.93 14.57
CA ASP C 178 -28.82 -11.36 15.63
C ASP C 178 -28.89 -12.32 16.81
N LEU C 179 -28.85 -13.62 16.52
CA LEU C 179 -28.86 -14.63 17.56
C LEU C 179 -27.56 -14.57 18.38
N MET C 180 -26.45 -14.32 17.70
CA MET C 180 -25.17 -14.14 18.38
C MET C 180 -25.19 -12.88 19.25
N ARG C 181 -25.86 -11.85 18.76
CA ARG C 181 -25.95 -10.60 19.49
C ARG C 181 -26.70 -10.77 20.81
N ARG C 182 -27.79 -11.52 20.78
CA ARG C 182 -28.62 -11.72 21.96
C ARG C 182 -27.95 -12.69 22.94
N VAL C 183 -27.11 -13.57 22.42
CA VAL C 183 -26.29 -14.43 23.26
C VAL C 183 -25.20 -13.60 23.94
N ALA C 184 -24.67 -12.63 23.19
CA ALA C 184 -23.60 -11.76 23.68
C ALA C 184 -24.10 -10.83 24.78
N GLU C 185 -25.34 -10.38 24.66
CA GLU C 185 -25.90 -9.44 25.63
C GLU C 185 -26.52 -10.15 26.82
N ARG C 186 -26.45 -11.47 26.81
CA ARG C 186 -26.90 -12.27 27.95
C ARG C 186 -25.77 -12.45 28.95
N HIS C 187 -24.57 -12.74 28.44
CA HIS C 187 -23.43 -13.02 29.29
C HIS C 187 -22.50 -11.81 29.39
N GLY C 188 -22.87 -10.73 28.71
CA GLY C 188 -22.13 -9.48 28.78
C GLY C 188 -20.81 -9.52 28.04
N CYS C 189 -20.82 -10.06 26.82
CA CYS C 189 -19.62 -10.13 26.00
C CYS C 189 -19.53 -8.95 25.04
N LEU C 190 -18.32 -8.65 24.59
CA LEU C 190 -18.11 -7.63 23.57
C LEU C 190 -18.57 -8.16 22.22
N LEU C 191 -19.42 -7.39 21.55
CA LEU C 191 -19.95 -7.78 20.25
C LEU C 191 -19.29 -6.95 19.16
N VAL C 192 -18.71 -7.64 18.17
CA VAL C 192 -18.08 -6.96 17.05
C VAL C 192 -18.93 -7.08 15.79
N ASP C 193 -19.47 -5.93 15.36
CA ASP C 193 -20.35 -5.90 14.20
C ASP C 193 -19.55 -5.94 12.90
N VAL C 194 -19.08 -7.12 12.53
CA VAL C 194 -18.29 -7.31 11.32
C VAL C 194 -19.15 -7.07 10.08
N GLN C 195 -20.40 -7.54 10.13
CA GLN C 195 -21.33 -7.37 9.02
C GLN C 195 -21.58 -5.90 8.71
N GLY C 196 -21.76 -5.11 9.75
CA GLY C 196 -21.96 -3.67 9.60
C GLY C 196 -20.74 -2.98 9.03
N ALA C 197 -19.56 -3.50 9.37
CA ALA C 197 -18.32 -2.96 8.85
C ALA C 197 -18.23 -3.18 7.34
N PHE C 198 -18.64 -4.35 6.89
CA PHE C 198 -18.67 -4.65 5.46
C PHE C 198 -19.71 -3.81 4.73
N ASP C 199 -20.84 -3.57 5.39
CA ASP C 199 -21.91 -2.77 4.82
C ASP C 199 -21.44 -1.34 4.53
N ARG C 200 -20.63 -0.80 5.42
CA ARG C 200 -20.08 0.54 5.23
C ARG C 200 -19.07 0.55 4.09
N TYR C 201 -18.35 -0.56 3.93
CA TYR C 201 -17.39 -0.68 2.83
C TYR C 201 -18.11 -0.78 1.50
N LEU C 202 -19.18 -1.58 1.47
CA LEU C 202 -19.93 -1.83 0.24
C LEU C 202 -20.66 -0.57 -0.27
N GLN C 203 -20.57 0.52 0.47
CA GLN C 203 -21.12 1.79 0.03
C GLN C 203 -20.24 2.41 -1.06
N HIS C 204 -19.04 1.85 -1.23
CA HIS C 204 -18.08 2.41 -2.16
C HIS C 204 -17.69 1.43 -3.25
N TYR C 205 -17.86 0.14 -2.98
CA TYR C 205 -17.47 -0.88 -3.94
C TYR C 205 -18.48 -2.01 -4.04
N HIS C 206 -18.50 -2.67 -5.20
CA HIS C 206 -19.25 -3.90 -5.38
C HIS C 206 -18.47 -5.02 -4.69
N PRO C 207 -19.19 -5.96 -4.06
CA PRO C 207 -18.58 -7.08 -3.33
C PRO C 207 -17.54 -7.87 -4.11
N ALA C 208 -17.64 -7.88 -5.44
CA ALA C 208 -16.69 -8.62 -6.26
C ALA C 208 -15.27 -8.05 -6.15
N GLN C 209 -15.18 -6.79 -5.73
CA GLN C 209 -13.89 -6.16 -5.49
C GLN C 209 -13.23 -6.78 -4.26
N LEU C 210 -14.06 -7.26 -3.34
CA LEU C 210 -13.58 -7.89 -2.11
C LEU C 210 -13.48 -9.41 -2.25
N ALA C 211 -14.59 -10.04 -2.60
CA ALA C 211 -14.68 -11.49 -2.60
C ALA C 211 -15.62 -12.00 -3.69
N TRP C 212 -15.11 -12.92 -4.51
CA TRP C 212 -15.90 -13.52 -5.57
C TRP C 212 -17.06 -14.34 -5.02
N ASP C 213 -16.82 -15.07 -3.94
CA ASP C 213 -17.86 -15.92 -3.36
C ASP C 213 -18.56 -15.22 -2.19
N ARG C 214 -18.30 -13.92 -2.05
CA ARG C 214 -18.93 -13.08 -1.03
C ARG C 214 -18.69 -13.57 0.39
N ILE C 215 -17.68 -14.42 0.58
CA ILE C 215 -17.33 -14.92 1.89
C ILE C 215 -15.82 -14.79 2.15
N HIS C 216 -15.02 -15.41 1.29
CA HIS C 216 -13.56 -15.36 1.43
C HIS C 216 -12.99 -14.15 0.70
N PRO C 217 -12.57 -13.12 1.46
CA PRO C 217 -12.11 -11.88 0.85
C PRO C 217 -10.61 -11.83 0.62
N ASN C 218 -10.16 -10.84 -0.13
CA ASN C 218 -8.74 -10.56 -0.25
C ASN C 218 -8.25 -9.91 1.05
N LEU C 219 -7.01 -9.44 1.05
CA LEU C 219 -6.42 -8.89 2.26
C LEU C 219 -7.20 -7.66 2.75
N ALA C 220 -7.68 -6.86 1.80
CA ALA C 220 -8.47 -5.67 2.11
C ALA C 220 -9.71 -6.03 2.91
N GLY C 221 -10.40 -7.08 2.50
CA GLY C 221 -11.58 -7.55 3.21
C GLY C 221 -11.23 -8.08 4.59
N HIS C 222 -10.07 -8.72 4.71
CA HIS C 222 -9.58 -9.19 5.99
C HIS C 222 -9.21 -8.01 6.88
N GLN C 223 -8.77 -6.92 6.26
CA GLN C 223 -8.42 -5.70 7.00
C GLN C 223 -9.69 -5.06 7.57
N VAL C 224 -10.79 -5.20 6.83
CA VAL C 224 -12.08 -4.71 7.30
C VAL C 224 -12.48 -5.42 8.58
N ILE C 225 -12.38 -6.75 8.57
CA ILE C 225 -12.67 -7.56 9.74
C ILE C 225 -11.77 -7.18 10.91
N ALA C 226 -10.48 -7.06 10.64
CA ALA C 226 -9.49 -6.74 11.66
C ALA C 226 -9.73 -5.36 12.25
N ASN C 227 -9.99 -4.38 11.40
CA ASN C 227 -10.23 -3.00 11.85
C ASN C 227 -11.49 -2.90 12.69
N ALA C 228 -12.50 -3.68 12.33
CA ALA C 228 -13.74 -3.74 13.10
C ALA C 228 -13.46 -4.26 14.51
N PHE C 229 -12.60 -5.27 14.58
CA PHE C 229 -12.18 -5.86 15.85
C PHE C 229 -11.39 -4.85 16.67
N LEU C 230 -10.44 -4.18 16.03
CA LEU C 230 -9.59 -3.20 16.70
C LEU C 230 -10.38 -2.01 17.20
N ALA C 231 -11.43 -1.65 16.46
CA ALA C 231 -12.28 -0.53 16.83
C ALA C 231 -13.10 -0.83 18.08
N ALA C 232 -13.65 -2.04 18.13
CA ALA C 232 -14.47 -2.47 19.26
C ALA C 232 -13.63 -2.65 20.53
N THR C 233 -12.37 -3.01 20.35
CA THR C 233 -11.47 -3.20 21.48
C THR C 233 -10.66 -1.94 21.75
N GLY C 234 -10.96 -0.88 21.00
CA GLY C 234 -10.38 0.43 21.23
C GLY C 234 -8.88 0.54 21.02
N CYS C 235 -8.35 -0.19 20.04
CA CYS C 235 -6.93 -0.10 19.71
C CYS C 235 -6.73 -0.03 18.20
N LEU C 236 -7.65 0.63 17.52
CA LEU C 236 -7.57 0.81 16.08
C LEU C 236 -6.52 1.85 15.72
N ASN C 237 -6.49 2.95 16.47
CA ASN C 237 -5.57 4.04 16.21
C ASN C 237 -4.40 4.07 17.19
N SER C 238 -3.38 4.86 16.86
CA SER C 238 -2.19 4.97 17.71
C SER C 238 -1.99 6.38 18.24
N GLY D 21 9.72 35.12 -2.37
CA GLY D 21 10.18 34.66 -1.07
C GLY D 21 11.37 35.44 -0.56
N MET D 22 12.56 34.84 -0.64
CA MET D 22 13.78 35.45 -0.12
C MET D 22 14.15 36.72 -0.88
N TYR D 23 14.60 37.73 -0.12
CA TYR D 23 15.03 39.00 -0.70
C TYR D 23 16.39 38.87 -1.39
N PHE D 24 17.20 37.93 -0.91
CA PHE D 24 18.56 37.75 -1.42
C PHE D 24 18.66 36.64 -2.45
N ALA D 25 19.39 36.89 -3.53
CA ALA D 25 19.70 35.86 -4.50
C ALA D 25 20.72 34.90 -3.88
N ALA D 26 20.72 33.65 -4.34
CA ALA D 26 21.64 32.65 -3.82
C ALA D 26 23.09 33.01 -4.13
N GLY D 27 23.98 32.68 -3.20
CA GLY D 27 25.41 32.92 -3.38
C GLY D 27 25.77 34.39 -3.41
N SER D 28 24.94 35.23 -2.79
CA SER D 28 25.17 36.67 -2.80
C SER D 28 26.05 37.12 -1.63
N LYS D 29 26.73 38.23 -1.84
CA LYS D 29 27.59 38.82 -0.81
C LYS D 29 26.90 40.01 -0.16
N LEU D 30 26.66 39.92 1.15
CA LEU D 30 26.02 40.99 1.89
C LEU D 30 27.01 41.69 2.81
N VAL D 31 27.23 42.98 2.57
CA VAL D 31 28.11 43.77 3.41
C VAL D 31 27.30 44.65 4.35
N ILE D 32 27.44 44.40 5.64
CA ILE D 32 26.73 45.18 6.65
C ILE D 32 27.67 46.16 7.34
N ILE D 33 27.40 47.45 7.16
CA ILE D 33 28.26 48.50 7.71
C ILE D 33 27.48 49.34 8.72
N GLY D 34 28.16 49.75 9.78
CA GLY D 34 27.52 50.55 10.82
C GLY D 34 28.46 50.91 11.95
N ASP D 35 27.92 51.11 13.14
CA ASP D 35 28.71 51.48 14.30
C ASP D 35 28.94 50.29 15.23
N SER D 36 28.99 50.56 16.53
CA SER D 36 29.29 49.53 17.53
C SER D 36 28.24 48.42 17.56
N ILE D 37 26.98 48.80 17.34
CA ILE D 37 25.89 47.83 17.31
C ILE D 37 26.14 46.79 16.21
N THR D 38 26.65 47.26 15.07
CA THR D 38 27.02 46.38 13.97
C THR D 38 28.37 45.73 14.26
N ASP D 39 29.29 46.52 14.82
CA ASP D 39 30.63 46.04 15.17
C ASP D 39 30.57 44.84 16.10
N ALA D 40 29.99 45.05 17.29
CA ALA D 40 29.79 43.99 18.27
C ALA D 40 31.09 43.28 18.65
N GLY D 41 32.19 44.03 18.68
CA GLY D 41 33.47 43.51 19.12
C GLY D 41 34.11 42.49 18.20
N ARG D 42 33.90 42.65 16.90
CA ARG D 42 34.47 41.75 15.91
C ARG D 42 35.98 41.89 15.84
N ASP D 43 36.64 40.96 15.14
CA ASP D 43 38.07 41.05 14.89
C ASP D 43 38.30 41.88 13.63
N LYS D 44 38.85 43.07 13.80
CA LYS D 44 39.01 44.01 12.70
C LYS D 44 40.14 43.63 11.75
N GLY D 45 41.14 42.95 12.27
CA GLY D 45 42.27 42.51 11.47
C GLY D 45 41.87 41.43 10.48
N ILE D 46 40.67 40.89 10.66
CA ILE D 46 40.13 39.85 9.78
C ILE D 46 39.37 40.49 8.62
N GLY D 47 38.71 41.61 8.88
CA GLY D 47 38.12 42.43 7.84
C GLY D 47 36.73 42.02 7.39
N GLY D 48 35.89 41.60 8.34
CA GLY D 48 34.51 41.28 8.04
C GLY D 48 34.20 39.80 7.97
N GLU D 49 34.85 39.10 7.04
CA GLU D 49 34.62 37.67 6.87
C GLU D 49 35.86 36.86 7.24
N GLY D 50 35.67 35.77 7.96
CA GLY D 50 36.79 34.96 8.41
C GLY D 50 36.43 33.78 9.30
N LEU D 51 37.45 33.25 9.96
CA LEU D 51 37.32 32.02 10.74
C LEU D 51 36.76 32.24 12.15
N PHE D 52 37.42 33.10 12.93
CA PHE D 52 37.04 33.29 14.33
C PHE D 52 36.69 34.74 14.65
N ASN D 53 35.50 34.94 15.23
CA ASN D 53 35.02 36.25 15.65
C ASN D 53 35.11 37.29 14.53
N ALA D 54 34.74 36.88 13.32
CA ALA D 54 34.78 37.78 12.18
C ALA D 54 33.58 38.71 12.17
N HIS D 55 32.50 38.28 12.82
CA HIS D 55 31.24 39.02 12.77
C HIS D 55 30.87 39.64 14.11
N GLY D 56 31.69 39.41 15.12
CA GLY D 56 31.40 39.90 16.46
C GLY D 56 30.37 39.02 17.14
N SER D 57 29.69 39.58 18.15
CA SER D 57 28.74 38.81 18.93
C SER D 57 27.37 39.51 18.99
N GLY D 58 26.99 40.16 17.90
CA GLY D 58 25.75 40.91 17.85
C GLY D 58 24.75 40.38 16.83
N TYR D 59 23.92 41.27 16.31
CA TYR D 59 22.85 40.87 15.40
C TYR D 59 23.41 40.39 14.06
N VAL D 60 24.56 40.92 13.67
CA VAL D 60 25.25 40.46 12.47
C VAL D 60 25.58 38.97 12.58
N ALA D 61 26.20 38.60 13.69
CA ALA D 61 26.53 37.20 13.95
C ALA D 61 25.25 36.37 14.06
N LEU D 62 24.22 36.95 14.65
CA LEU D 62 22.91 36.30 14.73
C LEU D 62 22.32 36.13 13.34
N LEU D 63 22.45 37.17 12.53
CA LEU D 63 22.01 37.13 11.14
C LEU D 63 22.72 36.02 10.38
N ASN D 64 24.04 35.96 10.55
CA ASN D 64 24.87 34.98 9.86
C ASN D 64 24.53 33.55 10.26
N ALA D 65 24.34 33.34 11.57
CA ALA D 65 24.03 32.00 12.09
C ALA D 65 22.63 31.56 11.68
N HIS D 66 21.68 32.47 11.63
CA HIS D 66 20.33 32.17 11.22
C HIS D 66 20.21 31.77 9.77
N LEU D 67 20.89 32.48 8.92
CA LEU D 67 20.81 32.18 7.49
C LEU D 67 21.51 30.87 7.13
N PHE D 68 22.58 30.53 7.85
CA PHE D 68 23.25 29.27 7.63
C PHE D 68 22.41 28.10 8.14
N ALA D 69 21.86 28.26 9.34
CA ALA D 69 21.15 27.17 10.01
C ALA D 69 19.80 26.87 9.37
N ARG D 70 19.15 27.89 8.82
CA ARG D 70 17.80 27.72 8.28
C ARG D 70 17.77 27.73 6.76
N PHE D 71 18.77 28.37 6.15
CA PHE D 71 18.86 28.39 4.69
C PHE D 71 20.28 28.10 4.20
N PRO D 72 20.83 26.91 4.52
CA PRO D 72 22.20 26.60 4.08
C PRO D 72 22.33 26.53 2.56
N GLU D 73 21.24 26.24 1.87
CA GLU D 73 21.27 26.12 0.41
C GLU D 73 21.49 27.47 -0.25
N ARG D 74 21.05 28.54 0.41
CA ARG D 74 21.14 29.88 -0.15
C ARG D 74 22.58 30.37 -0.25
N ARG D 75 23.44 29.83 0.60
CA ARG D 75 24.87 30.16 0.60
C ARG D 75 25.11 31.67 0.62
N LEU D 76 24.59 32.34 1.64
CA LEU D 76 24.70 33.78 1.75
C LEU D 76 25.99 34.19 2.47
N ARG D 77 26.70 35.14 1.86
CA ARG D 77 28.01 35.56 2.32
C ARG D 77 27.94 36.91 3.03
N LEU D 78 28.07 36.90 4.36
CA LEU D 78 27.92 38.12 5.15
C LEU D 78 29.26 38.70 5.59
N VAL D 79 29.37 40.03 5.50
CA VAL D 79 30.58 40.74 5.88
C VAL D 79 30.26 41.84 6.91
N ASN D 80 30.90 41.78 8.06
CA ASN D 80 30.69 42.78 9.10
C ASN D 80 31.70 43.92 8.98
N GLN D 81 31.20 45.09 8.63
CA GLN D 81 32.06 46.27 8.49
C GLN D 81 31.68 47.37 9.48
N GLY D 82 31.18 46.96 10.64
CA GLY D 82 30.82 47.91 11.68
C GLY D 82 32.03 48.43 12.43
N ASN D 83 32.07 49.74 12.64
CA ASN D 83 33.15 50.37 13.40
C ASN D 83 32.61 51.15 14.58
N SER D 84 33.06 50.77 15.79
CA SER D 84 32.57 51.38 17.02
C SER D 84 32.74 52.89 17.07
N GLY D 85 31.66 53.59 17.40
CA GLY D 85 31.70 55.03 17.58
C GLY D 85 31.53 55.83 16.30
N ASN D 86 31.16 55.15 15.22
CA ASN D 86 31.04 55.80 13.92
C ASN D 86 29.76 56.63 13.74
N THR D 87 29.90 57.75 13.06
CA THR D 87 28.77 58.53 12.60
C THR D 87 28.64 58.35 11.09
N VAL D 88 27.68 59.03 10.47
CA VAL D 88 27.51 58.92 9.02
C VAL D 88 28.68 59.63 8.32
N ARG D 89 29.35 60.51 9.06
CA ARG D 89 30.52 61.20 8.54
C ARG D 89 31.69 60.24 8.43
N ASP D 90 31.83 59.36 9.40
CA ASP D 90 32.90 58.35 9.40
C ASP D 90 32.68 57.33 8.28
N LEU D 91 31.43 56.97 8.04
CA LEU D 91 31.10 56.00 7.01
C LEU D 91 31.48 56.50 5.62
N ALA D 92 31.22 57.78 5.37
CA ALA D 92 31.53 58.38 4.08
C ALA D 92 33.04 58.41 3.83
N ALA D 93 33.82 58.44 4.90
CA ALA D 93 35.27 58.53 4.81
C ALA D 93 35.90 57.20 4.38
N ARG D 94 35.23 56.09 4.71
CA ARG D 94 35.78 54.77 4.44
C ARG D 94 34.90 53.95 3.50
N TRP D 95 33.94 54.61 2.85
CA TRP D 95 32.96 53.92 2.02
C TRP D 95 33.59 53.24 0.81
N GLN D 96 34.62 53.87 0.23
CA GLN D 96 35.29 53.31 -0.94
C GLN D 96 35.95 51.96 -0.64
N ASN D 97 36.67 51.89 0.47
CA ASN D 97 37.41 50.69 0.84
C ASN D 97 36.54 49.63 1.48
N ASP D 98 35.65 50.04 2.38
CA ASP D 98 34.90 49.10 3.19
C ASP D 98 33.59 48.64 2.55
N VAL D 99 33.16 49.31 1.49
CA VAL D 99 31.95 48.92 0.79
C VAL D 99 32.23 48.59 -0.68
N PHE D 100 32.53 49.62 -1.46
CA PHE D 100 32.78 49.45 -2.89
C PHE D 100 33.92 48.48 -3.18
N GLY D 101 34.95 48.51 -2.34
CA GLY D 101 36.11 47.66 -2.51
C GLY D 101 35.84 46.18 -2.34
N LEU D 102 34.73 45.86 -1.68
CA LEU D 102 34.38 44.47 -1.42
C LEU D 102 33.45 43.89 -2.48
N LYS D 103 33.09 44.73 -3.47
CA LYS D 103 32.18 44.35 -4.55
C LYS D 103 30.93 43.63 -4.06
N PRO D 104 30.10 44.33 -3.25
CA PRO D 104 28.94 43.68 -2.66
C PRO D 104 27.75 43.59 -3.61
N ASP D 105 26.95 42.54 -3.46
CA ASP D 105 25.71 42.42 -4.21
C ASP D 105 24.56 42.99 -3.39
N TYR D 106 24.78 43.09 -2.09
CA TYR D 106 23.82 43.72 -1.19
C TYR D 106 24.55 44.53 -0.12
N VAL D 107 23.93 45.63 0.31
CA VAL D 107 24.51 46.47 1.34
C VAL D 107 23.47 46.86 2.38
N ALA D 108 23.76 46.56 3.64
CA ALA D 108 22.88 46.95 4.74
C ALA D 108 23.58 47.94 5.66
N MET D 109 22.93 49.07 5.91
CA MET D 109 23.53 50.13 6.71
C MET D 109 22.65 50.57 7.87
N MET D 110 23.22 50.52 9.08
CA MET D 110 22.58 51.11 10.25
C MET D 110 23.51 52.15 10.86
N ILE D 111 23.14 53.42 10.71
CA ILE D 111 23.93 54.52 11.25
C ILE D 111 23.01 55.64 11.70
N GLY D 112 23.44 56.40 12.70
CA GLY D 112 22.65 57.51 13.20
C GLY D 112 22.60 57.58 14.72
N ILE D 113 22.87 56.45 15.37
CA ILE D 113 22.84 56.38 16.83
C ILE D 113 23.85 57.34 17.45
N ASN D 114 25.10 57.25 17.01
CA ASN D 114 26.15 58.14 17.52
C ASN D 114 25.95 59.57 17.03
N ASP D 115 25.38 59.71 15.85
CA ASP D 115 25.07 61.03 15.28
C ASP D 115 24.15 61.81 16.20
N VAL D 116 23.24 61.09 16.84
CA VAL D 116 22.29 61.69 17.78
C VAL D 116 22.86 61.76 19.19
N TRP D 117 23.42 60.63 19.65
CA TRP D 117 23.86 60.47 21.03
C TRP D 117 24.86 61.54 21.48
N ARG D 118 25.76 61.94 20.59
CA ARG D 118 26.79 62.91 20.94
C ARG D 118 26.20 64.28 21.27
N GLN D 119 25.01 64.54 20.75
CA GLN D 119 24.32 65.81 21.02
C GLN D 119 23.84 65.88 22.47
N PHE D 120 23.81 64.73 23.14
CA PHE D 120 23.27 64.67 24.50
C PHE D 120 24.30 64.30 25.57
N ASP D 121 25.28 63.45 25.23
CA ASP D 121 26.29 63.06 26.22
C ASP D 121 27.51 63.98 26.14
N LEU D 122 27.70 64.61 24.98
CA LEU D 122 28.69 65.66 24.83
C LEU D 122 28.06 66.89 24.19
N PRO D 123 27.16 67.56 24.94
CA PRO D 123 26.35 68.65 24.38
C PRO D 123 27.15 69.92 24.09
N LEU D 124 28.20 70.16 24.86
CA LEU D 124 28.98 71.40 24.73
C LEU D 124 29.94 71.34 23.54
N MET D 125 30.26 70.13 23.10
CA MET D 125 31.17 69.94 21.97
C MET D 125 30.38 69.83 20.67
N THR D 126 30.00 70.98 20.12
CA THR D 126 29.00 71.03 19.06
C THR D 126 29.55 70.87 17.64
N ASP D 127 30.87 70.75 17.51
CA ASP D 127 31.47 70.55 16.18
C ASP D 127 31.60 69.07 15.86
N ARG D 128 31.34 68.24 16.87
CA ARG D 128 31.39 66.80 16.71
C ARG D 128 29.97 66.27 16.63
N HIS D 129 29.03 67.19 16.52
CA HIS D 129 27.63 66.87 16.33
C HIS D 129 27.28 66.85 14.85
N VAL D 130 26.55 65.82 14.44
CA VAL D 130 26.08 65.74 13.06
C VAL D 130 24.62 66.18 12.99
N CYS D 131 24.41 67.42 12.54
CA CYS D 131 23.08 67.99 12.42
C CYS D 131 22.21 67.19 11.46
N PRO D 132 20.88 67.28 11.60
CA PRO D 132 19.97 66.53 10.72
C PRO D 132 20.22 66.79 9.24
N GLU D 133 20.59 68.02 8.90
CA GLU D 133 20.86 68.40 7.52
C GLU D 133 22.03 67.62 6.95
N GLU D 134 23.13 67.58 7.69
CA GLU D 134 24.31 66.85 7.25
C GLU D 134 24.04 65.35 7.18
N TYR D 135 23.29 64.86 8.16
CA TYR D 135 22.94 63.45 8.22
C TYR D 135 22.18 63.00 6.97
N GLU D 136 21.12 63.74 6.64
CA GLU D 136 20.30 63.42 5.48
C GLU D 136 21.09 63.52 4.18
N LYS D 137 21.86 64.59 4.05
CA LYS D 137 22.61 64.86 2.83
C LYS D 137 23.71 63.83 2.60
N THR D 138 24.33 63.39 3.68
CA THR D 138 25.39 62.38 3.59
C THR D 138 24.79 60.99 3.36
N LEU D 139 23.70 60.70 4.05
CA LEU D 139 23.02 59.41 3.93
C LEU D 139 22.47 59.22 2.52
N ASP D 140 21.76 60.22 2.03
CA ASP D 140 21.16 60.19 0.70
C ASP D 140 22.21 60.00 -0.39
N GLU D 141 23.30 60.75 -0.27
CA GLU D 141 24.38 60.72 -1.26
C GLU D 141 25.12 59.39 -1.26
N LEU D 142 25.31 58.79 -0.08
CA LEU D 142 25.91 57.47 0.01
C LEU D 142 25.02 56.44 -0.68
N VAL D 143 23.72 56.52 -0.41
CA VAL D 143 22.75 55.64 -1.04
C VAL D 143 22.67 55.90 -2.54
N ALA D 144 22.70 57.18 -2.91
CA ALA D 144 22.59 57.58 -4.31
C ALA D 144 23.74 57.06 -5.16
N ARG D 145 24.91 56.86 -4.57
CA ARG D 145 26.03 56.39 -5.37
C ARG D 145 26.24 54.88 -5.19
N THR D 146 25.53 54.28 -4.24
CA THR D 146 25.70 52.86 -3.98
C THR D 146 24.56 52.04 -4.59
N ALA D 147 23.33 52.49 -4.39
CA ALA D 147 22.14 51.79 -4.85
C ALA D 147 22.12 51.42 -6.35
N PRO D 148 22.55 52.34 -7.24
CA PRO D 148 22.48 51.95 -8.65
C PRO D 148 23.44 50.82 -9.03
N THR D 149 24.45 50.59 -8.19
CA THR D 149 25.50 49.57 -8.36
C THR D 149 25.26 48.24 -7.68
N VAL D 150 24.39 48.26 -6.72
CA VAL D 150 24.06 47.04 -5.99
C VAL D 150 22.76 46.42 -6.46
N LYS D 151 22.56 45.16 -6.10
CA LYS D 151 21.36 44.43 -6.46
C LYS D 151 20.21 44.78 -5.53
N GLY D 152 20.55 45.14 -4.30
CA GLY D 152 19.57 45.54 -3.30
C GLY D 152 20.22 46.29 -2.16
N MET D 153 19.61 47.40 -1.75
CA MET D 153 20.14 48.19 -0.65
C MET D 153 19.17 48.21 0.52
N ILE D 154 19.68 47.96 1.72
CA ILE D 154 18.85 47.88 2.91
C ILE D 154 19.28 48.92 3.95
N LEU D 155 18.30 49.65 4.48
CA LEU D 155 18.59 50.65 5.50
C LEU D 155 17.91 50.30 6.82
N LEU D 156 18.72 50.21 7.88
CA LEU D 156 18.20 49.91 9.21
C LEU D 156 18.15 51.17 10.05
N THR D 157 16.96 51.48 10.56
CA THR D 157 16.73 52.70 11.32
C THR D 157 17.57 52.75 12.59
N PRO D 158 18.13 53.93 12.90
CA PRO D 158 18.75 54.12 14.22
C PRO D 158 17.67 54.01 15.28
N TYR D 159 18.04 53.60 16.49
CA TYR D 159 17.04 53.36 17.52
C TYR D 159 17.46 53.89 18.88
N PHE D 160 16.49 54.00 19.78
CA PHE D 160 16.75 54.31 21.16
C PHE D 160 15.77 53.49 21.99
N ILE D 161 16.29 52.54 22.77
CA ILE D 161 15.45 51.67 23.57
C ILE D 161 14.80 52.46 24.69
N GLU D 162 13.75 53.20 24.35
CA GLU D 162 13.08 54.09 25.27
C GLU D 162 11.66 54.38 24.81
N PRO D 163 10.65 53.91 25.58
CA PRO D 163 9.23 54.05 25.22
C PRO D 163 8.73 55.50 25.24
N ASN D 164 9.31 56.34 26.09
CA ASN D 164 8.88 57.74 26.17
C ASN D 164 9.24 58.49 24.90
N ARG D 165 8.23 58.78 24.09
CA ARG D 165 8.41 59.49 22.84
C ARG D 165 8.75 60.96 23.07
N GLU D 166 8.52 61.42 24.29
CA GLU D 166 8.78 62.82 24.63
C GLU D 166 10.19 63.00 25.18
N ASP D 167 10.91 61.90 25.39
CA ASP D 167 12.30 61.97 25.80
C ASP D 167 13.09 62.68 24.70
N ALA D 168 13.86 63.69 25.10
CA ALA D 168 14.57 64.55 24.15
C ALA D 168 15.45 63.78 23.19
N MET D 169 16.02 62.66 23.65
CA MET D 169 16.89 61.86 22.79
C MET D 169 16.09 60.90 21.92
N ARG D 170 15.05 60.31 22.48
CA ARG D 170 14.17 59.43 21.72
C ARG D 170 13.52 60.21 20.58
N ALA D 171 13.07 61.43 20.88
CA ALA D 171 12.45 62.30 19.89
C ALA D 171 13.46 62.71 18.82
N ARG D 172 14.69 62.99 19.25
CA ARG D 172 15.75 63.37 18.33
C ARG D 172 16.12 62.18 17.45
N MET D 173 16.08 60.98 18.03
CA MET D 173 16.37 59.76 17.29
C MET D 173 15.29 59.49 16.25
N ASP D 174 14.05 59.78 16.61
CA ASP D 174 12.91 59.58 15.71
C ASP D 174 13.03 60.47 14.47
N VAL D 175 13.59 61.66 14.65
CA VAL D 175 13.80 62.59 13.56
C VAL D 175 14.78 62.02 12.54
N TYR D 176 15.93 61.56 13.04
CA TYR D 176 16.94 60.96 12.18
C TYR D 176 16.44 59.65 11.58
N GLY D 177 15.67 58.91 12.36
CA GLY D 177 15.09 57.66 11.90
C GLY D 177 14.11 57.85 10.77
N ASP D 178 13.35 58.94 10.83
CA ASP D 178 12.40 59.27 9.77
C ASP D 178 13.14 59.77 8.54
N LEU D 179 14.25 60.47 8.78
CA LEU D 179 15.07 61.01 7.70
C LEU D 179 15.62 59.90 6.82
N MET D 180 16.04 58.80 7.44
CA MET D 180 16.53 57.63 6.71
C MET D 180 15.40 57.01 5.90
N ARG D 181 14.22 56.97 6.49
CA ARG D 181 13.02 56.42 5.84
C ARG D 181 12.72 57.17 4.55
N ARG D 182 12.97 58.48 4.54
CA ARG D 182 12.74 59.30 3.37
C ARG D 182 13.76 58.99 2.27
N VAL D 183 15.02 58.83 2.68
CA VAL D 183 16.09 58.49 1.75
C VAL D 183 15.81 57.15 1.07
N ALA D 184 15.42 56.17 1.88
CA ALA D 184 15.10 54.84 1.37
C ALA D 184 13.93 54.89 0.39
N GLU D 185 12.92 55.71 0.71
CA GLU D 185 11.74 55.83 -0.12
C GLU D 185 12.05 56.42 -1.50
N ARG D 186 12.85 57.49 -1.53
CA ARG D 186 13.13 58.17 -2.78
C ARG D 186 14.17 57.43 -3.63
N HIS D 187 14.81 56.43 -3.04
CA HIS D 187 15.81 55.64 -3.75
C HIS D 187 15.39 54.17 -3.89
N GLY D 188 14.17 53.86 -3.46
CA GLY D 188 13.64 52.51 -3.58
C GLY D 188 14.38 51.48 -2.77
N CYS D 189 14.89 51.90 -1.61
CA CYS D 189 15.58 50.98 -0.72
C CYS D 189 14.60 50.28 0.21
N LEU D 190 15.02 49.17 0.80
CA LEU D 190 14.22 48.48 1.79
C LEU D 190 14.54 49.03 3.17
N LEU D 191 13.51 49.49 3.88
CA LEU D 191 13.71 50.04 5.21
C LEU D 191 13.35 49.02 6.28
N VAL D 192 14.25 48.85 7.25
CA VAL D 192 14.00 47.97 8.38
C VAL D 192 13.69 48.78 9.63
N ASP D 193 12.44 48.72 10.09
CA ASP D 193 12.01 49.48 11.25
C ASP D 193 12.49 48.82 12.54
N VAL D 194 13.77 49.00 12.85
CA VAL D 194 14.36 48.45 14.05
C VAL D 194 13.74 49.07 15.30
N GLN D 195 13.51 50.38 15.24
CA GLN D 195 12.89 51.12 16.34
C GLN D 195 11.51 50.55 16.66
N GLY D 196 10.74 50.27 15.61
CA GLY D 196 9.41 49.71 15.77
C GLY D 196 9.44 48.33 16.40
N ALA D 197 10.50 47.56 16.08
CA ALA D 197 10.67 46.23 16.65
C ALA D 197 10.91 46.32 18.16
N PHE D 198 11.72 47.29 18.56
CA PHE D 198 11.99 47.51 19.98
C PHE D 198 10.74 47.99 20.70
N ASP D 199 9.98 48.87 20.04
CA ASP D 199 8.73 49.40 20.61
C ASP D 199 7.75 48.27 20.91
N ARG D 200 7.72 47.26 20.04
CA ARG D 200 6.87 46.10 20.25
C ARG D 200 7.35 45.28 21.45
N TYR D 201 8.67 45.13 21.56
CA TYR D 201 9.26 44.39 22.68
C TYR D 201 8.96 45.07 24.01
N LEU D 202 9.09 46.40 24.02
CA LEU D 202 8.96 47.18 25.24
C LEU D 202 7.55 47.18 25.81
N GLN D 203 6.60 46.61 25.06
CA GLN D 203 5.25 46.44 25.56
C GLN D 203 5.21 45.41 26.68
N HIS D 204 6.22 44.59 26.73
CA HIS D 204 6.30 43.55 27.72
C HIS D 204 7.38 43.70 28.72
N TYR D 205 8.38 44.48 28.39
CA TYR D 205 9.54 44.65 29.25
C TYR D 205 10.05 46.09 29.32
N HIS D 206 10.72 46.40 30.42
CA HIS D 206 11.37 47.70 30.60
C HIS D 206 12.77 47.65 29.99
N PRO D 207 13.20 48.75 29.34
CA PRO D 207 14.50 48.90 28.66
C PRO D 207 15.68 48.29 29.41
N ALA D 208 15.63 48.28 30.74
CA ALA D 208 16.71 47.72 31.55
C ALA D 208 16.88 46.22 31.30
N GLN D 209 15.79 45.57 30.90
CA GLN D 209 15.82 44.14 30.56
C GLN D 209 16.77 43.88 29.40
N LEU D 210 16.84 44.82 28.47
CA LEU D 210 17.70 44.68 27.30
C LEU D 210 19.03 45.41 27.45
N ALA D 211 18.97 46.69 27.77
CA ALA D 211 20.17 47.52 27.79
C ALA D 211 20.14 48.56 28.91
N TRP D 212 21.19 48.60 29.72
CA TRP D 212 21.31 49.60 30.76
C TRP D 212 21.43 51.00 30.18
N ASP D 213 22.16 51.11 29.07
CA ASP D 213 22.36 52.42 28.43
C ASP D 213 21.36 52.66 27.29
N ARG D 214 20.40 51.75 27.16
CA ARG D 214 19.33 51.86 26.16
C ARG D 214 19.84 51.91 24.73
N ILE D 215 21.09 51.47 24.51
CA ILE D 215 21.67 51.46 23.18
C ILE D 215 22.33 50.11 22.88
N HIS D 216 23.28 49.72 23.71
CA HIS D 216 23.95 48.43 23.57
C HIS D 216 23.22 47.37 24.37
N PRO D 217 22.49 46.47 23.69
CA PRO D 217 21.67 45.49 24.37
C PRO D 217 22.38 44.16 24.58
N ASN D 218 21.74 43.26 25.34
CA ASN D 218 22.22 41.89 25.44
C ASN D 218 21.87 41.14 24.16
N LEU D 219 22.10 39.84 24.15
CA LEU D 219 21.87 39.05 22.94
C LEU D 219 20.41 39.08 22.51
N ALA D 220 19.50 39.15 23.48
CA ALA D 220 18.07 39.23 23.20
C ALA D 220 17.73 40.49 22.42
N GLY D 221 18.39 41.59 22.80
CA GLY D 221 18.19 42.85 22.11
C GLY D 221 18.70 42.81 20.68
N HIS D 222 19.84 42.17 20.49
CA HIS D 222 20.38 41.98 19.15
C HIS D 222 19.50 41.05 18.33
N GLN D 223 18.83 40.12 19.02
CA GLN D 223 17.91 39.21 18.35
C GLN D 223 16.69 39.97 17.84
N VAL D 224 16.26 40.97 18.60
CA VAL D 224 15.17 41.85 18.19
C VAL D 224 15.53 42.56 16.88
N ILE D 225 16.74 43.10 16.85
CA ILE D 225 17.25 43.76 15.65
C ILE D 225 17.32 42.81 14.47
N ALA D 226 17.90 41.63 14.71
CA ALA D 226 18.07 40.62 13.67
C ALA D 226 16.74 40.17 13.10
N ASN D 227 15.77 39.90 13.98
CA ASN D 227 14.45 39.45 13.55
C ASN D 227 13.71 40.51 12.76
N ALA D 228 13.94 41.77 13.08
CA ALA D 228 13.36 42.88 12.33
C ALA D 228 13.90 42.87 10.91
N PHE D 229 15.19 42.58 10.79
CA PHE D 229 15.86 42.49 9.51
C PHE D 229 15.33 41.30 8.71
N LEU D 230 15.25 40.15 9.36
CA LEU D 230 14.83 38.91 8.71
C LEU D 230 13.38 38.96 8.27
N ALA D 231 12.55 39.63 9.04
CA ALA D 231 11.13 39.80 8.69
C ALA D 231 10.98 40.71 7.47
N ALA D 232 11.81 41.75 7.42
CA ALA D 232 11.77 42.70 6.32
C ALA D 232 12.24 42.08 5.02
N THR D 233 13.22 41.19 5.11
CA THR D 233 13.77 40.52 3.94
C THR D 233 13.04 39.19 3.67
N GLY D 234 12.03 38.91 4.49
CA GLY D 234 11.17 37.76 4.27
C GLY D 234 11.82 36.40 4.47
N CYS D 235 12.63 36.27 5.52
CA CYS D 235 13.23 34.98 5.84
C CYS D 235 13.30 34.78 7.35
N LEU D 236 12.34 35.36 8.07
CA LEU D 236 12.26 35.22 9.52
C LEU D 236 11.95 33.78 9.92
N ASN D 237 10.99 33.18 9.24
CA ASN D 237 10.62 31.79 9.48
C ASN D 237 11.10 30.90 8.34
N SER D 238 11.03 29.59 8.54
CA SER D 238 11.47 28.63 7.54
C SER D 238 10.65 27.35 7.58
N GLY E 21 -36.93 -30.56 -36.96
CA GLY E 21 -36.81 -29.20 -36.45
C GLY E 21 -35.41 -28.88 -35.98
N MET E 22 -34.45 -29.73 -36.35
CA MET E 22 -33.07 -29.55 -35.92
C MET E 22 -32.35 -28.49 -36.76
N TYR E 23 -31.63 -27.62 -36.07
CA TYR E 23 -31.00 -26.44 -36.67
C TYR E 23 -29.72 -26.77 -37.42
N PHE E 24 -29.04 -27.84 -37.00
CA PHE E 24 -27.77 -28.22 -37.62
C PHE E 24 -27.94 -29.23 -38.75
N ALA E 25 -27.23 -29.01 -39.85
CA ALA E 25 -27.20 -29.97 -40.95
C ALA E 25 -26.32 -31.15 -40.56
N ALA E 26 -26.64 -32.33 -41.09
CA ALA E 26 -25.90 -33.53 -40.75
C ALA E 26 -24.46 -33.47 -41.25
N GLY E 27 -23.51 -33.83 -40.39
CA GLY E 27 -22.11 -33.86 -40.75
C GLY E 27 -21.44 -32.50 -40.70
N SER E 28 -22.08 -31.55 -40.02
CA SER E 28 -21.56 -30.20 -39.93
C SER E 28 -20.53 -30.04 -38.80
N LYS E 29 -19.66 -29.05 -38.95
CA LYS E 29 -18.70 -28.71 -37.90
C LYS E 29 -19.15 -27.46 -37.16
N LEU E 30 -19.23 -27.55 -35.84
CA LEU E 30 -19.63 -26.42 -35.01
C LEU E 30 -18.46 -25.94 -34.15
N VAL E 31 -18.09 -24.68 -34.32
CA VAL E 31 -17.01 -24.09 -33.52
C VAL E 31 -17.58 -23.18 -32.44
N ILE E 32 -17.36 -23.55 -31.19
CA ILE E 32 -17.82 -22.76 -30.06
C ILE E 32 -16.65 -22.01 -29.43
N ILE E 33 -16.75 -20.69 -29.40
CA ILE E 33 -15.67 -19.85 -28.89
C ILE E 33 -16.18 -18.93 -27.78
N GLY E 34 -15.36 -18.71 -26.77
CA GLY E 34 -15.73 -17.87 -25.65
C GLY E 34 -14.69 -17.81 -24.55
N ASP E 35 -15.14 -17.69 -23.30
CA ASP E 35 -14.25 -17.54 -22.17
C ASP E 35 -14.07 -18.85 -21.38
N SER E 36 -13.88 -18.74 -20.07
CA SER E 36 -13.62 -19.89 -19.23
C SER E 36 -14.82 -20.84 -19.13
N ILE E 37 -16.01 -20.27 -19.25
CA ILE E 37 -17.23 -21.07 -19.23
C ILE E 37 -17.26 -22.01 -20.43
N THR E 38 -16.73 -21.51 -21.56
CA THR E 38 -16.57 -22.34 -22.74
C THR E 38 -15.33 -23.21 -22.62
N ASP E 39 -14.24 -22.62 -22.12
CA ASP E 39 -12.98 -23.32 -21.92
C ASP E 39 -13.16 -24.58 -21.07
N ALA E 40 -13.58 -24.38 -19.82
CA ALA E 40 -13.88 -25.46 -18.89
C ALA E 40 -12.72 -26.43 -18.70
N GLY E 41 -11.50 -25.89 -18.70
CA GLY E 41 -10.32 -26.68 -18.39
C GLY E 41 -9.91 -27.68 -19.45
N ARG E 42 -10.19 -27.36 -20.71
CA ARG E 42 -9.79 -28.23 -21.82
C ARG E 42 -8.29 -28.20 -22.01
N ASP E 43 -7.75 -29.21 -22.71
CA ASP E 43 -6.34 -29.21 -23.08
C ASP E 43 -6.17 -28.48 -24.40
N LYS E 44 -5.50 -27.33 -24.36
CA LYS E 44 -5.39 -26.46 -25.52
C LYS E 44 -4.33 -26.91 -26.51
N GLY E 45 -3.51 -27.88 -26.11
CA GLY E 45 -2.51 -28.44 -27.01
C GLY E 45 -3.15 -29.29 -28.09
N ILE E 46 -4.41 -29.67 -27.87
CA ILE E 46 -5.14 -30.53 -28.78
C ILE E 46 -5.94 -29.71 -29.79
N GLY E 47 -6.29 -28.47 -29.40
CA GLY E 47 -6.91 -27.54 -30.32
C GLY E 47 -8.41 -27.60 -30.42
N GLY E 48 -9.07 -27.98 -29.33
CA GLY E 48 -10.52 -27.96 -29.28
C GLY E 48 -11.19 -29.26 -29.69
N GLU E 49 -10.53 -30.03 -30.55
CA GLU E 49 -11.05 -31.33 -30.95
C GLU E 49 -9.93 -32.36 -30.97
N GLY E 50 -10.21 -33.53 -30.42
CA GLY E 50 -9.23 -34.59 -30.33
C GLY E 50 -9.70 -35.76 -29.50
N LEU E 51 -8.77 -36.66 -29.19
CA LEU E 51 -9.11 -37.91 -28.52
C LEU E 51 -9.54 -37.74 -27.06
N PHE E 52 -8.66 -37.16 -26.25
CA PHE E 52 -8.91 -37.07 -24.81
C PHE E 52 -8.98 -35.63 -24.31
N ASN E 53 -10.08 -35.30 -23.63
CA ASN E 53 -10.26 -33.99 -23.00
C ASN E 53 -9.99 -32.81 -23.93
N ALA E 54 -10.69 -32.77 -25.05
CA ALA E 54 -10.55 -31.66 -25.98
C ALA E 54 -11.63 -30.62 -25.72
N HIS E 55 -12.66 -31.01 -24.97
CA HIS E 55 -13.82 -30.17 -24.75
C HIS E 55 -13.94 -29.67 -23.30
N GLY E 56 -13.12 -30.22 -22.42
CA GLY E 56 -13.17 -29.85 -21.02
C GLY E 56 -14.31 -30.55 -20.29
N SER E 57 -14.79 -29.95 -19.22
CA SER E 57 -15.86 -30.54 -18.41
C SER E 57 -17.01 -29.57 -18.18
N GLY E 58 -17.32 -28.76 -19.18
CA GLY E 58 -18.40 -27.79 -19.08
C GLY E 58 -19.54 -28.07 -20.03
N TYR E 59 -20.25 -27.03 -20.43
CA TYR E 59 -21.44 -27.19 -21.26
C TYR E 59 -21.11 -27.64 -22.67
N VAL E 60 -19.91 -27.31 -23.13
CA VAL E 60 -19.47 -27.72 -24.46
C VAL E 60 -19.36 -29.25 -24.53
N ALA E 61 -18.77 -29.84 -23.50
CA ALA E 61 -18.65 -31.29 -23.41
C ALA E 61 -20.02 -31.93 -23.23
N LEU E 62 -20.86 -31.30 -22.42
CA LEU E 62 -22.23 -31.75 -22.23
C LEU E 62 -22.99 -31.72 -23.55
N LEU E 63 -22.73 -30.68 -24.34
CA LEU E 63 -23.33 -30.53 -25.66
C LEU E 63 -22.86 -31.65 -26.58
N ASN E 64 -21.56 -31.92 -26.57
CA ASN E 64 -20.98 -32.96 -27.40
C ASN E 64 -21.49 -34.35 -27.04
N ALA E 65 -21.62 -34.59 -25.73
CA ALA E 65 -22.09 -35.88 -25.23
C ALA E 65 -23.56 -36.10 -25.55
N HIS E 66 -24.35 -35.02 -25.43
CA HIS E 66 -25.78 -35.09 -25.69
C HIS E 66 -26.07 -35.34 -27.17
N LEU E 67 -25.36 -34.64 -28.03
CA LEU E 67 -25.58 -34.76 -29.47
C LEU E 67 -25.17 -36.13 -30.01
N PHE E 68 -24.13 -36.71 -29.44
CA PHE E 68 -23.69 -38.04 -29.85
C PHE E 68 -24.64 -39.13 -29.36
N ALA E 69 -25.02 -39.06 -28.08
CA ALA E 69 -25.82 -40.10 -27.46
C ALA E 69 -27.25 -40.14 -27.99
N ARG E 70 -27.79 -38.98 -28.36
CA ARG E 70 -29.17 -38.90 -28.82
C ARG E 70 -29.28 -38.83 -30.34
N PHE E 71 -28.26 -38.27 -30.98
CA PHE E 71 -28.24 -38.16 -32.43
C PHE E 71 -26.92 -38.65 -33.05
N PRO E 72 -26.59 -39.93 -32.86
CA PRO E 72 -25.33 -40.42 -33.42
C PRO E 72 -25.33 -40.40 -34.95
N GLU E 73 -26.53 -40.35 -35.53
CA GLU E 73 -26.68 -40.33 -36.98
C GLU E 73 -26.32 -38.98 -37.56
N ARG E 74 -26.41 -37.94 -36.74
CA ARG E 74 -26.17 -36.57 -37.18
C ARG E 74 -24.70 -36.32 -37.49
N ARG E 75 -23.82 -37.00 -36.77
CA ARG E 75 -22.38 -36.90 -36.97
C ARG E 75 -21.89 -35.46 -36.89
N LEU E 76 -22.30 -34.76 -35.83
CA LEU E 76 -21.91 -33.37 -35.65
C LEU E 76 -20.53 -33.26 -35.00
N ARG E 77 -19.65 -32.50 -35.64
CA ARG E 77 -18.31 -32.28 -35.11
C ARG E 77 -18.26 -30.97 -34.32
N LEU E 78 -17.94 -31.08 -33.03
CA LEU E 78 -17.88 -29.90 -32.16
C LEU E 78 -16.44 -29.55 -31.80
N VAL E 79 -16.15 -28.25 -31.80
CA VAL E 79 -14.81 -27.76 -31.46
C VAL E 79 -14.88 -26.72 -30.36
N ASN E 80 -14.06 -26.90 -29.32
CA ASN E 80 -14.03 -25.98 -28.20
C ASN E 80 -12.88 -24.99 -28.31
N GLN E 81 -13.21 -23.72 -28.54
CA GLN E 81 -12.18 -22.69 -28.68
C GLN E 81 -12.30 -21.63 -27.60
N GLY E 82 -12.71 -22.04 -26.39
CA GLY E 82 -12.83 -21.13 -25.28
C GLY E 82 -11.49 -20.86 -24.60
N ASN E 83 -11.20 -19.57 -24.39
CA ASN E 83 -10.01 -19.18 -23.66
C ASN E 83 -10.39 -18.43 -22.39
N SER E 84 -9.94 -18.93 -21.25
CA SER E 84 -10.29 -18.33 -19.96
C SER E 84 -9.77 -16.91 -19.83
N GLY E 85 -10.61 -16.04 -19.24
CA GLY E 85 -10.24 -14.65 -19.01
C GLY E 85 -10.52 -13.75 -20.20
N ASN E 86 -10.90 -14.34 -21.32
CA ASN E 86 -11.08 -13.59 -22.56
C ASN E 86 -12.25 -12.62 -22.54
N THR E 87 -12.00 -11.41 -23.06
CA THR E 87 -13.06 -10.46 -23.34
C THR E 87 -13.35 -10.53 -24.84
N VAL E 88 -14.29 -9.71 -25.31
CA VAL E 88 -14.60 -9.67 -26.73
C VAL E 88 -13.41 -9.12 -27.51
N ARG E 89 -12.55 -8.38 -26.83
CA ARG E 89 -11.36 -7.80 -27.43
C ARG E 89 -10.29 -8.88 -27.66
N ASP E 90 -10.22 -9.83 -26.74
CA ASP E 90 -9.31 -10.97 -26.89
C ASP E 90 -9.76 -11.87 -28.03
N LEU E 91 -11.07 -12.02 -28.18
CA LEU E 91 -11.64 -12.85 -29.22
C LEU E 91 -11.34 -12.30 -30.61
N ALA E 92 -11.33 -10.97 -30.72
CA ALA E 92 -11.07 -10.30 -31.99
C ALA E 92 -9.64 -10.53 -32.47
N ALA E 93 -8.72 -10.74 -31.52
CA ALA E 93 -7.31 -10.86 -31.85
C ALA E 93 -6.93 -12.27 -32.31
N ARG E 94 -7.80 -13.24 -32.06
CA ARG E 94 -7.51 -14.63 -32.43
C ARG E 94 -8.61 -15.23 -33.30
N TRP E 95 -9.47 -14.37 -33.85
CA TRP E 95 -10.63 -14.82 -34.61
C TRP E 95 -10.24 -15.51 -35.92
N GLN E 96 -9.21 -15.00 -36.58
CA GLN E 96 -8.79 -15.55 -37.86
C GLN E 96 -8.29 -16.99 -37.75
N ASN E 97 -7.53 -17.28 -36.71
CA ASN E 97 -6.96 -18.62 -36.54
CA ASN E 97 -6.95 -18.62 -36.53
C ASN E 97 -7.90 -19.58 -35.82
N ASP E 98 -8.61 -19.08 -34.82
CA ASP E 98 -9.46 -19.94 -33.99
C ASP E 98 -10.88 -20.13 -34.55
N VAL E 99 -11.25 -19.36 -35.57
CA VAL E 99 -12.56 -19.53 -36.18
C VAL E 99 -12.47 -19.79 -37.68
N PHE E 100 -12.05 -18.78 -38.44
CA PHE E 100 -12.00 -18.89 -39.89
C PHE E 100 -11.04 -19.98 -40.36
N GLY E 101 -9.95 -20.16 -39.63
CA GLY E 101 -8.94 -21.14 -40.00
C GLY E 101 -9.41 -22.57 -39.88
N LEU E 102 -10.53 -22.78 -39.18
CA LEU E 102 -11.03 -24.13 -38.93
C LEU E 102 -12.21 -24.49 -39.84
N LYS E 103 -12.48 -23.62 -40.80
CA LYS E 103 -13.54 -23.83 -41.80
C LYS E 103 -14.87 -24.29 -41.19
N PRO E 104 -15.46 -23.48 -40.30
CA PRO E 104 -16.65 -23.94 -39.59
C PRO E 104 -17.93 -23.85 -40.42
N ASP E 105 -18.88 -24.74 -40.13
CA ASP E 105 -20.20 -24.68 -40.73
C ASP E 105 -21.12 -23.84 -39.85
N TYR E 106 -20.90 -23.91 -38.55
CA TYR E 106 -21.63 -23.13 -37.58
C TYR E 106 -20.69 -22.54 -36.54
N VAL E 107 -21.02 -21.36 -36.03
CA VAL E 107 -20.22 -20.73 -34.99
C VAL E 107 -21.10 -20.32 -33.80
N ALA E 108 -20.77 -20.86 -32.63
CA ALA E 108 -21.44 -20.47 -31.40
C ALA E 108 -20.52 -19.60 -30.56
N MET E 109 -21.06 -18.57 -29.93
CA MET E 109 -20.24 -17.58 -29.26
C MET E 109 -20.87 -17.08 -27.96
N MET E 110 -20.18 -17.33 -26.84
CA MET E 110 -20.58 -16.75 -25.56
C MET E 110 -19.44 -15.90 -25.01
N ILE E 111 -19.64 -14.59 -25.03
CA ILE E 111 -18.62 -13.66 -24.54
C ILE E 111 -19.30 -12.47 -23.87
N GLY E 112 -18.61 -11.86 -22.91
CA GLY E 112 -19.14 -10.69 -22.23
C GLY E 112 -19.04 -10.71 -20.72
N ILE E 113 -18.99 -11.90 -20.14
CA ILE E 113 -18.94 -12.04 -18.68
C ILE E 113 -17.72 -11.32 -18.10
N ASN E 114 -16.54 -11.60 -18.65
CA ASN E 114 -15.33 -10.93 -18.20
C ASN E 114 -15.35 -9.45 -18.55
N ASP E 115 -15.97 -9.11 -19.67
CA ASP E 115 -16.10 -7.73 -20.11
C ASP E 115 -16.83 -6.89 -19.06
N VAL E 116 -17.82 -7.50 -18.42
CA VAL E 116 -18.59 -6.86 -17.36
C VAL E 116 -17.90 -7.01 -16.02
N TRP E 117 -17.42 -8.22 -15.73
CA TRP E 117 -16.90 -8.58 -14.42
C TRP E 117 -15.75 -7.69 -13.96
N ARG E 118 -14.81 -7.42 -14.86
CA ARG E 118 -13.62 -6.64 -14.53
C ARG E 118 -13.98 -5.24 -14.05
N GLN E 119 -15.15 -4.75 -14.44
CA GLN E 119 -15.60 -3.43 -14.02
C GLN E 119 -15.98 -3.43 -12.54
N PHE E 120 -16.09 -4.61 -11.94
CA PHE E 120 -16.53 -4.72 -10.55
C PHE E 120 -15.50 -5.34 -9.61
N ASP E 121 -14.71 -6.30 -10.09
CA ASP E 121 -13.67 -6.87 -9.24
C ASP E 121 -12.36 -6.08 -9.38
N LEU E 122 -12.22 -5.38 -10.50
CA LEU E 122 -11.11 -4.46 -10.71
C LEU E 122 -11.63 -3.11 -11.18
N PRO E 123 -12.36 -2.39 -10.31
CA PRO E 123 -13.07 -1.18 -10.71
C PRO E 123 -12.14 0.00 -11.02
N LEU E 124 -10.91 -0.03 -10.48
CA LEU E 124 -9.98 1.08 -10.67
C LEU E 124 -9.20 0.97 -11.97
N MET E 125 -9.13 -0.23 -12.52
CA MET E 125 -8.40 -0.45 -13.77
C MET E 125 -9.27 -0.09 -14.97
N THR E 126 -9.23 1.17 -15.38
CA THR E 126 -10.19 1.69 -16.36
C THR E 126 -10.10 1.09 -17.79
N ASP E 127 -8.91 1.02 -18.42
CA ASP E 127 -8.85 0.63 -19.82
C ASP E 127 -8.72 -0.89 -20.01
N ARG E 128 -8.58 -1.62 -18.92
CA ARG E 128 -8.80 -3.08 -18.92
C ARG E 128 -10.27 -3.32 -19.27
N HIS E 129 -11.11 -2.38 -18.86
CA HIS E 129 -12.55 -2.47 -19.06
C HIS E 129 -12.95 -2.31 -20.52
N VAL E 130 -13.87 -3.17 -20.95
CA VAL E 130 -14.48 -3.05 -22.26
C VAL E 130 -15.85 -2.39 -22.13
N CYS E 131 -15.94 -1.13 -22.51
CA CYS E 131 -17.20 -0.37 -22.42
C CYS E 131 -18.26 -0.96 -23.35
N PRO E 132 -19.54 -0.67 -23.08
CA PRO E 132 -20.64 -1.20 -23.91
C PRO E 132 -20.54 -0.81 -25.38
N GLU E 133 -20.03 0.38 -25.69
CA GLU E 133 -19.89 0.80 -27.08
C GLU E 133 -18.86 -0.07 -27.80
N GLU E 134 -17.69 -0.23 -27.17
CA GLU E 134 -16.64 -1.07 -27.73
C GLU E 134 -17.11 -2.52 -27.84
N TYR E 135 -17.80 -2.99 -26.80
CA TYR E 135 -18.34 -4.34 -26.78
C TYR E 135 -19.29 -4.59 -27.94
N GLU E 136 -20.20 -3.64 -28.16
CA GLU E 136 -21.18 -3.77 -29.24
C GLU E 136 -20.51 -3.74 -30.61
N LYS E 137 -19.63 -2.77 -30.82
CA LYS E 137 -18.96 -2.60 -32.10
C LYS E 137 -18.08 -3.80 -32.46
N THR E 138 -17.32 -4.28 -31.49
CA THR E 138 -16.42 -5.41 -31.71
C THR E 138 -17.22 -6.68 -31.99
N LEU E 139 -18.24 -6.93 -31.19
CA LEU E 139 -19.11 -8.09 -31.34
C LEU E 139 -19.82 -8.05 -32.69
N ASP E 140 -20.21 -6.86 -33.11
CA ASP E 140 -20.91 -6.68 -34.37
C ASP E 140 -19.99 -6.94 -35.56
N GLU E 141 -18.78 -6.41 -35.51
CA GLU E 141 -17.83 -6.57 -36.60
C GLU E 141 -17.40 -8.02 -36.77
N LEU E 142 -17.35 -8.75 -35.66
CA LEU E 142 -17.02 -10.18 -35.70
C LEU E 142 -18.15 -10.96 -36.35
N VAL E 143 -19.39 -10.61 -36.01
CA VAL E 143 -20.55 -11.28 -36.57
C VAL E 143 -20.76 -10.88 -38.03
N ALA E 144 -20.57 -9.61 -38.33
CA ALA E 144 -20.80 -9.08 -39.67
C ALA E 144 -19.91 -9.73 -40.73
N ARG E 145 -18.70 -10.12 -40.34
CA ARG E 145 -17.75 -10.71 -41.28
C ARG E 145 -17.80 -12.23 -41.28
N THR E 146 -18.43 -12.80 -40.26
CA THR E 146 -18.50 -14.25 -40.14
C THR E 146 -19.87 -14.77 -40.61
N ALA E 147 -20.85 -13.88 -40.64
CA ALA E 147 -22.23 -14.25 -41.01
C ALA E 147 -22.36 -14.90 -42.39
N PRO E 148 -21.79 -14.28 -43.46
CA PRO E 148 -22.00 -14.92 -44.76
C PRO E 148 -21.17 -16.19 -44.93
N THR E 149 -20.13 -16.33 -44.12
CA THR E 149 -19.20 -17.44 -44.21
C THR E 149 -19.83 -18.77 -43.80
N VAL E 150 -20.73 -18.72 -42.83
CA VAL E 150 -21.26 -19.95 -42.22
C VAL E 150 -22.71 -20.25 -42.59
N LYS E 151 -23.14 -21.46 -42.24
CA LYS E 151 -24.53 -21.88 -42.45
C LYS E 151 -25.45 -21.20 -41.44
N GLY E 152 -24.87 -20.78 -40.33
CA GLY E 152 -25.63 -20.11 -39.27
C GLY E 152 -24.75 -19.78 -38.09
N MET E 153 -25.11 -18.72 -37.36
CA MET E 153 -24.35 -18.32 -36.19
C MET E 153 -25.22 -18.26 -34.94
N ILE E 154 -24.69 -18.82 -33.85
CA ILE E 154 -25.38 -18.81 -32.58
C ILE E 154 -24.70 -17.88 -31.60
N LEU E 155 -25.46 -16.94 -31.04
CA LEU E 155 -24.94 -16.06 -30.01
C LEU E 155 -25.57 -16.39 -28.66
N LEU E 156 -24.73 -16.78 -27.70
CA LEU E 156 -25.21 -17.10 -26.36
C LEU E 156 -24.94 -15.94 -25.41
N THR E 157 -25.99 -15.44 -24.78
CA THR E 157 -25.87 -14.28 -23.91
C THR E 157 -24.96 -14.54 -22.71
N PRO E 158 -24.21 -13.51 -22.30
CA PRO E 158 -23.46 -13.61 -21.04
C PRO E 158 -24.44 -13.60 -19.88
N TYR E 159 -24.04 -14.17 -18.74
CA TYR E 159 -24.97 -14.29 -17.63
C TYR E 159 -24.33 -13.95 -16.29
N PHE E 160 -25.19 -13.69 -15.31
CA PHE E 160 -24.75 -13.54 -13.93
C PHE E 160 -25.77 -14.28 -13.07
N ILE E 161 -25.33 -15.35 -12.43
CA ILE E 161 -26.24 -16.17 -11.63
C ILE E 161 -26.63 -15.41 -10.37
N GLU E 162 -27.54 -14.45 -10.55
CA GLU E 162 -28.01 -13.60 -9.46
C GLU E 162 -29.40 -13.07 -9.78
N PRO E 163 -30.39 -13.40 -8.93
CA PRO E 163 -31.78 -12.99 -9.14
C PRO E 163 -32.01 -11.49 -8.94
N ASN E 164 -31.22 -10.85 -8.08
CA ASN E 164 -31.39 -9.43 -7.82
C ASN E 164 -31.11 -8.58 -9.06
N ARG E 165 -32.19 -8.17 -9.73
CA ARG E 165 -32.08 -7.40 -10.96
C ARG E 165 -31.56 -5.99 -10.71
N GLU E 166 -31.53 -5.59 -9.45
CA GLU E 166 -31.05 -4.26 -9.09
C GLU E 166 -29.60 -4.28 -8.62
N ASP E 167 -29.00 -5.47 -8.58
CA ASP E 167 -27.57 -5.57 -8.29
C ASP E 167 -26.79 -4.90 -9.41
N ALA E 168 -25.79 -4.11 -9.03
CA ALA E 168 -25.04 -3.29 -9.99
C ALA E 168 -24.45 -4.13 -11.12
N MET E 169 -23.98 -5.33 -10.79
CA MET E 169 -23.34 -6.18 -11.79
C MET E 169 -24.37 -6.92 -12.65
N ARG E 170 -25.46 -7.38 -12.03
CA ARG E 170 -26.50 -8.07 -12.78
C ARG E 170 -27.14 -7.13 -13.81
N ALA E 171 -27.38 -5.89 -13.39
CA ALA E 171 -27.99 -4.90 -14.27
C ALA E 171 -27.09 -4.56 -15.45
N ARG E 172 -25.79 -4.50 -15.21
CA ARG E 172 -24.83 -4.20 -16.29
C ARG E 172 -24.65 -5.41 -17.19
N MET E 173 -24.74 -6.60 -16.61
CA MET E 173 -24.68 -7.83 -17.40
C MET E 173 -25.90 -7.90 -18.32
N ASP E 174 -27.02 -7.36 -17.84
CA ASP E 174 -28.24 -7.27 -18.65
C ASP E 174 -28.04 -6.31 -19.81
N VAL E 175 -27.24 -5.27 -19.59
CA VAL E 175 -26.96 -4.29 -20.64
C VAL E 175 -26.23 -4.94 -21.81
N TYR E 176 -25.20 -5.71 -21.49
CA TYR E 176 -24.39 -6.37 -22.52
C TYR E 176 -25.17 -7.48 -23.21
N GLY E 177 -26.02 -8.17 -22.44
CA GLY E 177 -26.87 -9.20 -23.00
C GLY E 177 -27.84 -8.62 -24.03
N ASP E 178 -28.32 -7.41 -23.76
CA ASP E 178 -29.22 -6.73 -24.68
C ASP E 178 -28.49 -6.26 -25.93
N LEU E 179 -27.24 -5.84 -25.76
CA LEU E 179 -26.41 -5.44 -26.89
C LEU E 179 -26.18 -6.62 -27.82
N MET E 180 -26.06 -7.81 -27.24
CA MET E 180 -25.84 -9.02 -28.01
C MET E 180 -27.10 -9.41 -28.79
N ARG E 181 -28.26 -9.19 -28.19
CA ARG E 181 -29.53 -9.45 -28.87
C ARG E 181 -29.69 -8.54 -30.08
N ARG E 182 -29.23 -7.31 -29.93
CA ARG E 182 -29.30 -6.33 -30.97
C ARG E 182 -28.50 -6.73 -32.19
N VAL E 183 -27.31 -7.26 -31.98
CA VAL E 183 -26.43 -7.71 -33.05
C VAL E 183 -26.97 -8.99 -33.69
N ALA E 184 -27.58 -9.85 -32.88
CA ALA E 184 -28.16 -11.08 -33.36
C ALA E 184 -29.30 -10.80 -34.34
N GLU E 185 -30.19 -9.89 -33.95
CA GLU E 185 -31.33 -9.53 -34.78
C GLU E 185 -30.90 -8.81 -36.05
N ARG E 186 -29.84 -8.01 -35.94
CA ARG E 186 -29.33 -7.25 -37.08
C ARG E 186 -28.77 -8.16 -38.16
N HIS E 187 -28.14 -9.26 -37.74
CA HIS E 187 -27.49 -10.16 -38.69
C HIS E 187 -28.21 -11.51 -38.79
N GLY E 188 -29.39 -11.59 -38.18
CA GLY E 188 -30.20 -12.80 -38.27
C GLY E 188 -29.60 -14.01 -37.61
N CYS E 189 -28.89 -13.80 -36.50
CA CYS E 189 -28.30 -14.89 -35.76
C CYS E 189 -29.32 -15.53 -34.81
N LEU E 190 -29.12 -16.80 -34.52
CA LEU E 190 -29.89 -17.47 -33.48
C LEU E 190 -29.33 -17.09 -32.12
N LEU E 191 -30.19 -16.63 -31.22
CA LEU E 191 -29.72 -16.24 -29.90
C LEU E 191 -30.23 -17.18 -28.81
N VAL E 192 -29.30 -17.65 -27.98
CA VAL E 192 -29.65 -18.49 -26.83
C VAL E 192 -29.70 -17.67 -25.56
N ASP E 193 -30.89 -17.62 -24.95
CA ASP E 193 -31.08 -16.86 -23.72
C ASP E 193 -30.62 -17.67 -22.51
N VAL E 194 -29.31 -17.68 -22.28
CA VAL E 194 -28.72 -18.40 -21.16
C VAL E 194 -29.11 -17.78 -19.83
N GLN E 195 -29.13 -16.44 -19.78
CA GLN E 195 -29.48 -15.71 -18.56
C GLN E 195 -30.89 -16.05 -18.11
N GLY E 196 -31.81 -16.15 -19.07
CA GLY E 196 -33.19 -16.51 -18.77
C GLY E 196 -33.28 -17.92 -18.24
N ALA E 197 -32.45 -18.82 -18.77
CA ALA E 197 -32.42 -20.21 -18.33
C ALA E 197 -32.04 -20.31 -16.86
N PHE E 198 -31.06 -19.50 -16.44
CA PHE E 198 -30.65 -19.47 -15.05
C PHE E 198 -31.75 -18.88 -14.17
N ASP E 199 -32.40 -17.82 -14.66
CA ASP E 199 -33.48 -17.17 -13.91
C ASP E 199 -34.60 -18.15 -13.58
N ARG E 200 -34.90 -19.05 -14.50
CA ARG E 200 -35.92 -20.07 -14.27
C ARG E 200 -35.44 -21.08 -13.23
N TYR E 201 -34.16 -21.40 -13.29
CA TYR E 201 -33.56 -22.32 -12.33
C TYR E 201 -33.52 -21.68 -10.94
N LEU E 202 -33.26 -20.38 -10.90
CA LEU E 202 -33.10 -19.67 -9.63
C LEU E 202 -34.43 -19.46 -8.90
N GLN E 203 -35.52 -19.94 -9.49
CA GLN E 203 -36.82 -19.89 -8.82
C GLN E 203 -36.94 -21.05 -7.84
N HIS E 204 -35.96 -21.95 -7.86
CA HIS E 204 -36.01 -23.16 -7.04
C HIS E 204 -34.81 -23.27 -6.10
N TYR E 205 -33.71 -22.62 -6.44
CA TYR E 205 -32.51 -22.68 -5.60
C TYR E 205 -31.77 -21.35 -5.52
N HIS E 206 -31.00 -21.19 -4.46
CA HIS E 206 -30.11 -20.04 -4.30
C HIS E 206 -28.90 -20.22 -5.22
N PRO E 207 -28.38 -19.12 -5.79
CA PRO E 207 -27.20 -19.14 -6.65
C PRO E 207 -26.03 -19.96 -6.07
N ALA E 208 -25.93 -20.00 -4.75
CA ALA E 208 -24.85 -20.73 -4.07
C ALA E 208 -24.91 -22.24 -4.36
N GLN E 209 -26.09 -22.72 -4.72
CA GLN E 209 -26.27 -24.14 -5.03
C GLN E 209 -25.64 -24.47 -6.38
N LEU E 210 -25.49 -23.45 -7.23
CA LEU E 210 -24.86 -23.61 -8.53
C LEU E 210 -23.41 -23.13 -8.53
N ALA E 211 -23.22 -21.87 -8.17
CA ALA E 211 -21.90 -21.25 -8.25
C ALA E 211 -21.65 -20.33 -7.05
N TRP E 212 -20.51 -20.53 -6.40
CA TRP E 212 -20.12 -19.66 -5.29
C TRP E 212 -19.83 -18.25 -5.78
N ASP E 213 -19.17 -18.14 -6.94
CA ASP E 213 -18.84 -16.83 -7.48
C ASP E 213 -19.90 -16.34 -8.46
N ARG E 214 -21.02 -17.05 -8.51
CA ARG E 214 -22.16 -16.70 -9.37
C ARG E 214 -21.80 -16.65 -10.86
N ILE E 215 -20.68 -17.26 -11.23
CA ILE E 215 -20.27 -17.31 -12.63
C ILE E 215 -19.87 -18.73 -13.05
N HIS E 216 -18.89 -19.29 -12.37
CA HIS E 216 -18.43 -20.65 -12.67
C HIS E 216 -19.26 -21.67 -11.89
N PRO E 217 -20.20 -22.34 -12.56
CA PRO E 217 -21.12 -23.25 -11.87
C PRO E 217 -20.63 -24.70 -11.85
N ASN E 218 -21.30 -25.54 -11.09
CA ASN E 218 -21.04 -26.96 -11.14
C ASN E 218 -21.58 -27.55 -12.44
N LEU E 219 -21.60 -28.87 -12.55
CA LEU E 219 -22.05 -29.52 -13.78
C LEU E 219 -23.53 -29.24 -14.03
N ALA E 220 -24.29 -29.06 -12.95
CA ALA E 220 -25.70 -28.74 -13.05
C ALA E 220 -25.91 -27.40 -13.76
N GLY E 221 -25.07 -26.43 -13.43
CA GLY E 221 -25.15 -25.12 -14.04
C GLY E 221 -24.79 -25.13 -15.51
N HIS E 222 -23.79 -25.93 -15.86
CA HIS E 222 -23.40 -26.09 -17.26
C HIS E 222 -24.50 -26.79 -18.04
N GLN E 223 -25.22 -27.69 -17.38
CA GLN E 223 -26.33 -28.40 -18.00
C GLN E 223 -27.46 -27.42 -18.32
N VAL E 224 -27.64 -26.43 -17.44
CA VAL E 224 -28.59 -25.36 -17.68
C VAL E 224 -28.23 -24.59 -18.94
N ILE E 225 -26.94 -24.29 -19.08
CA ILE E 225 -26.42 -23.61 -20.26
C ILE E 225 -26.59 -24.48 -21.49
N ALA E 226 -26.19 -25.74 -21.38
CA ALA E 226 -26.26 -26.67 -22.50
C ALA E 226 -27.69 -26.90 -22.97
N ASN E 227 -28.61 -27.08 -22.02
CA ASN E 227 -30.01 -27.33 -22.37
C ASN E 227 -30.69 -26.12 -23.01
N ALA E 228 -30.29 -24.93 -22.60
CA ALA E 228 -30.81 -23.71 -23.22
C ALA E 228 -30.38 -23.63 -24.67
N PHE E 229 -29.13 -24.01 -24.92
CA PHE E 229 -28.59 -24.11 -26.27
C PHE E 229 -29.40 -25.12 -27.07
N LEU E 230 -29.56 -26.31 -26.49
CA LEU E 230 -30.28 -27.40 -27.15
C LEU E 230 -31.74 -27.05 -27.44
N ALA E 231 -32.37 -26.34 -26.51
CA ALA E 231 -33.76 -25.93 -26.68
C ALA E 231 -33.89 -24.95 -27.84
N ALA E 232 -32.89 -24.10 -28.02
CA ALA E 232 -32.91 -23.08 -29.05
C ALA E 232 -32.61 -23.67 -30.43
N THR E 233 -31.88 -24.78 -30.46
CA THR E 233 -31.56 -25.44 -31.72
C THR E 233 -32.49 -26.63 -31.97
N GLY E 234 -33.47 -26.80 -31.10
CA GLY E 234 -34.46 -27.85 -31.24
C GLY E 234 -33.89 -29.25 -31.05
N CYS E 235 -32.83 -29.35 -30.25
CA CYS E 235 -32.16 -30.63 -30.03
C CYS E 235 -32.32 -31.13 -28.60
N LEU E 236 -33.15 -30.45 -27.82
CA LEU E 236 -33.29 -30.74 -26.39
C LEU E 236 -33.83 -32.15 -26.13
N ASN E 237 -34.98 -32.47 -26.69
CA ASN E 237 -35.60 -33.76 -26.48
C ASN E 237 -35.41 -34.69 -27.68
N SER E 238 -35.61 -35.98 -27.46
CA SER E 238 -35.45 -36.98 -28.52
C SER E 238 -36.58 -38.00 -28.49
N GLY F 21 74.02 5.31 3.79
CA GLY F 21 74.38 6.68 4.11
C GLY F 21 73.17 7.59 4.19
N MET F 22 73.37 8.79 4.73
CA MET F 22 72.28 9.74 4.88
C MET F 22 72.31 10.83 3.81
N TYR F 23 71.22 11.59 3.73
CA TYR F 23 70.97 12.52 2.63
C TYR F 23 71.81 13.79 2.69
N PHE F 24 72.01 14.33 3.89
CA PHE F 24 72.64 15.64 4.04
C PHE F 24 74.15 15.56 4.23
N ALA F 25 74.87 16.40 3.48
CA ALA F 25 76.32 16.51 3.62
C ALA F 25 76.68 17.18 4.94
N ALA F 26 77.93 17.01 5.38
CA ALA F 26 78.39 17.55 6.65
C ALA F 26 78.42 19.07 6.67
N GLY F 27 78.10 19.65 7.83
CA GLY F 27 78.15 21.09 8.02
C GLY F 27 77.28 21.83 7.04
N SER F 28 76.07 21.34 6.84
CA SER F 28 75.18 21.87 5.83
C SER F 28 74.01 22.64 6.44
N LYS F 29 73.53 23.67 5.73
CA LYS F 29 72.39 24.44 6.19
C LYS F 29 71.11 24.03 5.47
N LEU F 30 70.09 23.69 6.25
CA LEU F 30 68.80 23.28 5.69
C LEU F 30 67.68 24.23 6.14
N VAL F 31 66.97 24.78 5.17
CA VAL F 31 65.87 25.69 5.46
C VAL F 31 64.52 25.01 5.23
N ILE F 32 63.73 24.88 6.30
CA ILE F 32 62.40 24.29 6.20
C ILE F 32 61.35 25.40 6.24
N ILE F 33 60.53 25.47 5.20
CA ILE F 33 59.53 26.53 5.06
C ILE F 33 58.15 25.92 4.84
N GLY F 34 57.14 26.50 5.48
CA GLY F 34 55.78 25.99 5.37
C GLY F 34 54.75 26.78 6.15
N ASP F 35 53.71 26.08 6.62
CA ASP F 35 52.63 26.73 7.35
C ASP F 35 52.82 26.62 8.87
N SER F 36 51.72 26.50 9.60
CA SER F 36 51.78 26.47 11.06
C SER F 36 52.37 25.16 11.58
N ILE F 37 52.19 24.09 10.83
CA ILE F 37 52.77 22.79 11.19
C ILE F 37 54.29 22.91 11.22
N THR F 38 54.82 23.70 10.30
CA THR F 38 56.25 24.00 10.27
C THR F 38 56.59 25.06 11.30
N ASP F 39 55.73 26.07 11.41
CA ASP F 39 55.88 27.16 12.37
C ASP F 39 56.00 26.61 13.79
N ALA F 40 54.92 25.98 14.25
CA ALA F 40 54.88 25.34 15.57
C ALA F 40 55.21 26.30 16.71
N GLY F 41 54.77 27.55 16.59
CA GLY F 41 54.89 28.52 17.65
C GLY F 41 56.30 29.01 17.92
N ARG F 42 57.13 29.07 16.88
CA ARG F 42 58.49 29.57 17.00
C ARG F 42 58.51 31.08 17.25
N ASP F 43 59.65 31.58 17.71
CA ASP F 43 59.84 33.03 17.83
C ASP F 43 60.42 33.56 16.53
N LYS F 44 59.75 34.53 15.93
CA LYS F 44 60.08 34.98 14.58
C LYS F 44 61.11 36.10 14.54
N GLY F 45 61.25 36.82 15.66
CA GLY F 45 62.25 37.88 15.75
C GLY F 45 63.65 37.33 15.97
N ILE F 46 63.82 36.05 15.62
CA ILE F 46 65.08 35.35 15.79
C ILE F 46 65.58 34.88 14.43
N GLY F 47 64.66 34.55 13.53
CA GLY F 47 64.99 34.21 12.16
C GLY F 47 64.95 32.73 11.86
N GLY F 48 64.33 31.96 12.75
CA GLY F 48 64.26 30.51 12.59
C GLY F 48 65.56 29.84 12.98
N GLU F 49 66.56 30.68 13.28
CA GLU F 49 67.89 30.22 13.66
C GLU F 49 68.35 31.01 14.87
N GLY F 50 68.54 30.34 16.01
CA GLY F 50 68.94 31.04 17.23
C GLY F 50 69.05 30.22 18.49
N LEU F 51 68.98 30.89 19.64
CA LEU F 51 69.20 30.26 20.95
C LEU F 51 67.95 29.81 21.70
N PHE F 52 66.87 30.58 21.58
CA PHE F 52 65.68 30.30 22.37
C PHE F 52 64.42 30.22 21.52
N ASN F 53 63.87 29.02 21.41
CA ASN F 53 62.65 28.75 20.67
C ASN F 53 62.70 29.27 19.24
N ALA F 54 63.78 28.96 18.53
CA ALA F 54 63.92 29.36 17.15
C ALA F 54 63.18 28.40 16.23
N HIS F 55 62.91 27.20 16.72
CA HIS F 55 62.37 26.14 15.90
C HIS F 55 60.94 25.73 16.28
N GLY F 56 60.45 26.24 17.39
CA GLY F 56 59.11 25.92 17.84
C GLY F 56 59.05 24.61 18.62
N SER F 57 57.88 23.98 18.61
CA SER F 57 57.69 22.74 19.38
C SER F 57 57.11 21.63 18.51
N GLY F 58 57.37 21.70 17.21
CA GLY F 58 56.82 20.73 16.28
C GLY F 58 57.87 19.79 15.72
N TYR F 59 57.58 19.22 14.54
CA TYR F 59 58.47 18.24 13.93
C TYR F 59 59.82 18.83 13.58
N VAL F 60 59.83 20.11 13.26
CA VAL F 60 61.07 20.81 12.96
C VAL F 60 62.00 20.80 14.18
N ALA F 61 61.43 21.09 15.34
CA ALA F 61 62.18 21.01 16.59
C ALA F 61 62.64 19.58 16.85
N LEU F 62 61.77 18.63 16.53
CA LEU F 62 62.08 17.21 16.69
C LEU F 62 63.21 16.78 15.76
N LEU F 63 63.18 17.26 14.52
CA LEU F 63 64.23 16.97 13.55
C LEU F 63 65.57 17.46 14.06
N ASN F 64 65.60 18.73 14.47
CA ASN F 64 66.82 19.34 14.99
C ASN F 64 67.36 18.58 16.20
N ALA F 65 66.46 18.20 17.11
CA ALA F 65 66.84 17.47 18.31
C ALA F 65 67.35 16.08 17.96
N HIS F 66 66.69 15.45 16.98
CA HIS F 66 67.07 14.11 16.54
C HIS F 66 68.45 14.09 15.89
N LEU F 67 68.67 15.03 14.97
CA LEU F 67 69.92 15.10 14.23
C LEU F 67 71.11 15.44 15.12
N PHE F 68 70.89 16.24 16.16
CA PHE F 68 71.95 16.58 17.09
C PHE F 68 72.26 15.41 18.01
N ALA F 69 71.22 14.78 18.54
CA ALA F 69 71.39 13.70 19.52
C ALA F 69 71.95 12.42 18.89
N ARG F 70 71.63 12.17 17.63
CA ARG F 70 72.04 10.93 16.98
C ARG F 70 73.22 11.13 16.03
N PHE F 71 73.32 12.31 15.44
CA PHE F 71 74.42 12.60 14.53
C PHE F 71 75.09 13.95 14.84
N PRO F 72 75.63 14.11 16.06
CA PRO F 72 76.22 15.40 16.41
C PRO F 72 77.45 15.72 15.58
N GLU F 73 78.11 14.68 15.06
CA GLU F 73 79.33 14.85 14.30
C GLU F 73 79.08 15.41 12.89
N ARG F 74 77.82 15.33 12.46
CA ARG F 74 77.35 15.79 11.17
C ARG F 74 77.18 17.29 11.08
N ARG F 75 76.98 17.90 12.21
CA ARG F 75 76.87 19.35 12.36
C ARG F 75 75.86 20.00 11.41
N LEU F 76 74.64 19.47 11.37
CA LEU F 76 73.62 19.99 10.47
C LEU F 76 72.97 21.25 11.02
N ARG F 77 72.95 22.30 10.20
CA ARG F 77 72.45 23.61 10.58
C ARG F 77 71.02 23.80 10.09
N LEU F 78 70.07 23.83 11.02
CA LEU F 78 68.65 23.76 10.68
C LEU F 78 67.91 25.09 10.89
N VAL F 79 67.09 25.45 9.91
CA VAL F 79 66.37 26.73 9.94
C VAL F 79 64.86 26.55 9.75
N ASN F 80 64.08 26.96 10.75
CA ASN F 80 62.62 26.92 10.67
C ASN F 80 62.07 28.21 10.08
N GLN F 81 61.43 28.11 8.91
CA GLN F 81 60.91 29.30 8.25
C GLN F 81 59.41 29.17 7.98
N GLY F 82 58.70 28.53 8.90
CA GLY F 82 57.27 28.33 8.75
C GLY F 82 56.45 29.45 9.32
N ASN F 83 55.42 29.86 8.59
CA ASN F 83 54.50 30.90 9.06
C ASN F 83 53.05 30.40 9.09
N SER F 84 52.37 30.64 10.20
CA SER F 84 51.00 30.16 10.39
C SER F 84 50.03 30.73 9.35
N GLY F 85 49.17 29.86 8.82
CA GLY F 85 48.12 30.28 7.92
C GLY F 85 48.56 30.52 6.49
N ASN F 86 49.80 30.12 6.18
CA ASN F 86 50.36 30.37 4.86
C ASN F 86 49.84 29.47 3.76
N THR F 87 49.64 30.06 2.59
CA THR F 87 49.36 29.31 1.38
C THR F 87 50.63 29.21 0.57
N VAL F 88 50.59 28.51 -0.56
CA VAL F 88 51.74 28.47 -1.45
C VAL F 88 51.87 29.83 -2.12
N ARG F 89 50.79 30.61 -2.08
CA ARG F 89 50.76 31.96 -2.61
C ARG F 89 51.47 32.95 -1.69
N ASP F 90 51.15 32.88 -0.40
CA ASP F 90 51.83 33.70 0.61
C ASP F 90 53.31 33.35 0.64
N LEU F 91 53.57 32.06 0.44
CA LEU F 91 54.91 31.51 0.52
C LEU F 91 55.78 31.99 -0.64
N ALA F 92 55.16 32.18 -1.81
CA ALA F 92 55.86 32.67 -2.99
C ALA F 92 56.18 34.16 -2.86
N ALA F 93 55.51 34.83 -1.95
CA ALA F 93 55.67 36.27 -1.76
C ALA F 93 56.87 36.60 -0.88
N ARG F 94 57.32 35.63 -0.10
CA ARG F 94 58.44 35.83 0.81
C ARG F 94 59.61 34.89 0.50
N TRP F 95 59.56 34.26 -0.67
CA TRP F 95 60.55 33.26 -1.05
C TRP F 95 61.96 33.84 -1.16
N GLN F 96 62.06 35.02 -1.77
CA GLN F 96 63.37 35.65 -1.99
C GLN F 96 64.11 35.93 -0.69
N ASN F 97 63.38 36.45 0.31
CA ASN F 97 63.99 36.84 1.57
C ASN F 97 64.13 35.68 2.56
N ASP F 98 63.16 34.78 2.56
CA ASP F 98 63.13 33.71 3.56
C ASP F 98 63.80 32.43 3.09
N VAL F 99 64.13 32.35 1.80
CA VAL F 99 64.80 31.17 1.27
C VAL F 99 66.14 31.52 0.63
N PHE F 100 66.10 32.24 -0.48
CA PHE F 100 67.33 32.60 -1.20
C PHE F 100 68.29 33.42 -0.35
N GLY F 101 67.75 34.31 0.48
CA GLY F 101 68.55 35.20 1.29
C GLY F 101 69.35 34.51 2.37
N LEU F 102 68.98 33.28 2.71
CA LEU F 102 69.64 32.54 3.78
C LEU F 102 70.73 31.61 3.25
N LYS F 103 70.96 31.68 1.93
CA LYS F 103 71.84 30.76 1.19
C LYS F 103 71.78 29.31 1.70
N PRO F 104 70.66 28.63 1.46
CA PRO F 104 70.49 27.25 1.94
C PRO F 104 71.21 26.24 1.05
N ASP F 105 71.67 25.16 1.65
CA ASP F 105 72.24 24.05 0.90
C ASP F 105 71.15 23.04 0.57
N TYR F 106 70.16 22.96 1.47
CA TYR F 106 68.99 22.14 1.27
C TYR F 106 67.73 22.92 1.63
N VAL F 107 66.65 22.66 0.90
CA VAL F 107 65.37 23.30 1.21
C VAL F 107 64.27 22.26 1.35
N ALA F 108 63.62 22.26 2.51
CA ALA F 108 62.46 21.41 2.73
C ALA F 108 61.20 22.26 2.73
N MET F 109 60.17 21.81 2.02
CA MET F 109 58.97 22.61 1.85
C MET F 109 57.70 21.78 2.05
N MET F 110 56.83 22.25 2.93
CA MET F 110 55.56 21.58 3.18
C MET F 110 54.42 22.59 3.15
N ILE F 111 53.64 22.55 2.08
CA ILE F 111 52.53 23.49 1.91
C ILE F 111 51.37 22.80 1.19
N GLY F 112 50.15 23.31 1.40
CA GLY F 112 48.99 22.75 0.74
C GLY F 112 47.83 22.51 1.68
N ILE F 113 48.12 22.38 2.96
CA ILE F 113 47.09 22.14 3.97
C ILE F 113 46.09 23.30 4.01
N ASN F 114 46.59 24.52 4.06
CA ASN F 114 45.73 25.70 4.10
C ASN F 114 45.01 25.93 2.78
N ASP F 115 45.67 25.64 1.67
CA ASP F 115 45.08 25.86 0.35
C ASP F 115 43.89 24.93 0.12
N VAL F 116 43.92 23.78 0.77
CA VAL F 116 42.80 22.84 0.71
C VAL F 116 41.74 23.20 1.75
N TRP F 117 42.20 23.47 2.97
CA TRP F 117 41.31 23.69 4.11
C TRP F 117 40.34 24.84 3.91
N ARG F 118 40.84 25.97 3.42
CA ARG F 118 40.02 27.17 3.25
C ARG F 118 38.84 26.94 2.32
N GLN F 119 38.94 25.92 1.46
CA GLN F 119 37.86 25.57 0.56
C GLN F 119 36.73 24.88 1.31
N PHE F 120 36.97 24.51 2.56
CA PHE F 120 35.97 23.78 3.34
C PHE F 120 35.50 24.53 4.59
N ASP F 121 36.41 25.26 5.25
CA ASP F 121 36.00 26.03 6.42
C ASP F 121 35.55 27.44 6.03
N LEU F 122 35.95 27.87 4.83
CA LEU F 122 35.46 29.12 4.26
C LEU F 122 35.03 28.92 2.80
N PRO F 123 34.01 28.08 2.58
CA PRO F 123 33.65 27.64 1.23
C PRO F 123 33.04 28.75 0.37
N LEU F 124 32.54 29.80 1.00
CA LEU F 124 31.87 30.88 0.27
C LEU F 124 32.86 31.92 -0.25
N MET F 125 33.98 32.05 0.45
CA MET F 125 34.99 33.04 0.07
C MET F 125 35.88 32.47 -1.04
N THR F 126 35.27 32.29 -2.21
CA THR F 126 35.91 31.57 -3.31
C THR F 126 36.94 32.41 -4.07
N ASP F 127 37.03 33.70 -3.72
CA ASP F 127 37.99 34.58 -4.37
C ASP F 127 39.36 34.53 -3.68
N ARG F 128 39.45 33.69 -2.65
CA ARG F 128 40.71 33.52 -1.92
C ARG F 128 41.28 32.11 -2.12
N HIS F 129 40.42 31.18 -2.52
CA HIS F 129 40.80 29.78 -2.65
C HIS F 129 41.91 29.58 -3.69
N VAL F 130 42.94 28.85 -3.29
CA VAL F 130 44.01 28.47 -4.21
C VAL F 130 43.62 27.21 -4.95
N CYS F 131 43.17 27.37 -6.19
CA CYS F 131 42.74 26.24 -7.02
C CYS F 131 43.90 25.30 -7.29
N PRO F 132 43.60 24.03 -7.64
CA PRO F 132 44.66 23.06 -7.94
C PRO F 132 45.57 23.49 -9.10
N GLU F 133 45.06 24.34 -9.98
CA GLU F 133 45.85 24.86 -11.08
C GLU F 133 46.89 25.86 -10.57
N GLU F 134 46.45 26.77 -9.70
CA GLU F 134 47.34 27.77 -9.13
C GLU F 134 48.34 27.11 -8.18
N TYR F 135 47.88 26.09 -7.45
CA TYR F 135 48.72 25.38 -6.50
C TYR F 135 49.91 24.72 -7.19
N GLU F 136 49.63 23.93 -8.23
CA GLU F 136 50.66 23.19 -8.94
C GLU F 136 51.62 24.12 -9.67
N LYS F 137 51.08 25.15 -10.32
CA LYS F 137 51.88 26.08 -11.10
C LYS F 137 52.81 26.91 -10.22
N THR F 138 52.32 27.29 -9.04
CA THR F 138 53.11 28.08 -8.10
C THR F 138 54.21 27.23 -7.48
N LEU F 139 53.86 26.01 -7.10
CA LEU F 139 54.83 25.07 -6.54
C LEU F 139 55.94 24.74 -7.54
N ASP F 140 55.55 24.55 -8.79
CA ASP F 140 56.50 24.17 -9.83
C ASP F 140 57.55 25.24 -10.09
N GLU F 141 57.15 26.50 -10.03
CA GLU F 141 58.08 27.60 -10.29
C GLU F 141 59.00 27.87 -9.12
N LEU F 142 58.50 27.63 -7.90
CA LEU F 142 59.33 27.74 -6.72
C LEU F 142 60.42 26.68 -6.75
N VAL F 143 60.04 25.46 -7.13
CA VAL F 143 60.97 24.35 -7.22
C VAL F 143 61.95 24.54 -8.36
N ALA F 144 61.44 25.01 -9.50
CA ALA F 144 62.27 25.20 -10.69
C ALA F 144 63.37 26.24 -10.47
N ARG F 145 63.05 27.25 -9.69
CA ARG F 145 63.95 28.31 -9.35
C ARG F 145 64.94 27.96 -8.25
N THR F 146 64.63 26.98 -7.44
CA THR F 146 65.40 26.65 -6.24
C THR F 146 66.18 25.34 -6.36
N ALA F 147 65.62 24.37 -7.09
CA ALA F 147 66.30 23.08 -7.27
C ALA F 147 67.72 23.20 -7.85
N PRO F 148 67.94 24.05 -8.87
CA PRO F 148 69.30 24.12 -9.38
C PRO F 148 70.29 24.88 -8.48
N THR F 149 69.78 25.56 -7.44
CA THR F 149 70.64 26.40 -6.61
C THR F 149 70.98 25.75 -5.27
N VAL F 150 70.51 24.52 -5.06
CA VAL F 150 70.78 23.81 -3.81
C VAL F 150 71.32 22.39 -4.06
N LYS F 151 71.87 21.79 -3.02
CA LYS F 151 72.38 20.41 -3.11
C LYS F 151 71.23 19.42 -3.21
N GLY F 152 70.06 19.81 -2.71
CA GLY F 152 68.89 18.96 -2.73
C GLY F 152 67.66 19.66 -2.21
N MET F 153 66.51 19.36 -2.80
CA MET F 153 65.26 19.96 -2.36
C MET F 153 64.27 18.87 -1.94
N ILE F 154 63.63 19.08 -0.80
CA ILE F 154 62.72 18.09 -0.24
C ILE F 154 61.30 18.64 -0.18
N LEU F 155 60.35 17.87 -0.66
CA LEU F 155 58.95 18.27 -0.64
C LEU F 155 58.12 17.34 0.24
N LEU F 156 57.53 17.89 1.29
CA LEU F 156 56.70 17.12 2.19
C LEU F 156 55.23 17.28 1.81
N THR F 157 54.56 16.16 1.55
CA THR F 157 53.16 16.17 1.16
C THR F 157 52.29 16.84 2.22
N PRO F 158 51.31 17.64 1.78
CA PRO F 158 50.28 18.08 2.72
C PRO F 158 49.47 16.88 3.18
N TYR F 159 48.90 16.95 4.37
CA TYR F 159 48.20 15.78 4.92
C TYR F 159 46.86 16.14 5.53
N PHE F 160 46.02 15.13 5.69
CA PHE F 160 44.78 15.26 6.44
C PHE F 160 44.55 13.99 7.23
N ILE F 161 44.48 14.11 8.55
CA ILE F 161 44.40 12.95 9.42
C ILE F 161 42.97 12.41 9.47
N GLU F 162 42.56 11.77 8.38
CA GLU F 162 41.27 11.12 8.27
C GLU F 162 41.39 9.89 7.38
N PRO F 163 41.07 8.71 7.92
CA PRO F 163 41.17 7.45 7.18
C PRO F 163 40.20 7.36 6.01
N ASN F 164 39.06 8.06 6.09
CA ASN F 164 38.07 8.03 5.04
C ASN F 164 38.56 8.71 3.77
N ARG F 165 38.92 7.90 2.77
CA ARG F 165 39.44 8.43 1.51
C ARG F 165 38.35 9.13 0.71
N GLU F 166 37.09 8.92 1.08
CA GLU F 166 35.97 9.54 0.39
C GLU F 166 35.50 10.81 1.07
N ASP F 167 36.14 11.16 2.19
CA ASP F 167 35.88 12.44 2.83
C ASP F 167 36.25 13.56 1.86
N ALA F 168 35.34 14.52 1.70
CA ALA F 168 35.48 15.58 0.70
C ALA F 168 36.82 16.32 0.80
N MET F 169 37.31 16.49 2.02
CA MET F 169 38.57 17.20 2.24
C MET F 169 39.77 16.28 2.16
N ARG F 170 39.60 15.03 2.61
CA ARG F 170 40.66 14.04 2.51
C ARG F 170 40.96 13.75 1.05
N ALA F 171 39.91 13.63 0.25
CA ALA F 171 40.04 13.42 -1.19
C ALA F 171 40.67 14.65 -1.85
N ARG F 172 40.27 15.84 -1.38
CA ARG F 172 40.80 17.08 -1.90
C ARG F 172 42.27 17.24 -1.54
N MET F 173 42.63 16.76 -0.36
CA MET F 173 44.01 16.83 0.10
C MET F 173 44.89 15.86 -0.70
N ASP F 174 44.31 14.73 -1.07
CA ASP F 174 45.02 13.72 -1.87
C ASP F 174 45.38 14.28 -3.24
N VAL F 175 44.47 15.06 -3.81
CA VAL F 175 44.69 15.67 -5.13
C VAL F 175 45.90 16.61 -5.09
N TYR F 176 45.96 17.43 -4.05
CA TYR F 176 47.06 18.40 -3.89
C TYR F 176 48.36 17.68 -3.56
N GLY F 177 48.28 16.60 -2.80
CA GLY F 177 49.45 15.81 -2.47
C GLY F 177 50.00 15.11 -3.71
N ASP F 178 49.09 14.69 -4.58
CA ASP F 178 49.48 14.02 -5.82
C ASP F 178 50.07 15.02 -6.80
N LEU F 179 49.59 16.26 -6.74
CA LEU F 179 50.12 17.33 -7.58
C LEU F 179 51.55 17.67 -7.16
N MET F 180 51.79 17.63 -5.85
CA MET F 180 53.11 17.94 -5.32
C MET F 180 54.14 16.89 -5.73
N ARG F 181 53.76 15.63 -5.62
CA ARG F 181 54.67 14.53 -5.96
C ARG F 181 54.99 14.54 -7.46
N ARG F 182 54.05 15.04 -8.25
CA ARG F 182 54.25 15.18 -9.69
C ARG F 182 55.30 16.25 -9.97
N VAL F 183 55.23 17.34 -9.22
CA VAL F 183 56.23 18.40 -9.32
C VAL F 183 57.58 17.90 -8.87
N ALA F 184 57.59 17.10 -7.80
CA ALA F 184 58.82 16.55 -7.25
C ALA F 184 59.52 15.61 -8.23
N GLU F 185 58.76 14.65 -8.77
CA GLU F 185 59.32 13.69 -9.73
C GLU F 185 59.80 14.39 -11.00
N ARG F 186 59.18 15.50 -11.32
CA ARG F 186 59.51 16.26 -12.53
C ARG F 186 60.84 16.98 -12.39
N HIS F 187 61.16 17.41 -11.19
CA HIS F 187 62.40 18.15 -10.94
C HIS F 187 63.44 17.32 -10.20
N GLY F 188 63.08 16.09 -9.86
CA GLY F 188 64.01 15.18 -9.21
C GLY F 188 64.21 15.46 -7.73
N CYS F 189 63.19 16.02 -7.10
CA CYS F 189 63.25 16.32 -5.67
C CYS F 189 62.87 15.09 -4.85
N LEU F 190 63.37 15.04 -3.61
CA LEU F 190 62.98 13.97 -2.70
C LEU F 190 61.58 14.24 -2.17
N LEU F 191 60.73 13.23 -2.24
CA LEU F 191 59.35 13.38 -1.78
C LEU F 191 59.10 12.61 -0.48
N VAL F 192 58.57 13.31 0.52
CA VAL F 192 58.22 12.68 1.78
C VAL F 192 56.72 12.50 1.90
N ASP F 193 56.26 11.25 1.84
CA ASP F 193 54.85 10.93 1.93
C ASP F 193 54.37 10.99 3.39
N VAL F 194 54.17 12.21 3.89
CA VAL F 194 53.72 12.41 5.26
C VAL F 194 52.33 11.81 5.46
N GLN F 195 51.49 11.93 4.44
CA GLN F 195 50.13 11.40 4.48
C GLN F 195 50.13 9.88 4.69
N GLY F 196 51.05 9.19 4.03
CA GLY F 196 51.18 7.76 4.17
C GLY F 196 51.59 7.34 5.57
N ALA F 197 52.48 8.13 6.17
CA ALA F 197 52.95 7.86 7.53
C ALA F 197 51.82 7.99 8.54
N PHE F 198 50.92 8.93 8.31
CA PHE F 198 49.75 9.09 9.17
C PHE F 198 48.77 7.96 8.96
N ASP F 199 48.60 7.54 7.70
CA ASP F 199 47.71 6.43 7.38
C ASP F 199 48.16 5.14 8.07
N ARG F 200 49.47 4.95 8.17
CA ARG F 200 50.01 3.79 8.87
C ARG F 200 49.75 3.87 10.37
N TYR F 201 49.85 5.08 10.91
CA TYR F 201 49.58 5.31 12.33
C TYR F 201 48.11 5.08 12.64
N LEU F 202 47.25 5.51 11.73
CA LEU F 202 45.80 5.47 11.96
C LEU F 202 45.24 4.04 11.90
N GLN F 203 46.10 3.08 11.61
CA GLN F 203 45.72 1.68 11.67
C GLN F 203 45.51 1.24 13.13
N HIS F 204 46.15 1.99 14.00
CA HIS F 204 46.16 1.70 15.39
C HIS F 204 45.34 2.58 16.30
N TYR F 205 45.04 3.78 15.87
CA TYR F 205 44.29 4.76 16.67
C TYR F 205 43.33 5.59 15.83
N HIS F 206 42.43 6.25 16.48
CA HIS F 206 41.54 7.18 15.84
C HIS F 206 42.25 8.53 15.78
N PRO F 207 41.94 9.36 14.80
CA PRO F 207 42.53 10.69 14.62
C PRO F 207 42.48 11.59 15.88
N ALA F 208 41.50 11.37 16.75
CA ALA F 208 41.35 12.20 17.95
C ALA F 208 42.52 12.00 18.91
N GLN F 209 43.20 10.87 18.81
CA GLN F 209 44.34 10.58 19.68
C GLN F 209 45.52 11.46 19.31
N LEU F 210 45.56 11.91 18.06
CA LEU F 210 46.63 12.79 17.58
C LEU F 210 46.20 14.24 17.53
N ALA F 211 45.06 14.49 16.87
CA ALA F 211 44.64 15.85 16.58
C ALA F 211 43.12 15.97 16.55
N TRP F 212 42.59 16.87 17.37
CA TRP F 212 41.16 17.14 17.38
C TRP F 212 40.67 17.70 16.04
N ASP F 213 41.46 18.59 15.46
CA ASP F 213 41.07 19.22 14.20
C ASP F 213 41.67 18.50 13.00
N ARG F 214 42.23 17.32 13.25
CA ARG F 214 42.78 16.45 12.19
C ARG F 214 43.88 17.12 11.37
N ILE F 215 44.45 18.20 11.88
CA ILE F 215 45.54 18.89 11.21
C ILE F 215 46.69 19.21 12.16
N HIS F 216 46.37 19.89 13.26
CA HIS F 216 47.37 20.23 14.26
C HIS F 216 47.46 19.15 15.33
N PRO F 217 48.52 18.33 15.28
CA PRO F 217 48.65 17.17 16.18
C PRO F 217 49.45 17.49 17.43
N ASN F 218 49.39 16.58 18.41
CA ASN F 218 50.26 16.66 19.56
C ASN F 218 51.68 16.26 19.17
N LEU F 219 52.57 16.11 20.14
CA LEU F 219 53.97 15.82 19.83
C LEU F 219 54.12 14.49 19.10
N ALA F 220 53.27 13.52 19.45
CA ALA F 220 53.30 12.20 18.82
C ALA F 220 53.07 12.29 17.32
N GLY F 221 52.09 13.10 16.92
CA GLY F 221 51.79 13.30 15.51
C GLY F 221 52.92 14.02 14.80
N HIS F 222 53.59 14.94 15.50
CA HIS F 222 54.72 15.64 14.94
C HIS F 222 55.91 14.69 14.75
N GLN F 223 56.02 13.70 15.63
CA GLN F 223 57.06 12.69 15.50
C GLN F 223 56.81 11.84 14.27
N VAL F 224 55.54 11.55 14.01
CA VAL F 224 55.14 10.83 12.80
C VAL F 224 55.67 11.54 11.56
N ILE F 225 55.49 12.86 11.53
CA ILE F 225 55.99 13.68 10.44
C ILE F 225 57.52 13.66 10.38
N ALA F 226 58.14 13.86 11.53
CA ALA F 226 59.60 13.88 11.63
C ALA F 226 60.21 12.56 11.17
N ASN F 227 59.64 11.45 11.65
CA ASN F 227 60.15 10.12 11.31
C ASN F 227 59.99 9.80 9.83
N ALA F 228 58.92 10.31 9.23
CA ALA F 228 58.71 10.14 7.79
C ALA F 228 59.78 10.91 7.03
N PHE F 229 60.14 12.08 7.54
CA PHE F 229 61.21 12.90 6.96
C PHE F 229 62.56 12.20 7.13
N LEU F 230 62.80 11.67 8.32
CA LEU F 230 64.07 11.02 8.63
C LEU F 230 64.25 9.73 7.85
N ALA F 231 63.16 9.00 7.66
CA ALA F 231 63.18 7.74 6.91
C ALA F 231 63.58 7.98 5.46
N ALA F 232 62.99 8.99 4.84
CA ALA F 232 63.25 9.30 3.44
C ALA F 232 64.67 9.81 3.22
N THR F 233 65.26 10.38 4.27
CA THR F 233 66.61 10.92 4.17
C THR F 233 67.63 9.93 4.72
N GLY F 234 67.16 8.74 5.08
CA GLY F 234 68.01 7.69 5.61
C GLY F 234 68.64 8.06 6.94
N CYS F 235 67.92 8.85 7.73
CA CYS F 235 68.45 9.34 9.00
C CYS F 235 67.72 8.76 10.21
N LEU F 236 66.74 7.89 9.96
CA LEU F 236 65.84 7.41 11.00
C LEU F 236 66.55 6.69 12.15
N ASN F 237 67.45 5.76 11.82
CA ASN F 237 68.10 4.95 12.83
C ASN F 237 69.58 5.29 13.02
N SER F 238 70.09 5.01 14.22
CA SER F 238 71.49 5.23 14.53
C SER F 238 72.08 4.03 15.26
N MET G 22 -54.89 -22.63 -30.18
CA MET G 22 -55.35 -21.44 -29.47
C MET G 22 -55.66 -21.76 -28.01
N TYR G 23 -55.31 -20.83 -27.13
CA TYR G 23 -55.41 -21.02 -25.68
C TYR G 23 -56.85 -21.07 -25.17
N PHE G 24 -57.75 -20.29 -25.78
CA PHE G 24 -59.11 -20.15 -25.28
C PHE G 24 -60.10 -21.10 -25.96
N ALA G 25 -60.95 -21.73 -25.16
CA ALA G 25 -62.05 -22.53 -25.69
C ALA G 25 -63.08 -21.59 -26.31
N ALA G 26 -63.86 -22.11 -27.27
CA ALA G 26 -64.86 -21.31 -27.95
C ALA G 26 -65.96 -20.85 -27.01
N GLY G 27 -66.43 -19.62 -27.20
CA GLY G 27 -67.51 -19.07 -26.41
C GLY G 27 -67.15 -18.76 -24.98
N SER G 28 -65.85 -18.62 -24.71
CA SER G 28 -65.37 -18.38 -23.35
C SER G 28 -65.43 -16.91 -22.96
N LYS G 29 -65.41 -16.65 -21.66
CA LYS G 29 -65.42 -15.29 -21.14
C LYS G 29 -64.04 -14.92 -20.58
N LEU G 30 -63.39 -13.95 -21.21
CA LEU G 30 -62.07 -13.51 -20.77
C LEU G 30 -62.14 -12.15 -20.09
N VAL G 31 -61.76 -12.12 -18.81
CA VAL G 31 -61.74 -10.87 -18.06
C VAL G 31 -60.32 -10.35 -17.90
N ILE G 32 -60.08 -9.15 -18.42
CA ILE G 32 -58.75 -8.53 -18.35
C ILE G 32 -58.75 -7.39 -17.34
N ILE G 33 -57.96 -7.54 -16.28
CA ILE G 33 -57.94 -6.56 -15.20
C ILE G 33 -56.53 -5.99 -15.01
N GLY G 34 -56.45 -4.68 -14.80
CA GLY G 34 -55.18 -4.01 -14.62
C GLY G 34 -55.27 -2.53 -14.31
N ASP G 35 -54.31 -1.76 -14.81
CA ASP G 35 -54.26 -0.32 -14.56
C ASP G 35 -54.76 0.49 -15.76
N SER G 36 -54.19 1.68 -15.94
CA SER G 36 -54.62 2.58 -17.00
C SER G 36 -54.36 2.00 -18.39
N ILE G 37 -53.33 1.18 -18.49
CA ILE G 37 -52.96 0.56 -19.76
C ILE G 37 -54.03 -0.47 -20.15
N THR G 38 -54.64 -1.08 -19.15
CA THR G 38 -55.78 -1.96 -19.37
C THR G 38 -57.05 -1.12 -19.53
N ASP G 39 -57.17 -0.11 -18.67
CA ASP G 39 -58.29 0.83 -18.70
C ASP G 39 -58.44 1.47 -20.07
N ALA G 40 -57.41 2.22 -20.48
CA ALA G 40 -57.37 2.87 -21.78
C ALA G 40 -58.56 3.79 -22.02
N GLY G 41 -59.05 4.43 -20.96
CA GLY G 41 -60.12 5.40 -21.09
C GLY G 41 -61.47 4.81 -21.45
N ARG G 42 -61.72 3.57 -21.03
CA ARG G 42 -63.01 2.94 -21.26
C ARG G 42 -64.10 3.64 -20.45
N ASP G 43 -65.35 3.48 -20.89
CA ASP G 43 -66.48 3.99 -20.12
C ASP G 43 -66.78 3.03 -18.98
N LYS G 44 -66.35 3.39 -17.78
CA LYS G 44 -66.52 2.54 -16.59
C LYS G 44 -67.99 2.42 -16.17
N GLY G 45 -68.84 3.26 -16.76
CA GLY G 45 -70.25 3.26 -16.42
C GLY G 45 -71.00 2.04 -16.88
N ILE G 46 -70.36 1.20 -17.70
CA ILE G 46 -71.03 0.05 -18.28
C ILE G 46 -70.26 -1.26 -17.99
N GLY G 47 -69.20 -1.15 -17.18
CA GLY G 47 -68.53 -2.32 -16.66
C GLY G 47 -67.73 -3.18 -17.62
N GLY G 48 -67.07 -2.54 -18.58
CA GLY G 48 -66.18 -3.24 -19.49
C GLY G 48 -66.86 -4.14 -20.50
N GLU G 49 -68.19 -4.04 -20.57
CA GLU G 49 -68.96 -4.82 -21.54
C GLU G 49 -70.18 -4.02 -21.99
N GLY G 50 -70.31 -3.80 -23.29
CA GLY G 50 -71.43 -3.06 -23.82
C GLY G 50 -71.28 -2.61 -25.26
N LEU G 51 -72.11 -1.65 -25.66
CA LEU G 51 -72.18 -1.20 -27.05
C LEU G 51 -71.04 -0.26 -27.44
N PHE G 52 -70.81 0.79 -26.65
CA PHE G 52 -69.87 1.83 -27.03
C PHE G 52 -68.78 2.09 -25.99
N ASN G 53 -67.54 2.11 -26.46
CA ASN G 53 -66.36 2.35 -25.62
C ASN G 53 -66.36 1.56 -24.33
N ALA G 54 -66.60 0.26 -24.44
CA ALA G 54 -66.58 -0.62 -23.29
C ALA G 54 -65.14 -1.04 -22.98
N HIS G 55 -64.32 -1.11 -24.02
CA HIS G 55 -62.97 -1.64 -23.90
C HIS G 55 -61.87 -0.57 -24.00
N GLY G 56 -62.28 0.67 -24.19
CA GLY G 56 -61.33 1.76 -24.33
C GLY G 56 -60.68 1.78 -25.70
N SER G 57 -59.48 2.33 -25.78
CA SER G 57 -58.76 2.41 -27.04
C SER G 57 -57.31 1.96 -26.89
N GLY G 58 -57.10 0.92 -26.08
CA GLY G 58 -55.79 0.37 -25.85
C GLY G 58 -55.67 -1.05 -26.37
N TYR G 59 -54.80 -1.85 -25.74
CA TYR G 59 -54.53 -3.19 -26.24
C TYR G 59 -55.72 -4.12 -26.05
N VAL G 60 -56.52 -3.87 -25.02
CA VAL G 60 -57.73 -4.67 -24.77
C VAL G 60 -58.68 -4.56 -25.95
N ALA G 61 -58.93 -3.33 -26.40
CA ALA G 61 -59.76 -3.09 -27.57
C ALA G 61 -59.13 -3.70 -28.82
N LEU G 62 -57.80 -3.68 -28.88
CA LEU G 62 -57.08 -4.25 -30.00
C LEU G 62 -57.25 -5.76 -30.04
N LEU G 63 -57.15 -6.40 -28.88
CA LEU G 63 -57.36 -7.85 -28.77
C LEU G 63 -58.77 -8.22 -29.22
N ASN G 64 -59.75 -7.45 -28.73
CA ASN G 64 -61.14 -7.68 -29.07
C ASN G 64 -61.39 -7.59 -30.57
N ALA G 65 -60.87 -6.55 -31.19
CA ALA G 65 -61.01 -6.35 -32.64
C ALA G 65 -60.30 -7.46 -33.41
N HIS G 66 -59.11 -7.83 -32.98
CA HIS G 66 -58.38 -8.90 -33.63
C HIS G 66 -59.05 -10.28 -33.49
N LEU G 67 -59.49 -10.63 -32.32
CA LEU G 67 -60.13 -11.92 -32.13
C LEU G 67 -61.45 -12.02 -32.90
N PHE G 68 -62.13 -10.89 -33.05
CA PHE G 68 -63.39 -10.85 -33.81
C PHE G 68 -63.13 -10.95 -35.31
N ALA G 69 -62.26 -10.09 -35.81
CA ALA G 69 -61.99 -10.01 -37.24
C ALA G 69 -61.36 -11.28 -37.78
N ARG G 70 -60.43 -11.87 -37.02
CA ARG G 70 -59.70 -13.04 -37.48
C ARG G 70 -60.35 -14.35 -37.06
N PHE G 71 -60.98 -14.36 -35.89
CA PHE G 71 -61.65 -15.56 -35.39
C PHE G 71 -63.10 -15.29 -34.98
N PRO G 72 -63.95 -14.93 -35.95
CA PRO G 72 -65.35 -14.66 -35.58
C PRO G 72 -66.07 -15.90 -35.07
N GLU G 73 -65.68 -17.07 -35.54
CA GLU G 73 -66.34 -18.32 -35.17
C GLU G 73 -65.97 -18.79 -33.77
N ARG G 74 -64.91 -18.21 -33.21
CA ARG G 74 -64.45 -18.59 -31.88
C ARG G 74 -65.35 -17.96 -30.80
N ARG G 75 -65.97 -16.83 -31.15
CA ARG G 75 -66.97 -16.18 -30.29
C ARG G 75 -66.47 -15.87 -28.89
N LEU G 76 -65.29 -15.24 -28.79
CA LEU G 76 -64.70 -14.94 -27.50
C LEU G 76 -65.28 -13.66 -26.89
N ARG G 77 -65.57 -13.73 -25.60
CA ARG G 77 -66.22 -12.65 -24.87
C ARG G 77 -65.23 -11.95 -23.94
N LEU G 78 -64.80 -10.75 -24.33
CA LEU G 78 -63.79 -10.01 -23.57
C LEU G 78 -64.39 -8.92 -22.70
N VAL G 79 -63.88 -8.81 -21.47
CA VAL G 79 -64.33 -7.77 -20.54
C VAL G 79 -63.13 -6.96 -20.04
N ASN G 80 -63.25 -5.64 -20.09
CA ASN G 80 -62.19 -4.76 -19.63
C ASN G 80 -62.46 -4.29 -18.21
N GLN G 81 -61.57 -4.64 -17.29
CA GLN G 81 -61.71 -4.23 -15.90
C GLN G 81 -60.51 -3.43 -15.41
N GLY G 82 -59.91 -2.68 -16.32
CA GLY G 82 -58.76 -1.85 -15.99
C GLY G 82 -59.16 -0.57 -15.29
N ASN G 83 -58.48 -0.26 -14.19
CA ASN G 83 -58.69 0.99 -13.47
C ASN G 83 -57.39 1.78 -13.38
N SER G 84 -57.38 2.99 -13.90
CA SER G 84 -56.18 3.83 -13.94
C SER G 84 -55.65 4.13 -12.54
N GLY G 85 -54.33 4.00 -12.38
CA GLY G 85 -53.68 4.32 -11.13
C GLY G 85 -53.58 3.16 -10.15
N ASN G 86 -54.19 2.04 -10.53
CA ASN G 86 -54.24 0.87 -9.66
C ASN G 86 -52.89 0.21 -9.39
N THR G 87 -52.66 -0.15 -8.14
CA THR G 87 -51.56 -1.03 -7.78
C THR G 87 -52.14 -2.42 -7.52
N VAL G 88 -51.33 -3.34 -7.02
CA VAL G 88 -51.81 -4.69 -6.78
C VAL G 88 -52.74 -4.72 -5.56
N ARG G 89 -52.62 -3.73 -4.68
CA ARG G 89 -53.46 -3.70 -3.48
C ARG G 89 -54.83 -3.09 -3.79
N ASP G 90 -54.88 -2.18 -4.76
CA ASP G 90 -56.15 -1.65 -5.23
C ASP G 90 -56.90 -2.73 -5.99
N LEU G 91 -56.12 -3.62 -6.62
CA LEU G 91 -56.67 -4.73 -7.38
C LEU G 91 -57.31 -5.77 -6.47
N ALA G 92 -56.69 -6.00 -5.33
CA ALA G 92 -57.16 -7.02 -4.39
C ALA G 92 -58.41 -6.57 -3.65
N ALA G 93 -58.62 -5.26 -3.57
CA ALA G 93 -59.74 -4.71 -2.82
C ALA G 93 -61.06 -4.81 -3.60
N ARG G 94 -60.95 -4.94 -4.92
CA ARG G 94 -62.14 -4.99 -5.77
C ARG G 94 -62.24 -6.31 -6.52
N TRP G 95 -61.36 -7.25 -6.17
CA TRP G 95 -61.25 -8.51 -6.89
C TRP G 95 -62.52 -9.35 -6.85
N GLN G 96 -63.25 -9.27 -5.73
CA GLN G 96 -64.46 -10.08 -5.56
C GLN G 96 -65.54 -9.74 -6.58
N ASN G 97 -65.76 -8.45 -6.81
CA ASN G 97 -66.83 -8.00 -7.68
C ASN G 97 -66.40 -7.80 -9.14
N ASP G 98 -65.12 -7.54 -9.35
CA ASP G 98 -64.63 -7.24 -10.69
C ASP G 98 -64.04 -8.47 -11.39
N VAL G 99 -63.90 -9.57 -10.67
CA VAL G 99 -63.40 -10.81 -11.26
C VAL G 99 -64.35 -11.97 -11.00
N PHE G 100 -64.48 -12.37 -9.74
CA PHE G 100 -65.32 -13.50 -9.37
C PHE G 100 -66.79 -13.26 -9.71
N GLY G 101 -67.25 -12.03 -9.52
CA GLY G 101 -68.64 -11.69 -9.80
C GLY G 101 -69.01 -11.83 -11.26
N LEU G 102 -68.02 -11.69 -12.14
CA LEU G 102 -68.25 -11.78 -13.58
C LEU G 102 -68.24 -13.23 -14.06
N LYS G 103 -67.84 -14.14 -13.18
CA LYS G 103 -67.74 -15.56 -13.50
C LYS G 103 -67.02 -15.85 -14.81
N PRO G 104 -65.72 -15.58 -14.86
CA PRO G 104 -64.95 -15.73 -16.10
C PRO G 104 -64.49 -17.16 -16.35
N ASP G 105 -64.13 -17.45 -17.59
CA ASP G 105 -63.49 -18.71 -17.95
C ASP G 105 -61.99 -18.51 -17.94
N TYR G 106 -61.57 -17.29 -18.24
CA TYR G 106 -60.15 -16.93 -18.24
C TYR G 106 -59.95 -15.56 -17.62
N VAL G 107 -58.83 -15.40 -16.91
CA VAL G 107 -58.47 -14.11 -16.33
C VAL G 107 -57.07 -13.70 -16.76
N ALA G 108 -56.97 -12.51 -17.33
CA ALA G 108 -55.68 -11.94 -17.66
C ALA G 108 -55.41 -10.72 -16.77
N MET G 109 -54.20 -10.61 -16.25
CA MET G 109 -53.88 -9.55 -15.31
C MET G 109 -52.52 -8.90 -15.60
N MET G 110 -52.53 -7.59 -15.79
CA MET G 110 -51.30 -6.81 -15.88
C MET G 110 -51.28 -5.78 -14.75
N ILE G 111 -50.36 -5.95 -13.82
CA ILE G 111 -50.23 -5.05 -12.68
C ILE G 111 -48.78 -5.04 -12.24
N GLY G 112 -48.33 -3.88 -11.72
CA GLY G 112 -46.96 -3.74 -11.27
C GLY G 112 -46.32 -2.42 -11.63
N ILE G 113 -46.84 -1.77 -12.67
CA ILE G 113 -46.24 -0.52 -13.16
C ILE G 113 -46.36 0.62 -12.15
N ASN G 114 -47.58 0.89 -11.69
CA ASN G 114 -47.79 1.91 -10.67
C ASN G 114 -47.12 1.52 -9.37
N ASP G 115 -47.04 0.22 -9.12
CA ASP G 115 -46.38 -0.31 -7.95
C ASP G 115 -44.89 0.07 -7.93
N VAL G 116 -44.29 0.11 -9.11
CA VAL G 116 -42.90 0.52 -9.26
C VAL G 116 -42.77 2.03 -9.45
N TRP G 117 -43.62 2.58 -10.30
CA TRP G 117 -43.53 3.98 -10.71
C TRP G 117 -43.58 4.96 -9.56
N ARG G 118 -44.45 4.70 -8.57
CA ARG G 118 -44.64 5.62 -7.46
C ARG G 118 -43.41 5.78 -6.59
N GLN G 119 -42.52 4.78 -6.63
CA GLN G 119 -41.31 4.83 -5.84
C GLN G 119 -40.28 5.79 -6.43
N PHE G 120 -40.58 6.32 -7.61
CA PHE G 120 -39.64 7.19 -8.31
C PHE G 120 -40.20 8.58 -8.61
N ASP G 121 -41.50 8.69 -8.88
CA ASP G 121 -42.09 10.01 -9.09
C ASP G 121 -42.67 10.56 -7.78
N LEU G 122 -42.83 9.68 -6.80
CA LEU G 122 -43.22 10.09 -5.45
C LEU G 122 -42.35 9.38 -4.41
N PRO G 123 -41.03 9.63 -4.44
CA PRO G 123 -40.08 8.86 -3.63
C PRO G 123 -40.20 9.09 -2.12
N LEU G 124 -40.81 10.20 -1.74
CA LEU G 124 -40.90 10.57 -0.32
C LEU G 124 -42.13 9.97 0.35
N MET G 125 -43.18 9.75 -0.44
CA MET G 125 -44.42 9.17 0.08
C MET G 125 -44.29 7.66 0.19
N THR G 126 -43.58 7.22 1.22
CA THR G 126 -43.09 5.84 1.31
C THR G 126 -44.15 4.75 1.44
N ASP G 127 -45.22 5.01 2.20
CA ASP G 127 -46.16 3.95 2.52
C ASP G 127 -47.27 3.78 1.49
N ARG G 128 -47.26 4.60 0.45
CA ARG G 128 -48.14 4.37 -0.68
C ARG G 128 -47.38 3.54 -1.72
N HIS G 129 -46.11 3.28 -1.42
CA HIS G 129 -45.30 2.37 -2.23
C HIS G 129 -45.65 0.93 -1.88
N VAL G 130 -45.68 0.08 -2.91
CA VAL G 130 -45.86 -1.35 -2.70
C VAL G 130 -44.50 -2.04 -2.79
N CYS G 131 -43.98 -2.49 -1.66
CA CYS G 131 -42.69 -3.16 -1.61
C CYS G 131 -42.74 -4.48 -2.37
N PRO G 132 -41.58 -4.99 -2.82
CA PRO G 132 -41.53 -6.24 -3.58
C PRO G 132 -42.20 -7.44 -2.87
N GLU G 133 -42.07 -7.55 -1.56
CA GLU G 133 -42.66 -8.67 -0.84
C GLU G 133 -44.18 -8.57 -0.80
N GLU G 134 -44.69 -7.37 -0.52
CA GLU G 134 -46.14 -7.15 -0.52
C GLU G 134 -46.70 -7.40 -1.91
N TYR G 135 -45.96 -6.95 -2.92
CA TYR G 135 -46.36 -7.15 -4.31
C TYR G 135 -46.44 -8.63 -4.65
N GLU G 136 -45.39 -9.37 -4.29
CA GLU G 136 -45.32 -10.80 -4.60
C GLU G 136 -46.38 -11.59 -3.83
N LYS G 137 -46.56 -11.26 -2.56
CA LYS G 137 -47.51 -11.98 -1.71
C LYS G 137 -48.96 -11.71 -2.12
N THR G 138 -49.27 -10.45 -2.41
CA THR G 138 -50.61 -10.07 -2.82
C THR G 138 -50.94 -10.68 -4.18
N LEU G 139 -49.97 -10.63 -5.09
CA LEU G 139 -50.12 -11.19 -6.43
C LEU G 139 -50.30 -12.70 -6.37
N ASP G 140 -49.55 -13.36 -5.49
CA ASP G 140 -49.62 -14.80 -5.34
C ASP G 140 -50.96 -15.26 -4.76
N GLU G 141 -51.46 -14.52 -3.77
CA GLU G 141 -52.72 -14.88 -3.13
C GLU G 141 -53.89 -14.78 -4.11
N LEU G 142 -53.91 -13.71 -4.90
CA LEU G 142 -54.96 -13.49 -5.89
C LEU G 142 -54.97 -14.62 -6.92
N VAL G 143 -53.78 -15.07 -7.30
CA VAL G 143 -53.65 -16.15 -8.28
C VAL G 143 -54.01 -17.50 -7.69
N ALA G 144 -53.54 -17.76 -6.47
CA ALA G 144 -53.80 -19.02 -5.78
C ALA G 144 -55.30 -19.28 -5.62
N ARG G 145 -56.06 -18.20 -5.43
CA ARG G 145 -57.50 -18.30 -5.23
C ARG G 145 -58.26 -18.40 -6.55
N THR G 146 -57.77 -17.69 -7.57
CA THR G 146 -58.47 -17.59 -8.84
C THR G 146 -58.17 -18.78 -9.77
N ALA G 147 -56.97 -19.34 -9.63
CA ALA G 147 -56.52 -20.43 -10.51
C ALA G 147 -57.46 -21.65 -10.55
N PRO G 148 -57.90 -22.15 -9.38
CA PRO G 148 -58.78 -23.32 -9.47
C PRO G 148 -60.19 -22.99 -9.95
N THR G 149 -60.47 -21.70 -10.14
CA THR G 149 -61.81 -21.25 -10.52
C THR G 149 -61.95 -21.14 -12.05
N VAL G 150 -60.84 -20.89 -12.74
CA VAL G 150 -60.87 -20.66 -14.17
C VAL G 150 -60.24 -21.78 -14.99
N LYS G 151 -60.47 -21.75 -16.30
CA LYS G 151 -59.86 -22.70 -17.21
C LYS G 151 -58.39 -22.35 -17.44
N GLY G 152 -58.08 -21.07 -17.30
CA GLY G 152 -56.71 -20.60 -17.49
C GLY G 152 -56.54 -19.18 -16.97
N MET G 153 -55.34 -18.89 -16.49
CA MET G 153 -55.04 -17.56 -15.96
C MET G 153 -53.76 -17.02 -16.59
N ILE G 154 -53.84 -15.79 -17.11
CA ILE G 154 -52.73 -15.19 -17.84
C ILE G 154 -52.14 -14.01 -17.09
N LEU G 155 -50.82 -14.02 -16.92
CA LEU G 155 -50.12 -12.91 -16.28
C LEU G 155 -49.31 -12.12 -17.30
N LEU G 156 -49.65 -10.85 -17.47
CA LEU G 156 -48.88 -9.96 -18.33
C LEU G 156 -47.90 -9.16 -17.49
N THR G 157 -46.62 -9.28 -17.80
CA THR G 157 -45.59 -8.61 -17.01
C THR G 157 -45.73 -7.10 -17.09
N PRO G 158 -45.46 -6.41 -15.98
CA PRO G 158 -45.37 -4.95 -16.02
C PRO G 158 -44.13 -4.55 -16.81
N TYR G 159 -44.12 -3.37 -17.40
CA TYR G 159 -43.03 -2.98 -18.27
C TYR G 159 -42.58 -1.54 -18.04
N PHE G 160 -41.43 -1.21 -18.61
CA PHE G 160 -40.94 0.16 -18.66
C PHE G 160 -40.25 0.33 -20.00
N ILE G 161 -40.79 1.20 -20.84
CA ILE G 161 -40.26 1.39 -22.18
C ILE G 161 -38.94 2.17 -22.09
N GLU G 162 -37.91 1.46 -21.64
CA GLU G 162 -36.59 2.05 -21.45
C GLU G 162 -35.50 0.99 -21.65
N PRO G 163 -34.69 1.15 -22.70
CA PRO G 163 -33.63 0.18 -23.03
C PRO G 163 -32.53 0.07 -21.98
N ASN G 164 -32.24 1.15 -21.27
CA ASN G 164 -31.18 1.14 -20.27
C ASN G 164 -31.50 0.25 -19.08
N ARG G 165 -30.86 -0.91 -19.03
CA ARG G 165 -31.12 -1.89 -17.98
C ARG G 165 -30.52 -1.46 -16.63
N GLU G 166 -29.77 -0.36 -16.64
CA GLU G 166 -29.16 0.15 -15.42
C GLU G 166 -29.93 1.35 -14.87
N ASP G 167 -31.01 1.73 -15.55
CA ASP G 167 -31.91 2.75 -15.03
C ASP G 167 -32.54 2.23 -13.75
N ALA G 168 -32.59 3.08 -12.74
CA ALA G 168 -33.08 2.68 -11.42
C ALA G 168 -34.51 2.14 -11.48
N MET G 169 -35.33 2.73 -12.34
CA MET G 169 -36.72 2.31 -12.44
C MET G 169 -36.89 1.10 -13.37
N ARG G 170 -36.14 1.06 -14.45
CA ARG G 170 -36.16 -0.09 -15.36
C ARG G 170 -35.70 -1.34 -14.63
N ALA G 171 -34.63 -1.20 -13.85
CA ALA G 171 -34.09 -2.32 -13.07
C ALA G 171 -35.09 -2.80 -12.03
N ARG G 172 -35.78 -1.85 -11.39
CA ARG G 172 -36.77 -2.20 -10.38
C ARG G 172 -38.00 -2.82 -11.02
N MET G 173 -38.34 -2.36 -12.22
CA MET G 173 -39.45 -2.95 -12.97
C MET G 173 -39.12 -4.38 -13.33
N ASP G 174 -37.84 -4.66 -13.57
CA ASP G 174 -37.37 -6.01 -13.85
C ASP G 174 -37.55 -6.91 -12.65
N VAL G 175 -37.39 -6.36 -11.45
CA VAL G 175 -37.55 -7.10 -10.22
C VAL G 175 -39.00 -7.58 -10.06
N TYR G 176 -39.94 -6.67 -10.27
CA TYR G 176 -41.36 -6.98 -10.13
C TYR G 176 -41.83 -7.92 -11.24
N GLY G 177 -41.24 -7.77 -12.42
CA GLY G 177 -41.56 -8.63 -13.54
C GLY G 177 -41.20 -10.08 -13.27
N ASP G 178 -40.04 -10.29 -12.63
CA ASP G 178 -39.59 -11.63 -12.30
C ASP G 178 -40.37 -12.21 -11.12
N LEU G 179 -40.84 -11.34 -10.23
CA LEU G 179 -41.69 -11.76 -9.13
C LEU G 179 -43.01 -12.30 -9.68
N MET G 180 -43.48 -11.71 -10.76
CA MET G 180 -44.68 -12.20 -11.43
C MET G 180 -44.39 -13.52 -12.15
N ARG G 181 -43.21 -13.60 -12.77
CA ARG G 181 -42.76 -14.83 -13.41
C ARG G 181 -42.70 -15.96 -12.38
N ARG G 182 -42.28 -15.61 -11.18
CA ARG G 182 -42.16 -16.56 -10.08
C ARG G 182 -43.53 -17.11 -9.68
N VAL G 183 -44.51 -16.22 -9.55
CA VAL G 183 -45.87 -16.60 -9.21
C VAL G 183 -46.50 -17.41 -10.35
N ALA G 184 -46.23 -17.01 -11.58
CA ALA G 184 -46.78 -17.68 -12.76
C ALA G 184 -46.34 -19.13 -12.85
N GLU G 185 -45.05 -19.37 -12.63
CA GLU G 185 -44.49 -20.71 -12.70
C GLU G 185 -45.00 -21.57 -11.56
N ARG G 186 -45.22 -20.94 -10.41
CA ARG G 186 -45.63 -21.65 -9.20
C ARG G 186 -47.09 -22.12 -9.26
N HIS G 187 -47.90 -21.47 -10.10
CA HIS G 187 -49.31 -21.81 -10.20
C HIS G 187 -49.71 -22.28 -11.60
N GLY G 188 -48.70 -22.48 -12.46
CA GLY G 188 -48.96 -22.97 -13.81
C GLY G 188 -49.67 -21.97 -14.69
N CYS G 189 -49.47 -20.70 -14.42
CA CYS G 189 -50.07 -19.64 -15.22
C CYS G 189 -49.29 -19.40 -16.50
N LEU G 190 -50.00 -18.97 -17.54
CA LEU G 190 -49.35 -18.50 -18.74
C LEU G 190 -48.85 -17.08 -18.51
N LEU G 191 -47.58 -16.83 -18.82
CA LEU G 191 -47.03 -15.49 -18.66
C LEU G 191 -46.72 -14.85 -20.01
N VAL G 192 -47.20 -13.61 -20.18
CA VAL G 192 -46.89 -12.84 -21.37
C VAL G 192 -45.75 -11.87 -21.08
N ASP G 193 -44.64 -12.04 -21.80
CA ASP G 193 -43.49 -11.16 -21.64
C ASP G 193 -43.67 -9.88 -22.45
N VAL G 194 -44.42 -8.94 -21.89
CA VAL G 194 -44.64 -7.64 -22.54
C VAL G 194 -43.35 -6.84 -22.60
N GLN G 195 -42.57 -6.91 -21.53
CA GLN G 195 -41.30 -6.18 -21.45
C GLN G 195 -40.35 -6.60 -22.56
N GLY G 196 -40.28 -7.90 -22.82
CA GLY G 196 -39.45 -8.43 -23.88
C GLY G 196 -39.94 -7.98 -25.25
N ALA G 197 -41.27 -7.87 -25.38
CA ALA G 197 -41.88 -7.43 -26.63
C ALA G 197 -41.47 -5.99 -26.95
N PHE G 198 -41.47 -5.14 -25.92
CA PHE G 198 -41.04 -3.76 -26.09
C PHE G 198 -39.54 -3.68 -26.40
N ASP G 199 -38.77 -4.57 -25.77
CA ASP G 199 -37.32 -4.58 -25.98
C ASP G 199 -36.96 -4.92 -27.42
N ARG G 200 -37.73 -5.79 -28.05
CA ARG G 200 -37.51 -6.10 -29.46
C ARG G 200 -37.87 -4.91 -30.33
N TYR G 201 -38.89 -4.16 -29.92
CA TYR G 201 -39.32 -2.97 -30.65
C TYR G 201 -38.27 -1.87 -30.56
N LEU G 202 -37.72 -1.68 -29.36
CA LEU G 202 -36.77 -0.59 -29.11
C LEU G 202 -35.44 -0.78 -29.83
N GLN G 203 -35.29 -1.90 -30.52
CA GLN G 203 -34.11 -2.14 -31.33
C GLN G 203 -34.14 -1.32 -32.62
N HIS G 204 -35.30 -0.73 -32.90
CA HIS G 204 -35.50 0.01 -34.14
C HIS G 204 -35.93 1.46 -33.90
N TYR G 205 -36.40 1.75 -32.70
CA TYR G 205 -36.85 3.11 -32.37
C TYR G 205 -36.56 3.50 -30.93
N HIS G 206 -36.53 4.80 -30.69
CA HIS G 206 -36.42 5.37 -29.35
C HIS G 206 -37.78 5.31 -28.68
N PRO G 207 -37.83 5.17 -27.34
CA PRO G 207 -39.10 5.17 -26.60
C PRO G 207 -40.00 6.36 -26.92
N ALA G 208 -39.41 7.51 -27.22
CA ALA G 208 -40.18 8.72 -27.53
C ALA G 208 -41.10 8.51 -28.73
N GLN G 209 -40.67 7.67 -29.66
CA GLN G 209 -41.47 7.33 -30.83
C GLN G 209 -42.71 6.54 -30.41
N LEU G 210 -42.63 5.93 -29.23
CA LEU G 210 -43.71 5.10 -28.72
C LEU G 210 -44.44 5.78 -27.56
N ALA G 211 -43.68 6.30 -26.61
CA ALA G 211 -44.26 6.92 -25.43
C ALA G 211 -43.34 7.98 -24.83
N TRP G 212 -43.86 9.21 -24.74
CA TRP G 212 -43.13 10.31 -24.12
C TRP G 212 -42.77 9.99 -22.67
N ASP G 213 -43.70 9.39 -21.94
CA ASP G 213 -43.49 9.09 -20.53
C ASP G 213 -43.03 7.65 -20.31
N ARG G 214 -42.72 6.96 -21.40
CA ARG G 214 -42.18 5.60 -21.38
C ARG G 214 -43.11 4.58 -20.70
N ILE G 215 -44.38 4.94 -20.53
CA ILE G 215 -45.37 4.03 -19.95
C ILE G 215 -46.64 3.98 -20.78
N HIS G 216 -47.25 5.14 -21.00
CA HIS G 216 -48.48 5.23 -21.79
C HIS G 216 -48.15 5.40 -23.27
N PRO G 217 -48.29 4.32 -24.05
CA PRO G 217 -47.86 4.30 -25.44
C PRO G 217 -48.93 4.81 -26.39
N ASN G 218 -48.54 5.01 -27.66
CA ASN G 218 -49.52 5.26 -28.70
C ASN G 218 -50.17 3.95 -29.10
N LEU G 219 -50.98 3.96 -30.16
CA LEU G 219 -51.68 2.75 -30.58
C LEU G 219 -50.70 1.67 -31.00
N ALA G 220 -49.59 2.08 -31.61
CA ALA G 220 -48.55 1.14 -32.02
C ALA G 220 -47.98 0.39 -30.82
N GLY G 221 -47.76 1.12 -29.72
CA GLY G 221 -47.25 0.53 -28.51
C GLY G 221 -48.25 -0.42 -27.86
N HIS G 222 -49.52 -0.09 -27.96
CA HIS G 222 -50.58 -0.97 -27.48
C HIS G 222 -50.66 -2.22 -28.34
N GLN G 223 -50.33 -2.07 -29.62
CA GLN G 223 -50.32 -3.19 -30.55
C GLN G 223 -49.19 -4.15 -30.20
N VAL G 224 -48.06 -3.60 -29.75
CA VAL G 224 -46.94 -4.40 -29.28
C VAL G 224 -47.37 -5.28 -28.11
N ILE G 225 -48.12 -4.69 -27.19
CA ILE G 225 -48.66 -5.42 -26.05
C ILE G 225 -49.63 -6.49 -26.51
N ALA G 226 -50.59 -6.09 -27.34
CA ALA G 226 -51.64 -7.00 -27.82
C ALA G 226 -51.06 -8.19 -28.57
N ASN G 227 -50.07 -7.95 -29.42
CA ASN G 227 -49.47 -9.02 -30.21
C ASN G 227 -48.65 -10.00 -29.36
N ALA G 228 -48.07 -9.50 -28.28
CA ALA G 228 -47.34 -10.35 -27.35
C ALA G 228 -48.30 -11.28 -26.62
N PHE G 229 -49.47 -10.74 -26.31
CA PHE G 229 -50.56 -11.52 -25.71
C PHE G 229 -51.02 -12.60 -26.68
N LEU G 230 -51.22 -12.20 -27.93
CA LEU G 230 -51.72 -13.10 -28.96
C LEU G 230 -50.72 -14.20 -29.30
N ALA G 231 -49.44 -13.85 -29.32
CA ALA G 231 -48.39 -14.81 -29.61
C ALA G 231 -48.27 -15.84 -28.49
N ALA G 232 -48.42 -15.39 -27.25
CA ALA G 232 -48.33 -16.27 -26.10
C ALA G 232 -49.52 -17.21 -26.03
N THR G 233 -50.67 -16.73 -26.48
CA THR G 233 -51.88 -17.55 -26.49
C THR G 233 -52.04 -18.27 -27.82
N GLY G 234 -51.10 -18.03 -28.73
CA GLY G 234 -51.09 -18.69 -30.03
C GLY G 234 -52.22 -18.26 -30.94
N CYS G 235 -52.51 -16.96 -30.93
CA CYS G 235 -53.60 -16.42 -31.76
C CYS G 235 -53.12 -15.27 -32.62
N LEU G 236 -51.82 -15.17 -32.85
CA LEU G 236 -51.25 -14.04 -33.58
C LEU G 236 -51.67 -14.04 -35.05
N ASN G 237 -51.06 -14.92 -35.84
CA ASN G 237 -51.38 -15.02 -37.25
C ASN G 237 -52.65 -15.84 -37.50
N SER G 238 -53.28 -15.61 -38.65
CA SER G 238 -54.52 -16.32 -38.98
C SER G 238 -54.49 -16.84 -40.41
N GLY H 21 -38.24 -36.68 -12.51
CA GLY H 21 -38.36 -37.91 -11.75
C GLY H 21 -39.79 -38.37 -11.58
N MET H 22 -40.29 -39.06 -12.59
CA MET H 22 -41.65 -39.60 -12.55
C MET H 22 -41.70 -40.87 -11.70
N TYR H 23 -40.61 -41.62 -11.73
CA TYR H 23 -40.49 -42.85 -10.94
C TYR H 23 -40.01 -42.54 -9.53
N PHE H 24 -39.25 -41.46 -9.39
CA PHE H 24 -38.76 -41.04 -8.08
C PHE H 24 -39.73 -40.08 -7.38
N ALA H 25 -40.08 -40.40 -6.15
CA ALA H 25 -40.87 -39.48 -5.33
C ALA H 25 -40.03 -38.23 -5.05
N ALA H 26 -40.69 -37.08 -4.97
CA ALA H 26 -39.98 -35.82 -4.74
C ALA H 26 -39.25 -35.82 -3.41
N GLY H 27 -38.06 -35.23 -3.40
CA GLY H 27 -37.27 -35.13 -2.18
C GLY H 27 -36.69 -36.44 -1.71
N SER H 28 -36.47 -37.36 -2.65
CA SER H 28 -35.95 -38.68 -2.30
C SER H 28 -34.44 -38.73 -2.37
N LYS H 29 -33.86 -39.67 -1.62
CA LYS H 29 -32.41 -39.85 -1.60
C LYS H 29 -32.02 -41.13 -2.34
N LEU H 30 -31.37 -40.97 -3.48
CA LEU H 30 -30.97 -42.10 -4.31
C LEU H 30 -29.49 -42.40 -4.20
N VAL H 31 -29.16 -43.61 -3.79
CA VAL H 31 -27.77 -44.03 -3.69
C VAL H 31 -27.38 -44.90 -4.89
N ILE H 32 -26.34 -44.47 -5.60
CA ILE H 32 -25.82 -45.23 -6.73
C ILE H 32 -24.52 -45.92 -6.32
N ILE H 33 -24.53 -47.24 -6.29
CA ILE H 33 -23.34 -48.00 -5.94
C ILE H 33 -22.90 -48.89 -7.10
N GLY H 34 -21.59 -49.07 -7.25
CA GLY H 34 -21.06 -49.89 -8.31
C GLY H 34 -19.55 -49.78 -8.38
N ASP H 35 -18.99 -49.96 -9.55
CA ASP H 35 -17.54 -49.92 -9.77
C ASP H 35 -16.94 -48.60 -10.30
N SER H 36 -15.93 -48.70 -11.14
CA SER H 36 -15.26 -47.58 -11.74
C SER H 36 -16.17 -46.62 -12.53
N ILE H 37 -17.03 -47.19 -13.33
CA ILE H 37 -17.96 -46.48 -14.22
C ILE H 37 -18.92 -45.66 -13.38
N THR H 38 -19.24 -46.16 -12.20
CA THR H 38 -20.02 -45.41 -11.22
C THR H 38 -19.12 -44.43 -10.45
N ASP H 39 -17.94 -44.90 -10.06
CA ASP H 39 -16.97 -44.09 -9.32
C ASP H 39 -16.60 -42.82 -10.09
N ALA H 40 -16.03 -43.00 -11.29
CA ALA H 40 -15.72 -41.90 -12.20
C ALA H 40 -14.78 -40.85 -11.60
N GLY H 41 -13.90 -41.27 -10.69
CA GLY H 41 -12.89 -40.40 -10.14
C GLY H 41 -13.40 -39.41 -9.11
N ARG H 42 -14.44 -39.79 -8.38
CA ARG H 42 -15.01 -38.94 -7.33
C ARG H 42 -14.06 -38.82 -6.14
N ASP H 43 -14.30 -37.82 -5.31
CA ASP H 43 -13.57 -37.67 -4.06
C ASP H 43 -14.20 -38.59 -3.02
N LYS H 44 -13.42 -39.54 -2.50
CA LYS H 44 -13.92 -40.55 -1.58
C LYS H 44 -14.21 -40.00 -0.19
N GLY H 45 -13.37 -39.08 0.27
CA GLY H 45 -13.47 -38.55 1.62
C GLY H 45 -14.69 -37.68 1.88
N ILE H 46 -15.47 -37.42 0.84
CA ILE H 46 -16.64 -36.56 0.98
C ILE H 46 -17.92 -37.42 1.08
N GLY H 47 -17.79 -38.70 0.73
CA GLY H 47 -18.85 -39.67 1.00
C GLY H 47 -19.96 -39.74 -0.02
N GLY H 48 -19.72 -39.26 -1.23
CA GLY H 48 -20.69 -39.39 -2.30
C GLY H 48 -21.54 -38.16 -2.54
N GLU H 49 -21.61 -37.28 -1.55
CA GLU H 49 -22.35 -36.03 -1.69
C GLU H 49 -21.59 -34.88 -1.06
N GLY H 50 -21.44 -33.79 -1.80
CA GLY H 50 -20.70 -32.64 -1.33
C GLY H 50 -20.77 -31.45 -2.27
N LEU H 51 -19.76 -30.61 -2.21
CA LEU H 51 -19.74 -29.37 -2.96
C LEU H 51 -18.81 -29.39 -4.17
N PHE H 52 -17.81 -30.27 -4.12
CA PHE H 52 -16.82 -30.34 -5.19
C PHE H 52 -16.44 -31.77 -5.56
N ASN H 53 -16.86 -32.20 -6.75
CA ASN H 53 -16.43 -33.46 -7.35
C ASN H 53 -16.75 -34.69 -6.49
N ALA H 54 -17.82 -34.62 -5.71
CA ALA H 54 -18.23 -35.76 -4.90
C ALA H 54 -19.02 -36.77 -5.73
N HIS H 55 -19.25 -36.44 -7.00
CA HIS H 55 -19.98 -37.32 -7.90
C HIS H 55 -19.08 -37.84 -9.02
N GLY H 56 -17.87 -37.29 -9.13
CA GLY H 56 -16.97 -37.65 -10.20
C GLY H 56 -17.37 -36.97 -11.50
N SER H 57 -16.94 -37.54 -12.62
CA SER H 57 -17.25 -36.97 -13.92
C SER H 57 -17.85 -38.01 -14.86
N GLY H 58 -18.72 -38.86 -14.33
CA GLY H 58 -19.32 -39.93 -15.10
C GLY H 58 -20.83 -39.79 -15.25
N TYR H 59 -21.51 -40.92 -15.45
CA TYR H 59 -22.94 -40.91 -15.69
C TYR H 59 -23.73 -40.50 -14.44
N VAL H 60 -23.13 -40.73 -13.28
CA VAL H 60 -23.76 -40.32 -12.03
C VAL H 60 -23.82 -38.79 -11.95
N ALA H 61 -22.71 -38.15 -12.28
CA ALA H 61 -22.66 -36.69 -12.33
C ALA H 61 -23.61 -36.16 -13.40
N LEU H 62 -23.67 -36.87 -14.53
CA LEU H 62 -24.58 -36.50 -15.61
C LEU H 62 -26.03 -36.58 -15.17
N LEU H 63 -26.38 -37.65 -14.46
CA LEU H 63 -27.73 -37.83 -13.94
C LEU H 63 -28.08 -36.74 -12.94
N ASN H 64 -27.14 -36.45 -12.06
CA ASN H 64 -27.33 -35.42 -11.05
C ASN H 64 -27.57 -34.06 -11.70
N ALA H 65 -26.76 -33.75 -12.72
CA ALA H 65 -26.90 -32.49 -13.43
C ALA H 65 -28.17 -32.44 -14.25
N HIS H 66 -28.56 -33.57 -14.82
CA HIS H 66 -29.76 -33.69 -15.63
C HIS H 66 -31.01 -33.44 -14.78
N LEU H 67 -31.06 -34.07 -13.62
CA LEU H 67 -32.23 -33.96 -12.74
C LEU H 67 -32.38 -32.57 -12.14
N PHE H 68 -31.26 -31.89 -11.91
CA PHE H 68 -31.29 -30.53 -11.40
C PHE H 68 -31.73 -29.54 -12.48
N ALA H 69 -31.12 -29.63 -13.65
CA ALA H 69 -31.37 -28.69 -14.73
C ALA H 69 -32.81 -28.78 -15.27
N ARG H 70 -33.32 -30.01 -15.37
CA ARG H 70 -34.64 -30.22 -15.96
C ARG H 70 -35.75 -30.33 -14.91
N PHE H 71 -35.44 -30.92 -13.76
CA PHE H 71 -36.44 -31.09 -12.71
C PHE H 71 -35.97 -30.57 -11.36
N PRO H 72 -35.70 -29.25 -11.26
CA PRO H 72 -35.21 -28.70 -10.00
C PRO H 72 -36.23 -28.75 -8.87
N GLU H 73 -37.51 -28.92 -9.22
CA GLU H 73 -38.57 -28.97 -8.24
C GLU H 73 -38.65 -30.35 -7.56
N ARG H 74 -38.13 -31.37 -8.23
CA ARG H 74 -38.15 -32.73 -7.68
C ARG H 74 -37.24 -32.85 -6.45
N ARG H 75 -36.14 -32.10 -6.47
CA ARG H 75 -35.21 -32.02 -5.33
C ARG H 75 -34.70 -33.40 -4.91
N LEU H 76 -34.10 -34.11 -5.86
CA LEU H 76 -33.62 -35.47 -5.63
C LEU H 76 -32.16 -35.50 -5.18
N ARG H 77 -31.89 -36.22 -4.10
CA ARG H 77 -30.53 -36.38 -3.60
C ARG H 77 -29.85 -37.59 -4.24
N LEU H 78 -28.72 -37.37 -4.90
CA LEU H 78 -27.94 -38.45 -5.47
C LEU H 78 -26.62 -38.61 -4.72
N VAL H 79 -26.31 -39.86 -4.36
CA VAL H 79 -25.07 -40.16 -3.65
C VAL H 79 -24.25 -41.20 -4.43
N ASN H 80 -23.01 -40.86 -4.74
CA ASN H 80 -22.14 -41.75 -5.48
C ASN H 80 -21.32 -42.62 -4.55
N GLN H 81 -21.60 -43.92 -4.56
CA GLN H 81 -20.86 -44.87 -3.74
C GLN H 81 -20.08 -45.86 -4.59
N GLY H 82 -19.76 -45.45 -5.82
CA GLY H 82 -18.97 -46.27 -6.71
C GLY H 82 -17.52 -46.33 -6.27
N ASN H 83 -16.95 -47.53 -6.30
CA ASN H 83 -15.54 -47.73 -5.99
C ASN H 83 -14.85 -48.52 -7.09
N SER H 84 -13.75 -48.00 -7.60
CA SER H 84 -13.07 -48.58 -8.76
C SER H 84 -12.52 -49.98 -8.47
N GLY H 85 -12.68 -50.88 -9.43
CA GLY H 85 -12.15 -52.22 -9.33
C GLY H 85 -13.04 -53.19 -8.57
N ASN H 86 -14.19 -52.71 -8.11
CA ASN H 86 -15.08 -53.51 -7.28
C ASN H 86 -15.84 -54.59 -8.03
N THR H 87 -15.95 -55.75 -7.40
CA THR H 87 -16.83 -56.81 -7.87
C THR H 87 -18.06 -56.83 -6.95
N VAL H 88 -18.97 -57.78 -7.18
CA VAL H 88 -20.13 -57.88 -6.31
C VAL H 88 -19.71 -58.40 -4.94
N ARG H 89 -18.54 -59.02 -4.88
CA ARG H 89 -17.98 -59.50 -3.63
C ARG H 89 -17.46 -58.33 -2.81
N ASP H 90 -16.95 -57.32 -3.49
CA ASP H 90 -16.44 -56.12 -2.83
C ASP H 90 -17.60 -55.26 -2.32
N LEU H 91 -18.72 -55.31 -3.01
CA LEU H 91 -19.89 -54.51 -2.64
C LEU H 91 -20.55 -55.04 -1.38
N ALA H 92 -20.61 -56.36 -1.25
CA ALA H 92 -21.22 -57.00 -0.09
C ALA H 92 -20.44 -56.70 1.18
N ALA H 93 -19.13 -56.51 1.04
CA ALA H 93 -18.25 -56.28 2.17
C ALA H 93 -18.44 -54.90 2.79
N ARG H 94 -18.99 -53.97 2.01
CA ARG H 94 -19.17 -52.60 2.48
C ARG H 94 -20.62 -52.14 2.33
N TRP H 95 -21.52 -53.09 2.11
CA TRP H 95 -22.93 -52.79 1.86
C TRP H 95 -23.61 -52.15 3.07
N GLN H 96 -23.13 -52.49 4.26
CA GLN H 96 -23.74 -52.00 5.49
C GLN H 96 -23.46 -50.51 5.70
N ASN H 97 -22.21 -50.12 5.53
CA ASN H 97 -21.81 -48.73 5.73
C ASN H 97 -22.17 -47.82 4.56
N ASP H 98 -22.08 -48.35 3.35
CA ASP H 98 -22.19 -47.52 2.15
C ASP H 98 -23.58 -47.52 1.52
N VAL H 99 -24.50 -48.32 2.04
CA VAL H 99 -25.87 -48.31 1.55
C VAL H 99 -26.87 -48.04 2.69
N PHE H 100 -27.01 -49.00 3.58
CA PHE H 100 -27.97 -48.88 4.69
C PHE H 100 -27.60 -47.74 5.63
N GLY H 101 -26.32 -47.41 5.70
CA GLY H 101 -25.85 -46.34 6.56
C GLY H 101 -26.27 -44.97 6.07
N LEU H 102 -26.59 -44.88 4.78
CA LEU H 102 -26.98 -43.62 4.17
C LEU H 102 -28.50 -43.42 4.22
N LYS H 103 -29.20 -44.48 4.61
CA LYS H 103 -30.67 -44.47 4.67
C LYS H 103 -31.32 -43.99 3.38
N PRO H 104 -31.16 -44.77 2.29
CA PRO H 104 -31.65 -44.36 0.97
C PRO H 104 -33.14 -44.58 0.77
N ASP H 105 -33.73 -43.83 -0.14
CA ASP H 105 -35.11 -44.05 -0.54
C ASP H 105 -35.13 -44.88 -1.83
N TYR H 106 -34.06 -44.75 -2.61
CA TYR H 106 -33.89 -45.52 -3.82
C TYR H 106 -32.45 -45.99 -3.94
N VAL H 107 -32.25 -47.20 -4.45
CA VAL H 107 -30.92 -47.75 -4.63
C VAL H 107 -30.70 -48.23 -6.06
N ALA H 108 -29.62 -47.78 -6.67
CA ALA H 108 -29.26 -48.22 -8.02
C ALA H 108 -27.89 -48.87 -8.01
N MET H 109 -27.82 -50.12 -8.48
CA MET H 109 -26.58 -50.87 -8.47
C MET H 109 -26.19 -51.35 -9.85
N MET H 110 -24.99 -50.99 -10.30
CA MET H 110 -24.42 -51.55 -11.51
C MET H 110 -23.10 -52.24 -11.19
N ILE H 111 -23.12 -53.57 -11.26
CA ILE H 111 -21.94 -54.36 -10.92
C ILE H 111 -21.86 -55.57 -11.86
N GLY H 112 -20.65 -56.05 -12.12
CA GLY H 112 -20.48 -57.22 -12.96
C GLY H 112 -19.38 -57.11 -13.99
N ILE H 113 -19.00 -55.89 -14.34
CA ILE H 113 -17.97 -55.66 -15.35
C ILE H 113 -16.63 -56.25 -14.92
N ASN H 114 -16.19 -55.92 -13.71
CA ASN H 114 -14.96 -56.46 -13.18
C ASN H 114 -15.07 -57.95 -12.85
N ASP H 115 -16.27 -58.37 -12.46
CA ASP H 115 -16.53 -59.78 -12.18
C ASP H 115 -16.24 -60.64 -13.40
N VAL H 116 -16.48 -60.06 -14.58
CA VAL H 116 -16.25 -60.75 -15.85
C VAL H 116 -14.86 -60.48 -16.40
N TRP H 117 -14.50 -59.20 -16.44
CA TRP H 117 -13.25 -58.75 -17.05
C TRP H 117 -12.03 -59.48 -16.53
N ARG H 118 -11.99 -59.72 -15.23
CA ARG H 118 -10.84 -60.35 -14.59
C ARG H 118 -10.60 -61.77 -15.08
N GLN H 119 -11.65 -62.41 -15.57
CA GLN H 119 -11.55 -63.75 -16.11
C GLN H 119 -10.80 -63.76 -17.45
N PHE H 120 -10.59 -62.57 -18.01
CA PHE H 120 -9.98 -62.47 -19.33
C PHE H 120 -8.65 -61.72 -19.34
N ASP H 121 -8.48 -60.74 -18.45
CA ASP H 121 -7.20 -60.05 -18.36
C ASP H 121 -6.31 -60.68 -17.27
N LEU H 122 -6.93 -61.44 -16.37
CA LEU H 122 -6.20 -62.30 -15.43
C LEU H 122 -6.76 -63.71 -15.41
N PRO H 123 -6.61 -64.45 -16.51
CA PRO H 123 -7.22 -65.78 -16.59
C PRO H 123 -6.55 -66.82 -15.68
N LEU H 124 -5.30 -66.58 -15.29
CA LEU H 124 -4.56 -67.57 -14.50
C LEU H 124 -4.88 -67.51 -13.01
N MET H 125 -5.34 -66.34 -12.55
CA MET H 125 -5.67 -66.16 -11.15
C MET H 125 -7.14 -66.50 -10.90
N THR H 126 -7.43 -67.79 -10.82
CA THR H 126 -8.81 -68.27 -10.82
C THR H 126 -9.47 -68.29 -9.44
N ASP H 127 -8.82 -67.71 -8.45
CA ASP H 127 -9.42 -67.63 -7.12
C ASP H 127 -10.04 -66.26 -6.87
N ARG H 128 -9.67 -65.34 -7.71
CA ARG H 128 -10.22 -64.05 -7.57
C ARG H 128 -11.54 -63.99 -8.34
N HIS H 129 -11.59 -64.68 -9.46
CA HIS H 129 -12.73 -64.70 -10.38
C HIS H 129 -14.07 -64.93 -9.70
N VAL H 130 -14.99 -64.01 -9.93
CA VAL H 130 -16.36 -64.16 -9.47
C VAL H 130 -17.18 -64.89 -10.54
N CYS H 131 -17.29 -66.20 -10.42
CA CYS H 131 -18.00 -67.03 -11.38
C CYS H 131 -19.52 -66.83 -11.22
N PRO H 132 -20.30 -67.08 -12.29
CA PRO H 132 -21.73 -66.71 -12.35
C PRO H 132 -22.58 -67.16 -11.15
N GLU H 133 -22.26 -68.30 -10.55
CA GLU H 133 -23.03 -68.78 -9.41
C GLU H 133 -22.87 -67.86 -8.20
N GLU H 134 -21.64 -67.48 -7.91
CA GLU H 134 -21.37 -66.56 -6.81
C GLU H 134 -21.93 -65.18 -7.12
N TYR H 135 -21.86 -64.80 -8.39
CA TYR H 135 -22.37 -63.51 -8.83
C TYR H 135 -23.87 -63.38 -8.57
N GLU H 136 -24.64 -64.34 -9.08
CA GLU H 136 -26.08 -64.34 -8.91
C GLU H 136 -26.48 -64.41 -7.44
N LYS H 137 -25.85 -65.33 -6.71
CA LYS H 137 -26.19 -65.56 -5.31
C LYS H 137 -25.93 -64.33 -4.45
N THR H 138 -24.77 -63.71 -4.62
CA THR H 138 -24.41 -62.53 -3.85
C THR H 138 -25.31 -61.35 -4.26
N LEU H 139 -25.56 -61.22 -5.55
CA LEU H 139 -26.42 -60.17 -6.06
C LEU H 139 -27.85 -60.32 -5.54
N ASP H 140 -28.35 -61.55 -5.56
CA ASP H 140 -29.72 -61.83 -5.16
C ASP H 140 -29.97 -61.51 -3.68
N GLU H 141 -29.03 -61.91 -2.82
CA GLU H 141 -29.17 -61.68 -1.40
C GLU H 141 -29.00 -60.20 -1.04
N LEU H 142 -28.19 -59.50 -1.82
CA LEU H 142 -28.06 -58.05 -1.65
C LEU H 142 -29.36 -57.36 -2.00
N VAL H 143 -29.98 -57.81 -3.10
CA VAL H 143 -31.26 -57.25 -3.53
C VAL H 143 -32.39 -57.61 -2.57
N ALA H 144 -32.45 -58.88 -2.17
CA ALA H 144 -33.51 -59.37 -1.30
C ALA H 144 -33.48 -58.72 0.08
N ARG H 145 -32.29 -58.33 0.53
CA ARG H 145 -32.15 -57.69 1.83
C ARG H 145 -32.52 -56.21 1.76
N THR H 146 -32.32 -55.62 0.59
CA THR H 146 -32.58 -54.19 0.40
C THR H 146 -33.96 -53.95 -0.20
N ALA H 147 -34.67 -55.03 -0.53
CA ALA H 147 -35.89 -54.93 -1.34
C ALA H 147 -37.04 -54.19 -0.64
N PRO H 148 -37.47 -54.62 0.56
CA PRO H 148 -38.59 -53.85 1.12
C PRO H 148 -38.12 -52.68 1.97
N THR H 149 -36.84 -52.36 1.92
CA THR H 149 -36.27 -51.29 2.72
C THR H 149 -36.38 -49.95 2.00
N VAL H 150 -36.34 -49.99 0.68
CA VAL H 150 -36.43 -48.78 -0.13
C VAL H 150 -37.73 -48.74 -0.90
N LYS H 151 -38.06 -47.57 -1.46
CA LYS H 151 -39.29 -47.39 -2.21
C LYS H 151 -39.10 -47.80 -3.68
N GLY H 152 -37.96 -48.39 -3.97
CA GLY H 152 -37.67 -48.84 -5.33
C GLY H 152 -36.19 -49.10 -5.52
N MET H 153 -35.86 -50.23 -6.11
CA MET H 153 -34.47 -50.58 -6.38
C MET H 153 -34.23 -50.77 -7.87
N ILE H 154 -33.14 -50.19 -8.36
CA ILE H 154 -32.83 -50.20 -9.78
C ILE H 154 -31.54 -50.97 -10.06
N LEU H 155 -31.58 -51.87 -11.04
CA LEU H 155 -30.40 -52.63 -11.42
C LEU H 155 -29.96 -52.32 -12.84
N LEU H 156 -28.73 -51.86 -12.99
CA LEU H 156 -28.18 -51.54 -14.30
C LEU H 156 -27.30 -52.68 -14.78
N THR H 157 -27.63 -53.25 -15.93
CA THR H 157 -26.88 -54.36 -16.50
C THR H 157 -25.42 -53.99 -16.73
N PRO H 158 -24.50 -54.89 -16.34
CA PRO H 158 -23.09 -54.70 -16.72
C PRO H 158 -22.98 -54.74 -18.23
N TYR H 159 -22.00 -54.07 -18.79
CA TYR H 159 -21.90 -53.97 -20.24
C TYR H 159 -20.49 -54.23 -20.75
N PHE H 160 -20.41 -54.66 -22.01
CA PHE H 160 -19.17 -54.69 -22.73
C PHE H 160 -19.41 -54.07 -24.10
N ILE H 161 -18.69 -53.00 -24.41
CA ILE H 161 -18.92 -52.25 -25.63
C ILE H 161 -18.24 -52.94 -26.81
N GLU H 162 -18.96 -53.88 -27.41
CA GLU H 162 -18.46 -54.66 -28.55
C GLU H 162 -19.62 -55.34 -29.26
N PRO H 163 -19.88 -54.96 -30.52
CA PRO H 163 -21.01 -55.48 -31.29
C PRO H 163 -20.91 -56.99 -31.56
N ASN H 164 -19.69 -57.52 -31.56
CA ASN H 164 -19.50 -58.96 -31.78
C ASN H 164 -20.05 -59.77 -30.61
N ARG H 165 -21.22 -60.36 -30.82
CA ARG H 165 -21.90 -61.12 -29.77
C ARG H 165 -21.15 -62.40 -29.42
N GLU H 166 -20.35 -62.90 -30.35
CA GLU H 166 -19.63 -64.15 -30.16
C GLU H 166 -18.26 -63.93 -29.53
N ASP H 167 -17.92 -62.66 -29.28
CA ASP H 167 -16.69 -62.35 -28.56
C ASP H 167 -16.78 -62.98 -27.17
N ALA H 168 -15.72 -63.69 -26.78
CA ALA H 168 -15.71 -64.46 -25.54
C ALA H 168 -16.10 -63.65 -24.32
N MET H 169 -15.66 -62.39 -24.27
CA MET H 169 -15.96 -61.52 -23.15
C MET H 169 -17.35 -60.89 -23.26
N ARG H 170 -17.74 -60.53 -24.48
CA ARG H 170 -19.08 -60.00 -24.72
C ARG H 170 -20.13 -61.05 -24.37
N ALA H 171 -19.87 -62.28 -24.78
CA ALA H 171 -20.78 -63.39 -24.50
C ALA H 171 -20.84 -63.68 -23.00
N ARG H 172 -19.70 -63.58 -22.33
CA ARG H 172 -19.63 -63.81 -20.89
C ARG H 172 -20.36 -62.69 -20.15
N MET H 173 -20.29 -61.47 -20.70
CA MET H 173 -20.97 -60.33 -20.11
C MET H 173 -22.47 -60.45 -20.28
N ASP H 174 -22.90 -61.02 -21.40
CA ASP H 174 -24.32 -61.26 -21.66
C ASP H 174 -24.87 -62.24 -20.64
N VAL H 175 -24.06 -63.22 -20.27
CA VAL H 175 -24.44 -64.19 -19.25
C VAL H 175 -24.74 -63.50 -17.94
N TYR H 176 -23.76 -62.73 -17.45
CA TYR H 176 -23.91 -62.00 -16.19
C TYR H 176 -25.00 -60.96 -16.26
N GLY H 177 -25.14 -60.31 -17.41
CA GLY H 177 -26.15 -59.29 -17.58
C GLY H 177 -27.55 -59.86 -17.45
N ASP H 178 -27.74 -61.03 -18.04
CA ASP H 178 -29.04 -61.69 -18.12
C ASP H 178 -29.30 -62.48 -16.83
N LEU H 179 -28.26 -62.65 -16.02
CA LEU H 179 -28.41 -63.12 -14.64
C LEU H 179 -29.03 -62.06 -13.75
N MET H 180 -28.63 -60.82 -13.95
CA MET H 180 -29.17 -59.68 -13.20
C MET H 180 -30.62 -59.42 -13.58
N ARG H 181 -30.92 -59.59 -14.86
CA ARG H 181 -32.27 -59.45 -15.37
C ARG H 181 -33.21 -60.40 -14.66
N ARG H 182 -32.74 -61.61 -14.39
CA ARG H 182 -33.51 -62.58 -13.62
C ARG H 182 -33.74 -62.08 -12.22
N VAL H 183 -32.65 -61.85 -11.49
CA VAL H 183 -32.69 -61.39 -10.10
C VAL H 183 -33.66 -60.23 -9.92
N ALA H 184 -33.57 -59.25 -10.81
CA ALA H 184 -34.47 -58.09 -10.76
C ALA H 184 -35.93 -58.51 -10.97
N GLU H 185 -36.14 -59.46 -11.86
CA GLU H 185 -37.49 -59.92 -12.19
C GLU H 185 -38.09 -60.74 -11.05
N ARG H 186 -37.23 -61.32 -10.21
CA ARG H 186 -37.68 -62.11 -9.07
C ARG H 186 -38.17 -61.22 -7.94
N HIS H 187 -37.54 -60.05 -7.79
CA HIS H 187 -37.84 -59.16 -6.68
C HIS H 187 -38.63 -57.93 -7.12
N GLY H 188 -38.95 -57.86 -8.42
CA GLY H 188 -39.74 -56.76 -8.95
C GLY H 188 -38.97 -55.47 -9.09
N CYS H 189 -37.65 -55.59 -9.23
CA CYS H 189 -36.79 -54.42 -9.39
C CYS H 189 -36.88 -53.85 -10.81
N LEU H 190 -36.57 -52.56 -10.94
CA LEU H 190 -36.49 -51.94 -12.25
C LEU H 190 -35.14 -52.26 -12.89
N LEU H 191 -35.16 -52.77 -14.12
CA LEU H 191 -33.94 -53.12 -14.82
C LEU H 191 -33.64 -52.12 -15.93
N VAL H 192 -32.40 -51.63 -15.97
CA VAL H 192 -31.95 -50.73 -17.01
C VAL H 192 -31.00 -51.44 -17.97
N ASP H 193 -31.41 -51.55 -19.22
CA ASP H 193 -30.60 -52.26 -20.22
C ASP H 193 -29.52 -51.36 -20.80
N VAL H 194 -28.45 -51.17 -20.04
CA VAL H 194 -27.33 -50.34 -20.47
C VAL H 194 -26.66 -50.94 -21.70
N GLN H 195 -26.58 -52.27 -21.74
CA GLN H 195 -25.97 -52.99 -22.85
C GLN H 195 -26.73 -52.72 -24.15
N GLY H 196 -28.05 -52.79 -24.08
CA GLY H 196 -28.89 -52.54 -25.24
C GLY H 196 -28.73 -51.12 -25.75
N ALA H 197 -28.55 -50.18 -24.83
CA ALA H 197 -28.35 -48.78 -25.19
C ALA H 197 -27.04 -48.59 -25.95
N PHE H 198 -25.99 -49.27 -25.50
CA PHE H 198 -24.72 -49.23 -26.20
C PHE H 198 -24.82 -49.90 -27.56
N ASP H 199 -25.59 -50.98 -27.62
CA ASP H 199 -25.79 -51.71 -28.87
C ASP H 199 -26.44 -50.83 -29.94
N ARG H 200 -27.33 -49.94 -29.51
CA ARG H 200 -27.98 -49.02 -30.43
C ARG H 200 -27.03 -47.91 -30.88
N TYR H 201 -26.12 -47.51 -30.00
CA TYR H 201 -25.14 -46.48 -30.34
C TYR H 201 -24.13 -47.02 -31.33
N LEU H 202 -23.70 -48.27 -31.12
CA LEU H 202 -22.68 -48.89 -31.96
C LEU H 202 -23.17 -49.17 -33.38
N GLN H 203 -24.44 -48.85 -33.62
CA GLN H 203 -25.04 -48.97 -34.94
C GLN H 203 -24.51 -47.87 -35.87
N HIS H 204 -23.89 -46.85 -35.28
CA HIS H 204 -23.45 -45.69 -36.03
C HIS H 204 -21.95 -45.45 -35.91
N TYR H 205 -21.34 -45.98 -34.86
CA TYR H 205 -19.91 -45.80 -34.64
C TYR H 205 -19.23 -47.08 -34.18
N HIS H 206 -17.90 -47.09 -34.29
CA HIS H 206 -17.08 -48.20 -33.78
C HIS H 206 -16.73 -47.91 -32.32
N PRO H 207 -16.68 -48.96 -31.49
CA PRO H 207 -16.37 -48.89 -30.05
C PRO H 207 -15.23 -47.92 -29.69
N ALA H 208 -14.28 -47.71 -30.59
CA ALA H 208 -13.16 -46.82 -30.34
C ALA H 208 -13.60 -45.37 -30.23
N GLN H 209 -14.74 -45.04 -30.85
CA GLN H 209 -15.32 -43.71 -30.76
C GLN H 209 -15.70 -43.40 -29.31
N LEU H 210 -16.09 -44.43 -28.57
CA LEU H 210 -16.50 -44.27 -27.18
C LEU H 210 -15.38 -44.62 -26.20
N ALA H 211 -14.83 -45.82 -26.33
CA ALA H 211 -13.87 -46.33 -25.36
C ALA H 211 -12.79 -47.18 -26.01
N TRP H 212 -11.54 -46.84 -25.75
CA TRP H 212 -10.41 -47.62 -26.25
C TRP H 212 -10.39 -49.02 -25.64
N ASP H 213 -10.67 -49.10 -24.34
CA ASP H 213 -10.66 -50.38 -23.65
C ASP H 213 -12.05 -51.02 -23.63
N ARG H 214 -12.97 -50.42 -24.38
CA ARG H 214 -14.34 -50.94 -24.53
C ARG H 214 -15.09 -51.07 -23.20
N ILE H 215 -14.62 -50.36 -22.17
CA ILE H 215 -15.26 -50.38 -20.87
C ILE H 215 -15.42 -48.97 -20.30
N HIS H 216 -14.32 -48.25 -20.19
CA HIS H 216 -14.34 -46.87 -19.71
C HIS H 216 -14.50 -45.91 -20.88
N PRO H 217 -15.70 -45.32 -21.03
CA PRO H 217 -15.98 -44.45 -22.16
C PRO H 217 -15.68 -42.97 -21.88
N ASN H 218 -15.71 -42.15 -22.92
CA ASN H 218 -15.66 -40.72 -22.75
C ASN H 218 -17.02 -40.22 -22.23
N LEU H 219 -17.22 -38.91 -22.25
CA LEU H 219 -18.45 -38.35 -21.69
C LEU H 219 -19.68 -38.79 -22.50
N ALA H 220 -19.50 -38.98 -23.80
CA ALA H 220 -20.59 -39.42 -24.67
C ALA H 220 -21.09 -40.79 -24.28
N GLY H 221 -20.16 -41.70 -23.97
CA GLY H 221 -20.51 -43.04 -23.55
C GLY H 221 -21.21 -43.06 -22.22
N HIS H 222 -20.78 -42.17 -21.32
CA HIS H 222 -21.43 -42.03 -20.02
C HIS H 222 -22.84 -41.45 -20.18
N GLN H 223 -23.03 -40.66 -21.23
CA GLN H 223 -24.33 -40.08 -21.53
C GLN H 223 -25.28 -41.16 -22.03
N VAL H 224 -24.74 -42.17 -22.69
CA VAL H 224 -25.52 -43.32 -23.14
C VAL H 224 -26.09 -44.08 -21.95
N ILE H 225 -25.20 -44.45 -21.03
CA ILE H 225 -25.59 -45.06 -19.77
C ILE H 225 -26.61 -44.19 -19.07
N ALA H 226 -26.30 -42.90 -19.02
CA ALA H 226 -27.15 -41.89 -18.41
C ALA H 226 -28.57 -41.92 -18.94
N ASN H 227 -28.70 -41.74 -20.25
CA ASN H 227 -30.01 -41.66 -20.90
C ASN H 227 -30.79 -42.97 -20.80
N ALA H 228 -30.07 -44.08 -20.75
CA ALA H 228 -30.70 -45.38 -20.58
C ALA H 228 -31.39 -45.46 -19.22
N PHE H 229 -30.73 -44.91 -18.22
CA PHE H 229 -31.28 -44.85 -16.86
C PHE H 229 -32.47 -43.91 -16.81
N LEU H 230 -32.34 -42.75 -17.44
CA LEU H 230 -33.38 -41.74 -17.42
C LEU H 230 -34.63 -42.20 -18.17
N ALA H 231 -34.43 -42.93 -19.27
CA ALA H 231 -35.54 -43.44 -20.06
C ALA H 231 -36.32 -44.50 -19.29
N ALA H 232 -35.61 -45.39 -18.61
CA ALA H 232 -36.23 -46.45 -17.83
C ALA H 232 -36.92 -45.87 -16.59
N THR H 233 -36.58 -44.63 -16.26
CA THR H 233 -37.13 -43.95 -15.10
C THR H 233 -38.25 -42.99 -15.53
N GLY H 234 -38.26 -42.67 -16.82
CA GLY H 234 -39.31 -41.82 -17.38
C GLY H 234 -39.04 -40.34 -17.25
N CYS H 235 -37.79 -39.98 -16.97
CA CYS H 235 -37.41 -38.58 -16.84
C CYS H 235 -36.31 -38.21 -17.82
N LEU H 236 -36.39 -38.75 -19.04
CA LEU H 236 -35.42 -38.45 -20.08
C LEU H 236 -35.72 -37.11 -20.74
N ASN H 237 -36.96 -36.95 -21.19
CA ASN H 237 -37.37 -35.74 -21.90
C ASN H 237 -38.15 -34.77 -21.02
N SER H 238 -38.11 -33.49 -21.38
CA SER H 238 -38.83 -32.46 -20.65
C SER H 238 -40.11 -32.07 -21.36
CL CL I . 33.13 19.28 26.61
C1 PEG J . 27.89 36.47 23.04
O1 PEG J . 27.67 37.06 24.23
C2 PEG J . 26.76 35.78 22.29
O2 PEG J . 26.97 35.18 21.07
C3 PEG J . 28.28 35.32 20.71
C4 PEG J . 28.79 34.73 19.40
O4 PEG J . 30.10 34.88 19.05
S SO4 K . 32.40 0.84 12.51
O1 SO4 K . 33.65 1.50 12.13
O2 SO4 K . 32.48 0.43 13.91
O3 SO4 K . 31.29 1.77 12.35
O4 SO4 K . 32.18 -0.33 11.66
C1 PEG L . 0.94 -13.22 5.61
O1 PEG L . 1.31 -14.53 5.75
C2 PEG L . 0.13 -12.78 4.39
O2 PEG L . -0.25 -11.49 4.24
C3 PEG L . -0.96 -11.31 3.08
C4 PEG L . -1.24 -12.50 2.16
O4 PEG L . -1.96 -12.32 1.01
CL CL M . -8.85 3.67 18.59
CL CL N . -5.74 1.39 -16.96
CL CL O . -39.30 -39.23 -20.97
#